data_6NIT
#
_entry.id   6NIT
#
_cell.length_a   106.712
_cell.length_b   137.086
_cell.length_c   154.064
_cell.angle_alpha   90.00
_cell.angle_beta   90.00
_cell.angle_gamma   90.00
#
_symmetry.space_group_name_H-M   'P 21 21 21'
#
loop_
_entity.id
_entity.type
_entity.pdbx_description
1 polymer 'Protein argonaute-2'
2 polymer "RNA (5'-R(P*UP*GP*GP*AP*GP*UP*GP*UP*GP*AP*CP*AP*AP*UP*GP*GP*UP*GP*UP*UP*U)-3')"
3 polymer "RNA (5'-R(P*AP*AP*CP*AP*CP*CP*AP*UP*CP*CP*AP*AP*CP*AP*CP*UP*CP*CP*AP*AP*A)-3')"
#
loop_
_entity_poly.entity_id
_entity_poly.type
_entity_poly.pdbx_seq_one_letter_code
_entity_poly.pdbx_strand_id
1 'polypeptide(L)'
;MYSGAGPALAPPAPPPPIQGYAFKPPPRPDFGTSGRTIKLQANFFEMDIPKIDIYHYELDIKPEKCPRRVNREIVEHMVQ
HFKTQIFGDRKPVFDGRKNLYTAMPLPIGRDKVELEVTLPGEGKDRIFKVSIKWVSCVSLQALHDALSGRLPSVPFETIQ
ALDVVMRHLPSMRYTPVGRSFFTASEGCSNPLGGGREVWFGFHQSVRPSLWKMMLNIDVSATAFYKAQPVIEFVCEVLDF
KSIEEQQKPLTDSQRVKFTKEIKGLKVEITHCGQMKRKYRVCNVTRRPASHQTFPLQQESGQTVECTVAQYFKDRHKLVL
RYPHLPCLQVGQEQKHTYLPLEVCNIVAGQRCIKKLTDNQTSTMIRATARSAPDRQEEISKLMRSADFNTDPYVREFGIM
VKDEMTDVTGRVLQPPSILYGGRNKAIATPVQGVWDMRNKQFHTGIEIKVWAIACFAPQRQCTEVHLKSFTEQLRKISRD
AGMPIQGQPCFCKYAQGADSVEPMFRHLKNTYAGLQLVVVILPGKTPVYAEVKRVGDTVLGMATQCVQMKNVQRTTPQTL
SNLCLKINVKLGGVNNILLPQGRPPVFQQPVIFLGADVTHPPAGDGKKPSIAAVVGSMDAHPNRYCATVRVQQHRQEIIQ
DLAAMVRELLIQFYKSTRFKPTRIIFYRAGVSEGQFQQVLHHELLAIREACIKLEKDYQPGITFIVVQKRHHTRLFCTDK
NERVGKSGNIPAGTTVDTKITHPTEFDFYLCSHAGIQGTSRPSHYHVLWDDNRFSSDELQILTYQLCHTYVRCTRSVSIP
APAYYAHLVAFRARYHLVDKEHDAAEGDHTDGQANGRDHQALAKAVQVHQDTLRTMYFA
;
A,B
2 'polyribonucleotide' UGGAGUGUGACAAUGGUGUUU C,D
3 'polyribonucleotide' AAACACCAUGCCAACACUCCAAA E,F
#
loop_
_chem_comp.id
_chem_comp.type
_chem_comp.name
_chem_comp.formula
A RNA linking ADENOSINE-5'-MONOPHOSPHATE 'C10 H14 N5 O7 P'
C RNA linking CYTIDINE-5'-MONOPHOSPHATE 'C9 H14 N3 O8 P'
G RNA linking GUANOSINE-5'-MONOPHOSPHATE 'C10 H14 N5 O8 P'
U RNA linking URIDINE-5'-MONOPHOSPHATE 'C9 H13 N2 O9 P'
#
# COMPACT_ATOMS: atom_id res chain seq x y z
N ALA A 22 9.73 53.32 -18.06
CA ALA A 22 10.48 52.20 -17.51
C ALA A 22 9.70 51.53 -16.38
N PHE A 23 8.38 51.62 -16.44
CA PHE A 23 7.52 51.06 -15.40
C PHE A 23 6.71 49.84 -15.83
N LYS A 24 5.92 50.01 -16.89
CA LYS A 24 4.96 48.96 -17.28
C LYS A 24 5.42 48.11 -18.46
N PRO A 25 5.35 46.78 -18.30
CA PRO A 25 5.68 45.86 -19.40
C PRO A 25 4.66 45.95 -20.53
N PRO A 26 5.09 45.71 -21.78
CA PRO A 26 4.22 45.83 -22.95
C PRO A 26 3.24 44.66 -23.09
N PRO A 27 2.03 44.93 -23.59
CA PRO A 27 1.02 43.89 -23.83
C PRO A 27 1.36 43.15 -25.12
N ARG A 28 0.92 41.90 -25.27
CA ARG A 28 1.22 41.15 -26.48
C ARG A 28 0.52 41.79 -27.68
N PRO A 29 1.33 42.23 -28.66
CA PRO A 29 0.86 42.93 -29.87
C PRO A 29 -0.01 42.04 -30.76
N ASP A 30 0.45 40.83 -31.05
CA ASP A 30 -0.28 39.94 -31.94
C ASP A 30 0.07 38.49 -31.67
N PHE A 31 -0.51 37.59 -32.46
CA PHE A 31 -0.18 36.18 -32.37
C PHE A 31 0.52 35.74 -33.65
N GLY A 32 1.63 35.02 -33.49
CA GLY A 32 2.46 34.62 -34.61
C GLY A 32 1.74 33.71 -35.59
N THR A 33 2.07 33.85 -36.87
CA THR A 33 1.46 33.03 -37.91
C THR A 33 2.51 32.41 -38.83
N SER A 34 3.78 32.63 -38.51
CA SER A 34 4.86 32.10 -39.33
C SER A 34 5.20 30.67 -38.95
N GLY A 35 5.57 29.87 -39.95
CA GLY A 35 6.01 28.50 -39.72
C GLY A 35 4.89 27.47 -39.85
N ARG A 36 5.28 26.20 -39.88
CA ARG A 36 4.33 25.11 -39.99
C ARG A 36 3.80 24.72 -38.61
N THR A 37 2.49 24.50 -38.52
CA THR A 37 1.89 24.15 -37.23
C THR A 37 2.14 22.68 -36.92
N ILE A 38 2.38 22.39 -35.64
CA ILE A 38 2.61 21.01 -35.20
C ILE A 38 1.91 20.79 -33.86
N LYS A 39 0.98 19.84 -33.85
CA LYS A 39 0.14 19.59 -32.68
C LYS A 39 0.96 19.19 -31.46
N LEU A 40 0.80 19.96 -30.38
CA LEU A 40 1.59 19.73 -29.17
C LEU A 40 0.75 19.51 -27.91
N GLN A 41 1.41 19.02 -26.87
CA GLN A 41 0.80 18.89 -25.57
C GLN A 41 1.75 19.40 -24.50
N ALA A 42 1.28 20.32 -23.67
CA ALA A 42 2.08 20.84 -22.59
C ALA A 42 1.69 20.21 -21.26
N ASN A 43 2.62 20.29 -20.31
CA ASN A 43 2.45 19.75 -18.96
C ASN A 43 1.68 20.71 -18.06
N PHE A 44 0.76 21.45 -18.66
CA PHE A 44 -0.14 22.32 -17.92
C PHE A 44 -1.47 21.59 -17.84
N PHE A 45 -2.14 21.68 -16.70
CA PHE A 45 -3.42 21.00 -16.56
C PHE A 45 -4.53 21.99 -16.28
N GLU A 46 -5.50 22.04 -17.18
CA GLU A 46 -6.58 23.03 -17.12
C GLU A 46 -7.33 22.94 -15.79
N MET A 47 -7.56 24.08 -15.16
CA MET A 47 -8.25 24.11 -13.87
C MET A 47 -9.59 24.83 -13.96
N ASP A 48 -10.61 24.24 -13.35
CA ASP A 48 -11.93 24.84 -13.28
C ASP A 48 -12.14 25.49 -11.91
N ILE A 49 -12.25 26.81 -11.89
CA ILE A 49 -12.31 27.57 -10.65
C ILE A 49 -13.62 28.34 -10.50
N PRO A 50 -14.30 28.16 -9.35
CA PRO A 50 -15.59 28.80 -9.06
C PRO A 50 -15.48 30.31 -8.89
N LYS A 51 -16.62 30.99 -8.80
CA LYS A 51 -16.63 32.44 -8.65
C LYS A 51 -16.69 32.87 -7.18
N ILE A 52 -16.55 31.92 -6.27
CA ILE A 52 -16.70 32.19 -4.84
C ILE A 52 -15.51 33.01 -4.32
N ASP A 53 -15.76 33.82 -3.30
CA ASP A 53 -14.70 34.57 -2.63
C ASP A 53 -14.13 33.76 -1.47
N ILE A 54 -12.82 33.54 -1.46
CA ILE A 54 -12.19 32.82 -0.36
C ILE A 54 -11.68 33.81 0.70
N TYR A 55 -11.67 33.35 1.95
CA TYR A 55 -11.38 34.24 3.07
C TYR A 55 -10.00 34.05 3.67
N HIS A 56 -9.25 35.14 3.76
CA HIS A 56 -7.87 35.10 4.26
C HIS A 56 -7.75 35.64 5.68
N TYR A 57 -6.98 34.90 6.48
CA TYR A 57 -6.73 35.18 7.88
C TYR A 57 -5.24 35.07 8.22
N GLU A 58 -4.77 35.94 9.11
CA GLU A 58 -3.39 35.87 9.60
C GLU A 58 -3.32 35.10 10.90
N LEU A 59 -2.32 34.24 11.02
CA LEU A 59 -2.09 33.51 12.26
C LEU A 59 -0.89 34.09 12.98
N ASP A 60 -0.90 33.97 14.29
CA ASP A 60 0.23 34.38 15.11
C ASP A 60 0.51 33.28 16.11
N ILE A 61 1.68 32.67 15.98
CA ILE A 61 2.05 31.56 16.82
C ILE A 61 3.35 31.88 17.53
N LYS A 62 3.32 31.88 18.85
CA LYS A 62 4.55 32.11 19.58
C LYS A 62 5.04 30.78 20.16
N PRO A 63 6.33 30.47 19.97
CA PRO A 63 7.38 31.29 19.34
C PRO A 63 7.19 31.38 17.82
N CYS A 66 9.04 27.79 14.91
CA CYS A 66 8.58 26.42 14.75
C CYS A 66 8.64 26.00 13.28
N PRO A 67 9.04 24.75 13.02
CA PRO A 67 9.08 24.19 11.67
C PRO A 67 7.71 24.12 11.00
N ARG A 68 7.70 24.13 9.67
CA ARG A 68 6.47 24.19 8.90
C ARG A 68 5.54 23.00 9.17
N ARG A 69 6.14 21.81 9.29
CA ARG A 69 5.37 20.60 9.55
C ARG A 69 4.64 20.69 10.89
N VAL A 70 5.35 21.20 11.89
CA VAL A 70 4.77 21.41 13.20
C VAL A 70 3.61 22.39 13.13
N ASN A 71 3.79 23.46 12.35
CA ASN A 71 2.73 24.44 12.16
C ASN A 71 1.47 23.85 11.52
N ARG A 72 1.67 23.06 10.46
CA ARG A 72 0.55 22.40 9.78
C ARG A 72 -0.17 21.44 10.72
N GLU A 73 0.60 20.75 11.55
CA GLU A 73 0.07 19.82 12.54
C GLU A 73 -0.77 20.56 13.58
N ILE A 74 -0.22 21.65 14.10
CA ILE A 74 -0.89 22.51 15.07
C ILE A 74 -2.19 23.04 14.52
N VAL A 75 -2.16 23.50 13.26
CA VAL A 75 -3.38 24.00 12.63
C VAL A 75 -4.41 22.88 12.48
N GLU A 76 -3.94 21.67 12.15
CA GLU A 76 -4.86 20.53 12.05
C GLU A 76 -5.57 20.25 13.38
N HIS A 77 -4.79 20.26 14.46
CA HIS A 77 -5.35 20.10 15.80
C HIS A 77 -6.32 21.23 16.12
N MET A 78 -5.96 22.44 15.75
CA MET A 78 -6.78 23.61 16.04
C MET A 78 -8.09 23.53 15.27
N VAL A 79 -8.04 22.86 14.13
CA VAL A 79 -9.21 22.67 13.29
C VAL A 79 -10.17 21.71 13.93
N GLN A 80 -9.66 20.56 14.36
CA GLN A 80 -10.55 19.54 14.92
C GLN A 80 -11.01 19.84 16.36
N HIS A 81 -10.18 20.52 17.14
CA HIS A 81 -10.49 20.80 18.54
C HIS A 81 -11.37 22.04 18.75
N PHE A 82 -11.58 22.81 17.68
CA PHE A 82 -12.38 24.02 17.77
C PHE A 82 -13.50 24.01 16.74
N LYS A 83 -14.02 22.83 16.45
CA LYS A 83 -15.08 22.67 15.46
C LYS A 83 -16.43 23.14 16.00
N THR A 84 -16.58 23.12 17.33
CA THR A 84 -17.83 23.55 17.95
C THR A 84 -17.97 25.06 17.87
N GLN A 85 -16.84 25.75 17.87
CA GLN A 85 -16.83 27.20 17.82
C GLN A 85 -16.67 27.60 16.36
N ILE A 86 -15.73 26.96 15.69
CA ILE A 86 -15.42 27.23 14.29
C ILE A 86 -15.34 25.92 13.49
N LYS A 91 -12.96 23.53 7.28
CA LYS A 91 -11.88 22.78 6.66
C LYS A 91 -10.99 23.71 5.83
N PRO A 92 -10.01 24.35 6.49
CA PRO A 92 -9.10 25.34 5.92
C PRO A 92 -7.82 24.76 5.33
N VAL A 93 -7.11 25.58 4.56
CA VAL A 93 -5.81 25.23 4.02
C VAL A 93 -4.79 26.12 4.69
N PHE A 94 -3.54 25.68 4.71
CA PHE A 94 -2.50 26.35 5.49
C PHE A 94 -1.20 26.52 4.72
N ASP A 95 -0.52 27.63 4.98
CA ASP A 95 0.70 27.98 4.28
C ASP A 95 1.90 27.32 4.96
N GLY A 96 1.74 26.98 6.24
CA GLY A 96 2.86 26.48 7.04
C GLY A 96 3.53 27.56 7.85
N ARG A 97 3.22 28.81 7.50
CA ARG A 97 3.80 29.97 8.18
C ARG A 97 2.91 31.21 8.31
N LYS A 98 2.21 31.31 9.44
CA LYS A 98 1.35 32.46 9.78
C LYS A 98 0.23 32.83 8.80
N ASN A 99 0.26 32.30 7.58
CA ASN A 99 -0.77 32.59 6.58
C ASN A 99 -1.86 31.51 6.52
N LEU A 100 -3.16 31.89 6.57
CA LEU A 100 -4.26 30.90 6.50
C LEU A 100 -5.46 31.26 5.59
N TYR A 101 -6.04 30.26 4.90
CA TYR A 101 -7.22 30.50 4.05
C TYR A 101 -8.40 29.54 4.35
N THR A 102 -9.62 30.03 4.15
CA THR A 102 -10.82 29.20 4.27
C THR A 102 -11.76 29.42 3.08
N ALA A 103 -12.52 28.38 2.71
CA ALA A 103 -13.49 28.49 1.62
C ALA A 103 -14.73 29.30 2.01
N MET A 104 -15.32 28.94 3.14
CA MET A 104 -16.48 29.66 3.69
C MET A 104 -16.07 30.48 4.90
N PRO A 105 -16.80 31.58 5.16
CA PRO A 105 -16.41 32.42 6.30
C PRO A 105 -16.63 31.74 7.65
N LEU A 106 -16.11 32.36 8.70
CA LEU A 106 -16.21 31.80 10.04
C LEU A 106 -16.53 32.91 11.06
N PRO A 107 -16.91 32.54 12.30
CA PRO A 107 -17.21 33.58 13.28
C PRO A 107 -15.99 34.32 13.80
N ILE A 108 -15.67 35.46 13.17
CA ILE A 108 -14.52 36.27 13.55
C ILE A 108 -14.75 37.75 13.27
N GLY A 109 -13.73 38.55 13.55
CA GLY A 109 -13.74 39.97 13.24
C GLY A 109 -12.32 40.45 13.00
N ARG A 110 -12.15 41.76 12.79
CA ARG A 110 -10.82 42.33 12.65
C ARG A 110 -10.01 42.17 13.93
N ASP A 111 -10.71 42.00 15.05
CA ASP A 111 -10.08 41.79 16.34
C ASP A 111 -9.34 40.46 16.40
N LYS A 112 -8.25 40.43 17.16
CA LYS A 112 -7.45 39.21 17.26
C LYS A 112 -8.15 38.22 18.20
N VAL A 113 -8.23 36.97 17.76
CA VAL A 113 -8.83 35.91 18.55
C VAL A 113 -7.75 34.91 18.90
N GLU A 114 -7.28 34.97 20.14
CA GLU A 114 -6.16 34.15 20.59
C GLU A 114 -6.64 32.96 21.41
N LEU A 115 -6.02 31.81 21.19
CA LEU A 115 -6.35 30.59 21.89
C LEU A 115 -5.13 29.73 22.12
N GLU A 116 -5.33 28.58 22.76
CA GLU A 116 -4.25 27.68 23.14
C GLU A 116 -4.50 26.25 22.70
N VAL A 117 -3.42 25.56 22.31
CA VAL A 117 -3.51 24.16 21.92
C VAL A 117 -2.42 23.34 22.61
N THR A 118 -2.55 22.03 22.56
CA THR A 118 -1.60 21.13 23.23
C THR A 118 -1.16 19.95 22.38
N LEU A 119 0.15 19.74 22.32
CA LEU A 119 0.72 18.62 21.57
C LEU A 119 1.46 17.67 22.50
N PRO A 120 0.96 16.43 22.62
CA PRO A 120 1.56 15.39 23.47
C PRO A 120 2.94 14.97 22.98
N ILE A 127 1.92 22.11 23.14
CA ILE A 127 1.86 23.25 24.05
C ILE A 127 2.15 24.54 23.30
N PHE A 128 1.13 25.07 22.62
CA PHE A 128 1.31 26.26 21.79
C PHE A 128 0.20 27.30 21.98
N LYS A 129 0.50 28.53 21.58
CA LYS A 129 -0.46 29.63 21.64
C LYS A 129 -0.64 30.24 20.25
N VAL A 130 -1.87 30.15 19.74
CA VAL A 130 -2.14 30.59 18.37
C VAL A 130 -3.09 31.78 18.36
N SER A 131 -2.79 32.76 17.51
CA SER A 131 -3.64 33.94 17.40
C SER A 131 -4.18 34.06 15.98
N ILE A 132 -5.50 34.00 15.84
CA ILE A 132 -6.13 34.12 14.53
C ILE A 132 -6.68 35.53 14.33
N LYS A 133 -6.31 36.15 13.22
CA LYS A 133 -6.78 37.48 12.89
C LYS A 133 -7.25 37.54 11.46
N TRP A 134 -8.40 38.16 11.23
CA TRP A 134 -8.89 38.37 9.88
C TRP A 134 -7.96 39.26 9.06
N VAL A 135 -7.87 38.99 7.77
CA VAL A 135 -7.09 39.81 6.85
C VAL A 135 -7.90 40.35 5.68
N SER A 136 -8.26 39.47 4.75
CA SER A 136 -8.82 39.97 3.49
C SER A 136 -9.78 39.02 2.77
N CYS A 137 -10.47 39.54 1.76
CA CYS A 137 -11.37 38.74 0.94
C CYS A 137 -10.85 38.55 -0.48
N VAL A 138 -10.27 37.39 -0.76
CA VAL A 138 -9.73 37.10 -2.08
C VAL A 138 -10.83 36.68 -3.03
N SER A 139 -11.27 37.60 -3.89
CA SER A 139 -12.34 37.32 -4.83
C SER A 139 -11.83 36.58 -6.08
N LEU A 140 -12.49 35.48 -6.43
CA LEU A 140 -12.13 34.73 -7.62
C LEU A 140 -12.92 35.24 -8.84
N GLN A 141 -13.90 36.09 -8.59
CA GLN A 141 -14.63 36.76 -9.66
C GLN A 141 -13.70 37.74 -10.37
N ALA A 142 -12.88 38.42 -9.58
CA ALA A 142 -11.88 39.32 -10.10
C ALA A 142 -10.82 38.55 -10.87
N LEU A 143 -10.65 37.28 -10.52
CA LEU A 143 -9.70 36.44 -11.23
C LEU A 143 -10.23 36.09 -12.63
N HIS A 144 -11.52 35.83 -12.73
CA HIS A 144 -12.14 35.59 -14.03
C HIS A 144 -12.13 36.86 -14.84
N ASP A 145 -12.28 38.00 -14.16
CA ASP A 145 -12.23 39.29 -14.82
C ASP A 145 -10.81 39.63 -15.29
N ALA A 146 -9.82 39.07 -14.60
CA ALA A 146 -8.41 39.29 -14.91
C ALA A 146 -7.95 38.41 -16.07
N LEU A 147 -8.42 37.16 -16.08
CA LEU A 147 -8.09 36.24 -17.16
C LEU A 147 -8.81 36.67 -18.42
N SER A 148 -10.03 37.16 -18.25
CA SER A 148 -10.76 37.75 -19.37
C SER A 148 -10.22 39.15 -19.67
N GLY A 149 -10.84 39.81 -20.66
CA GLY A 149 -10.36 41.10 -21.13
C GLY A 149 -10.65 42.28 -20.22
N ARG A 150 -11.40 42.04 -19.14
CA ARG A 150 -11.85 43.13 -18.28
C ARG A 150 -10.68 43.81 -17.58
N LEU A 151 -10.05 43.09 -16.67
CA LEU A 151 -8.94 43.63 -15.88
C LEU A 151 -7.61 43.22 -16.50
N PRO A 152 -6.70 44.20 -16.68
CA PRO A 152 -5.39 43.94 -17.28
C PRO A 152 -4.45 43.22 -16.33
N SER A 153 -4.57 43.50 -15.04
CA SER A 153 -3.69 42.94 -14.04
C SER A 153 -4.28 41.69 -13.41
N VAL A 154 -3.45 40.64 -13.33
CA VAL A 154 -3.81 39.40 -12.66
C VAL A 154 -3.37 39.40 -11.19
N PRO A 155 -4.36 39.41 -10.27
CA PRO A 155 -4.11 39.50 -8.82
C PRO A 155 -3.19 38.39 -8.31
N PHE A 156 -2.01 38.81 -7.87
CA PHE A 156 -0.96 37.92 -7.39
C PHE A 156 -1.36 37.18 -6.12
N GLU A 157 -2.14 37.85 -5.27
CA GLU A 157 -2.60 37.27 -4.02
C GLU A 157 -3.47 36.05 -4.30
N THR A 158 -4.21 36.12 -5.40
CA THR A 158 -5.06 35.04 -5.83
C THR A 158 -4.21 33.84 -6.25
N ILE A 159 -3.17 34.10 -7.04
CA ILE A 159 -2.26 33.03 -7.45
C ILE A 159 -1.62 32.35 -6.25
N GLN A 160 -1.18 33.16 -5.30
CA GLN A 160 -0.62 32.65 -4.05
C GLN A 160 -1.61 31.75 -3.32
N ALA A 161 -2.84 32.24 -3.20
CA ALA A 161 -3.90 31.51 -2.51
C ALA A 161 -4.18 30.16 -3.17
N LEU A 162 -4.39 30.18 -4.48
CA LEU A 162 -4.63 28.95 -5.23
C LEU A 162 -3.49 27.96 -5.07
N ASP A 163 -2.26 28.47 -5.13
CA ASP A 163 -1.09 27.60 -4.97
C ASP A 163 -1.05 26.97 -3.58
N VAL A 164 -1.40 27.76 -2.57
CA VAL A 164 -1.47 27.27 -1.20
C VAL A 164 -2.52 26.18 -1.05
N VAL A 165 -3.67 26.39 -1.69
CA VAL A 165 -4.74 25.40 -1.68
C VAL A 165 -4.27 24.10 -2.30
N MET A 166 -3.69 24.18 -3.49
CA MET A 166 -3.26 22.97 -4.20
C MET A 166 -2.07 22.28 -3.50
N ARG A 167 -1.32 23.03 -2.70
CA ARG A 167 -0.14 22.47 -2.03
C ARG A 167 -0.37 22.03 -0.59
N HIS A 168 -1.50 22.39 -0.01
CA HIS A 168 -1.72 22.10 1.41
C HIS A 168 -1.70 20.61 1.71
N LEU A 169 -2.31 19.80 0.85
CA LEU A 169 -2.33 18.36 1.04
C LEU A 169 -0.96 17.71 0.82
N PRO A 170 -0.31 17.96 -0.34
CA PRO A 170 0.96 17.26 -0.53
C PRO A 170 2.08 17.76 0.37
N SER A 171 1.88 18.90 1.02
CA SER A 171 2.86 19.43 1.96
C SER A 171 2.92 18.52 3.20
N MET A 172 1.84 17.80 3.44
CA MET A 172 1.73 16.88 4.57
C MET A 172 1.79 15.44 4.09
N ARG A 173 1.22 15.19 2.90
CA ARG A 173 1.14 13.84 2.38
C ARG A 173 2.47 13.40 1.79
N TYR A 174 3.13 14.31 1.08
CA TYR A 174 4.41 14.00 0.44
C TYR A 174 5.58 14.56 1.26
N THR A 175 6.79 14.39 0.73
CA THR A 175 8.00 14.89 1.39
C THR A 175 8.54 16.12 0.66
N PRO A 176 8.26 17.32 1.18
CA PRO A 176 8.63 18.54 0.48
C PRO A 176 10.14 18.77 0.43
N VAL A 177 10.64 19.06 -0.77
CA VAL A 177 12.04 19.43 -0.97
C VAL A 177 12.10 20.66 -1.87
N GLY A 178 12.58 21.77 -1.34
CA GLY A 178 12.59 23.01 -2.08
C GLY A 178 11.17 23.46 -2.39
N ARG A 179 10.82 23.44 -3.67
CA ARG A 179 9.47 23.82 -4.10
C ARG A 179 8.76 22.60 -4.69
N SER A 180 9.35 21.43 -4.50
CA SER A 180 8.80 20.17 -5.00
C SER A 180 8.32 19.24 -3.88
N PHE A 181 7.67 18.15 -4.27
CA PHE A 181 7.21 17.14 -3.32
C PHE A 181 7.67 15.76 -3.81
N PHE A 182 8.29 14.98 -2.94
CA PHE A 182 8.79 13.67 -3.31
C PHE A 182 8.13 12.52 -2.54
N THR A 183 8.35 11.30 -3.03
CA THR A 183 7.84 10.09 -2.39
C THR A 183 8.53 8.83 -2.92
N ALA A 184 8.31 7.73 -2.22
CA ALA A 184 8.89 6.44 -2.58
C ALA A 184 8.20 5.81 -3.80
N SER A 185 8.55 4.56 -4.09
CA SER A 185 7.96 3.82 -5.19
C SER A 185 6.89 2.83 -4.73
N GLU A 186 5.76 2.83 -5.44
CA GLU A 186 4.60 2.00 -5.13
C GLU A 186 4.82 0.48 -5.14
N GLY A 187 5.41 -0.03 -6.22
CA GLY A 187 5.62 -1.46 -6.35
C GLY A 187 7.09 -1.78 -6.26
N CYS A 188 7.80 -1.62 -7.37
CA CYS A 188 9.21 -1.96 -7.41
C CYS A 188 9.98 -0.93 -6.58
N SER A 189 11.20 -1.26 -6.20
CA SER A 189 12.02 -0.36 -5.40
C SER A 189 13.33 -0.09 -6.13
N ASN A 190 13.47 1.09 -6.71
CA ASN A 190 14.71 1.43 -7.41
C ASN A 190 15.84 1.71 -6.45
N PRO A 191 16.85 0.81 -6.43
CA PRO A 191 17.97 0.91 -5.50
C PRO A 191 19.15 1.68 -6.07
N LEU A 192 20.11 2.02 -5.22
CA LEU A 192 21.33 2.67 -5.67
C LEU A 192 22.54 2.02 -5.03
N GLY A 193 22.29 1.15 -4.06
CA GLY A 193 23.37 0.50 -3.34
C GLY A 193 23.62 1.31 -2.08
N GLY A 194 24.38 0.74 -1.15
CA GLY A 194 24.58 1.38 0.14
C GLY A 194 23.23 1.53 0.80
N GLY A 195 23.00 2.67 1.46
CA GLY A 195 21.73 2.89 2.12
C GLY A 195 20.78 3.74 1.30
N ARG A 196 21.09 3.93 0.02
CA ARG A 196 20.32 4.82 -0.83
C ARG A 196 19.34 4.12 -1.75
N GLU A 197 18.32 4.87 -2.17
CA GLU A 197 17.36 4.43 -3.17
C GLU A 197 16.80 5.65 -3.91
N VAL A 198 16.06 5.41 -4.98
CA VAL A 198 15.55 6.48 -5.82
C VAL A 198 14.09 6.82 -5.52
N TRP A 199 13.87 8.03 -5.03
CA TRP A 199 12.53 8.54 -4.80
C TRP A 199 12.09 9.45 -5.94
N PHE A 200 10.86 9.27 -6.38
CA PHE A 200 10.34 10.08 -7.48
C PHE A 200 9.49 11.20 -6.89
N GLY A 201 9.33 12.28 -7.63
CA GLY A 201 8.56 13.41 -7.14
C GLY A 201 8.09 14.32 -8.24
N PHE A 202 7.47 15.43 -7.86
CA PHE A 202 6.93 16.36 -8.82
C PHE A 202 6.96 17.78 -8.29
N HIS A 203 7.02 18.74 -9.21
CA HIS A 203 6.95 20.15 -8.85
C HIS A 203 5.67 20.74 -9.41
N GLN A 204 4.83 21.28 -8.53
CA GLN A 204 3.59 21.89 -8.95
C GLN A 204 3.59 23.39 -8.68
N SER A 205 2.85 24.13 -9.51
CA SER A 205 2.73 25.58 -9.36
C SER A 205 1.54 26.08 -10.17
N VAL A 206 0.70 26.89 -9.53
CA VAL A 206 -0.48 27.42 -10.20
C VAL A 206 -0.11 28.63 -11.06
N ARG A 207 -0.41 28.54 -12.35
CA ARG A 207 -0.06 29.59 -13.30
C ARG A 207 -1.29 30.12 -14.03
N PRO A 208 -1.25 31.41 -14.38
CA PRO A 208 -2.31 32.05 -15.17
C PRO A 208 -2.17 31.78 -16.66
N SER A 209 -3.29 31.77 -17.36
CA SER A 209 -3.30 31.55 -18.81
C SER A 209 -4.21 32.54 -19.52
N LEU A 210 -4.36 32.36 -20.83
CA LEU A 210 -5.12 33.27 -21.66
C LEU A 210 -6.57 33.42 -21.19
N TRP A 211 -7.24 32.29 -20.97
CA TRP A 211 -8.63 32.33 -20.56
C TRP A 211 -8.91 31.57 -19.25
N LYS A 212 -8.07 30.58 -18.95
CA LYS A 212 -8.34 29.67 -17.84
C LYS A 212 -7.11 29.32 -17.01
N MET A 213 -7.22 29.45 -15.68
CA MET A 213 -6.13 29.05 -14.78
C MET A 213 -5.65 27.63 -15.02
N MET A 214 -4.33 27.44 -14.97
CA MET A 214 -3.75 26.14 -15.24
C MET A 214 -2.78 25.72 -14.13
N LEU A 215 -2.60 24.42 -13.98
CA LEU A 215 -1.70 23.86 -13.00
C LEU A 215 -0.46 23.28 -13.67
N ASN A 216 0.67 23.97 -13.50
CA ASN A 216 1.93 23.54 -14.07
C ASN A 216 2.57 22.46 -13.20
N ILE A 217 2.82 21.31 -13.80
CA ILE A 217 3.37 20.18 -13.07
C ILE A 217 4.47 19.50 -13.87
N ASP A 218 5.63 19.29 -13.23
CA ASP A 218 6.74 18.62 -13.89
C ASP A 218 7.45 17.65 -12.95
N VAL A 219 7.59 16.41 -13.39
CA VAL A 219 8.16 15.37 -12.54
C VAL A 219 9.68 15.52 -12.41
N SER A 220 10.22 14.91 -11.37
CA SER A 220 11.65 14.89 -11.12
C SER A 220 11.97 13.72 -10.20
N ALA A 221 13.25 13.52 -9.91
CA ALA A 221 13.66 12.40 -9.05
C ALA A 221 14.94 12.71 -8.29
N THR A 222 15.12 12.06 -7.14
CA THR A 222 16.33 12.26 -6.36
C THR A 222 16.64 11.03 -5.49
N ALA A 223 17.69 11.14 -4.68
CA ALA A 223 18.15 10.00 -3.89
C ALA A 223 17.88 10.16 -2.40
N PHE A 224 17.11 9.23 -1.85
CA PHE A 224 16.83 9.22 -0.42
C PHE A 224 17.52 8.03 0.25
N TYR A 225 17.52 8.01 1.58
CA TYR A 225 18.06 6.87 2.32
C TYR A 225 16.98 5.82 2.56
N LYS A 226 17.32 4.58 2.22
CA LYS A 226 16.40 3.46 2.30
C LYS A 226 15.92 3.19 3.73
N ALA A 227 14.61 3.10 3.89
CA ALA A 227 14.00 2.82 5.19
C ALA A 227 14.21 1.36 5.55
N GLN A 228 15.31 1.09 6.24
CA GLN A 228 15.69 -0.28 6.59
C GLN A 228 16.38 -0.30 7.95
N PRO A 229 16.41 -1.47 8.61
CA PRO A 229 17.17 -1.60 9.85
C PRO A 229 18.64 -1.25 9.63
N VAL A 230 19.24 -0.59 10.61
CA VAL A 230 20.62 -0.14 10.49
C VAL A 230 21.56 -1.34 10.32
N ILE A 231 21.16 -2.49 10.82
CA ILE A 231 21.93 -3.72 10.64
C ILE A 231 22.07 -4.04 9.14
N GLU A 232 20.99 -3.79 8.39
CA GLU A 232 20.98 -4.03 6.96
C GLU A 232 21.66 -2.88 6.25
N PHE A 233 21.63 -1.70 6.85
CA PHE A 233 22.37 -0.57 6.31
C PHE A 233 23.85 -0.90 6.33
N VAL A 234 24.29 -1.50 7.42
CA VAL A 234 25.66 -1.99 7.56
C VAL A 234 25.95 -3.04 6.51
N CYS A 235 25.01 -3.96 6.33
CA CYS A 235 25.19 -5.02 5.34
C CYS A 235 25.38 -4.47 3.92
N GLU A 236 24.54 -3.50 3.56
CA GLU A 236 24.55 -2.92 2.23
C GLU A 236 25.75 -2.00 1.98
N VAL A 237 26.17 -1.28 3.02
CA VAL A 237 27.32 -0.38 2.90
C VAL A 237 28.62 -1.15 2.79
N LEU A 238 28.78 -2.17 3.64
CA LEU A 238 30.02 -2.95 3.68
C LEU A 238 30.01 -4.18 2.77
N ASP A 239 29.08 -4.21 1.82
CA ASP A 239 29.00 -5.30 0.84
C ASP A 239 28.86 -6.68 1.47
N PHE A 240 28.02 -6.79 2.49
CA PHE A 240 27.72 -8.08 3.12
C PHE A 240 26.48 -8.73 2.53
N LYS A 241 26.56 -10.03 2.22
CA LYS A 241 25.38 -10.76 1.78
C LYS A 241 24.41 -10.83 2.95
N SER A 242 24.96 -11.05 4.14
CA SER A 242 24.18 -11.09 5.37
C SER A 242 25.01 -10.55 6.51
N ILE A 243 24.36 -10.20 7.62
CA ILE A 243 25.08 -9.73 8.79
C ILE A 243 25.84 -10.88 9.44
N GLU A 244 25.34 -12.10 9.26
CA GLU A 244 25.93 -13.26 9.92
C GLU A 244 27.16 -13.80 9.19
N GLU A 245 27.58 -13.10 8.14
CA GLU A 245 28.82 -13.43 7.44
C GLU A 245 30.07 -13.23 8.29
N GLN A 246 30.05 -12.18 9.11
CA GLN A 246 31.06 -11.96 10.13
C GLN A 246 30.49 -11.88 11.54
N GLN A 247 31.28 -12.32 12.51
CA GLN A 247 30.87 -12.28 13.91
C GLN A 247 31.80 -11.36 14.68
N LYS A 248 32.98 -11.08 14.14
CA LYS A 248 33.86 -10.08 14.75
C LYS A 248 34.11 -8.96 13.74
N PRO A 249 34.21 -7.71 14.23
CA PRO A 249 34.47 -6.62 13.27
C PRO A 249 35.81 -6.85 12.60
N LEU A 250 35.94 -6.51 11.33
CA LEU A 250 37.18 -6.73 10.61
C LEU A 250 38.24 -5.66 10.89
N THR A 251 37.88 -4.39 10.75
CA THR A 251 38.85 -3.31 10.90
C THR A 251 38.31 -1.89 11.05
N ASP A 252 39.18 -1.03 11.58
CA ASP A 252 38.91 0.36 11.92
C ASP A 252 38.40 1.10 10.69
N SER A 253 38.89 0.68 9.53
CA SER A 253 38.50 1.23 8.24
C SER A 253 37.01 1.01 7.96
N GLN A 254 36.47 -0.13 8.36
CA GLN A 254 35.04 -0.37 8.16
C GLN A 254 34.24 0.55 9.07
N ARG A 255 34.77 0.77 10.28
CA ARG A 255 34.18 1.71 11.22
C ARG A 255 34.13 3.11 10.61
N VAL A 256 35.23 3.48 9.95
CA VAL A 256 35.33 4.79 9.32
C VAL A 256 34.37 4.89 8.14
N LYS A 257 34.26 3.83 7.36
CA LYS A 257 33.36 3.78 6.20
C LYS A 257 31.90 3.91 6.61
N PHE A 258 31.53 3.15 7.64
CA PHE A 258 30.17 3.12 8.14
C PHE A 258 29.83 4.45 8.78
N THR A 259 30.81 5.02 9.49
CA THR A 259 30.64 6.32 10.12
C THR A 259 30.45 7.39 9.05
N LYS A 260 31.29 7.34 8.01
CA LYS A 260 31.20 8.27 6.90
C LYS A 260 29.84 8.22 6.24
N GLU A 261 29.20 7.05 6.28
CA GLU A 261 27.87 6.94 5.67
C GLU A 261 26.74 7.35 6.62
N ILE A 262 26.87 7.02 7.91
CA ILE A 262 25.76 7.22 8.84
C ILE A 262 25.85 8.49 9.70
N LYS A 263 27.05 9.08 9.82
CA LYS A 263 27.21 10.26 10.67
C LYS A 263 26.35 11.42 10.18
N GLY A 264 25.30 11.72 10.93
CA GLY A 264 24.43 12.83 10.61
C GLY A 264 23.01 12.37 10.35
N LEU A 265 22.86 11.08 10.02
CA LEU A 265 21.55 10.53 9.70
C LEU A 265 20.68 10.36 10.94
N LYS A 266 19.38 10.27 10.73
CA LYS A 266 18.44 10.03 11.82
C LYS A 266 17.99 8.57 11.85
N VAL A 267 17.87 8.01 13.05
CA VAL A 267 17.43 6.63 13.21
C VAL A 267 16.34 6.56 14.28
N GLU A 268 15.42 5.62 14.16
CA GLU A 268 14.34 5.45 15.13
C GLU A 268 14.56 4.15 15.90
N ILE A 269 14.06 4.12 17.13
CA ILE A 269 14.32 3.01 18.03
C ILE A 269 13.11 2.09 18.03
N THR A 270 13.34 0.79 18.26
CA THR A 270 12.30 -0.22 18.10
C THR A 270 12.19 -1.19 19.27
N HIS A 271 12.12 -0.65 20.48
CA HIS A 271 11.84 -1.47 21.65
C HIS A 271 11.06 -0.67 22.70
N CYS A 272 10.12 0.14 22.21
CA CYS A 272 9.24 0.92 23.07
C CYS A 272 7.84 1.01 22.48
N LYS A 276 9.92 4.09 17.92
CA LYS A 276 9.12 5.22 18.39
C LYS A 276 9.95 6.50 18.50
N ARG A 277 10.85 6.53 19.47
CA ARG A 277 11.70 7.70 19.70
C ARG A 277 12.73 7.87 18.59
N LYS A 278 12.68 9.03 17.92
CA LYS A 278 13.63 9.32 16.85
C LYS A 278 14.87 10.01 17.42
N TYR A 279 16.02 9.55 16.94
CA TYR A 279 17.34 9.94 17.40
C TYR A 279 18.25 10.38 16.26
N ARG A 280 19.28 11.16 16.58
CA ARG A 280 20.26 11.58 15.57
C ARG A 280 21.65 11.04 15.88
N VAL A 281 22.14 10.17 15.01
CA VAL A 281 23.47 9.57 15.19
C VAL A 281 24.60 10.59 15.07
N CYS A 282 25.38 10.73 16.13
CA CYS A 282 26.49 11.66 16.14
C CYS A 282 27.84 10.97 15.91
N ASN A 283 27.95 9.70 16.29
CA ASN A 283 29.20 8.97 16.10
C ASN A 283 29.04 7.45 16.17
N VAL A 284 30.12 6.72 15.93
CA VAL A 284 30.11 5.26 16.03
C VAL A 284 31.16 4.77 17.03
N THR A 285 30.76 3.86 17.92
CA THR A 285 31.64 3.34 18.96
C THR A 285 32.81 2.54 18.38
N ARG A 286 33.93 2.56 19.10
CA ARG A 286 35.11 1.81 18.67
C ARG A 286 34.97 0.37 19.11
N ARG A 287 34.33 0.20 20.27
CA ARG A 287 34.18 -1.08 20.94
C ARG A 287 32.84 -1.74 20.67
N PRO A 288 32.81 -3.08 20.69
CA PRO A 288 31.59 -3.86 20.49
C PRO A 288 30.55 -3.49 21.55
N ALA A 289 29.32 -3.95 21.37
CA ALA A 289 28.26 -3.63 22.33
C ALA A 289 28.50 -4.30 23.66
N SER A 290 29.32 -5.35 23.65
CA SER A 290 29.60 -6.12 24.86
C SER A 290 30.65 -5.45 25.75
N HIS A 291 31.36 -4.46 25.21
CA HIS A 291 32.44 -3.83 25.96
C HIS A 291 32.32 -2.31 26.04
N GLN A 292 31.47 -1.72 25.22
CA GLN A 292 31.27 -0.27 25.25
C GLN A 292 30.64 0.16 26.57
N THR A 293 31.38 0.93 27.37
CA THR A 293 30.91 1.27 28.71
C THR A 293 30.38 2.70 28.82
N PHE A 294 29.66 2.96 29.91
CA PHE A 294 29.12 4.29 30.19
C PHE A 294 28.71 4.41 31.67
N PRO A 295 28.70 5.65 32.19
CA PRO A 295 28.18 5.97 33.53
C PRO A 295 26.68 5.72 33.60
N LEU A 296 26.26 4.75 34.41
CA LEU A 296 24.86 4.34 34.46
C LEU A 296 23.94 5.31 35.20
N GLN A 297 24.47 6.00 36.22
CA GLN A 297 23.68 6.94 37.01
C GLN A 297 22.36 6.30 37.46
N GLN A 298 22.45 5.18 38.16
CA GLN A 298 21.28 4.45 38.60
C GLN A 298 20.58 5.15 39.76
N GLU A 299 19.71 6.10 39.43
CA GLU A 299 19.01 6.91 40.42
C GLU A 299 20.00 7.58 41.35
N SER A 300 19.79 7.39 42.65
CA SER A 300 20.69 7.94 43.65
C SER A 300 21.97 7.12 43.65
N GLY A 301 23.02 7.65 44.25
CA GLY A 301 24.28 6.95 44.29
C GLY A 301 25.12 7.24 43.07
N GLN A 302 24.55 8.01 42.14
CA GLN A 302 25.24 8.44 40.92
C GLN A 302 25.66 7.25 40.04
N THR A 303 26.82 7.41 39.40
CA THR A 303 27.32 6.49 38.37
C THR A 303 27.90 5.14 38.78
N VAL A 304 27.64 4.13 37.94
CA VAL A 304 28.30 2.84 38.02
C VAL A 304 28.66 2.46 36.57
N GLU A 305 29.86 1.89 36.38
CA GLU A 305 30.31 1.52 35.04
C GLU A 305 29.51 0.38 34.40
N CYS A 306 28.73 0.67 33.36
CA CYS A 306 27.94 -0.39 32.73
C CYS A 306 28.14 -0.49 31.22
N THR A 307 28.21 -1.72 30.72
CA THR A 307 28.33 -1.96 29.28
C THR A 307 26.95 -1.90 28.62
N VAL A 308 26.91 -1.50 27.34
CA VAL A 308 25.65 -1.35 26.63
C VAL A 308 24.83 -2.64 26.54
N ALA A 309 25.49 -3.74 26.20
CA ALA A 309 24.86 -5.04 26.07
C ALA A 309 24.21 -5.46 27.39
N GLN A 310 24.94 -5.24 28.47
CA GLN A 310 24.48 -5.58 29.81
C GLN A 310 23.29 -4.71 30.19
N TYR A 311 23.31 -3.46 29.72
CA TYR A 311 22.21 -2.54 29.98
C TYR A 311 20.94 -3.05 29.30
N PHE A 312 21.04 -3.37 28.01
CA PHE A 312 19.88 -3.87 27.28
C PHE A 312 19.43 -5.24 27.81
N LYS A 313 20.35 -5.97 28.42
CA LYS A 313 20.01 -7.25 29.02
C LYS A 313 19.23 -7.07 30.32
N ASP A 314 19.62 -6.07 31.11
CA ASP A 314 18.99 -5.82 32.40
C ASP A 314 17.75 -4.93 32.28
N ARG A 315 17.91 -3.76 31.66
CA ARG A 315 16.83 -2.78 31.62
C ARG A 315 15.66 -3.20 30.72
N HIS A 316 15.97 -3.53 29.47
CA HIS A 316 14.92 -3.84 28.50
C HIS A 316 14.66 -5.33 28.32
N LYS A 317 15.31 -6.17 29.13
CA LYS A 317 15.17 -7.62 29.03
C LYS A 317 15.44 -8.12 27.62
N LEU A 318 16.42 -7.53 26.96
CA LEU A 318 16.73 -7.89 25.59
C LEU A 318 18.17 -8.33 25.46
N VAL A 319 18.34 -9.59 25.09
CA VAL A 319 19.65 -10.14 24.80
C VAL A 319 19.99 -9.78 23.37
N LEU A 320 21.22 -9.35 23.15
CA LEU A 320 21.62 -8.96 21.81
C LEU A 320 21.88 -10.19 20.96
N ARG A 321 21.19 -10.26 19.82
CA ARG A 321 21.35 -11.36 18.90
C ARG A 321 22.73 -11.21 18.28
N TYR A 322 23.16 -9.96 18.16
CA TYR A 322 24.44 -9.62 17.58
C TYR A 322 25.16 -8.64 18.51
N PRO A 323 25.67 -9.13 19.65
CA PRO A 323 26.31 -8.26 20.65
C PRO A 323 27.68 -7.80 20.18
N HIS A 324 28.19 -8.48 19.17
CA HIS A 324 29.53 -8.23 18.66
C HIS A 324 29.70 -7.02 17.74
N LEU A 325 28.60 -6.41 17.30
CA LEU A 325 28.70 -5.21 16.47
C LEU A 325 28.78 -3.97 17.35
N PRO A 326 29.47 -2.92 16.88
CA PRO A 326 29.58 -1.69 17.67
C PRO A 326 28.25 -0.96 17.81
N CYS A 327 28.25 0.18 18.47
CA CYS A 327 27.01 0.91 18.71
C CYS A 327 27.01 2.30 18.09
N LEU A 328 25.81 2.84 17.86
CA LEU A 328 25.65 4.20 17.40
C LEU A 328 25.58 5.15 18.59
N GLN A 329 26.47 6.12 18.61
CA GLN A 329 26.43 7.17 19.63
C GLN A 329 25.51 8.28 19.15
N VAL A 330 24.46 8.50 19.94
CA VAL A 330 23.42 9.46 19.61
C VAL A 330 23.46 10.62 20.61
N GLY A 331 22.81 11.74 20.29
CA GLY A 331 22.72 12.87 21.20
C GLY A 331 24.06 13.55 21.42
N GLN A 332 24.33 13.88 22.68
CA GLN A 332 25.51 14.63 23.03
C GLN A 332 26.62 13.70 23.50
N GLU A 333 27.86 13.98 23.10
CA GLU A 333 28.99 13.14 23.44
C GLU A 333 29.19 13.12 24.95
N GLN A 334 28.75 14.20 25.60
CA GLN A 334 28.80 14.33 27.05
C GLN A 334 27.70 13.50 27.69
N LYS A 335 26.63 13.28 26.94
CA LYS A 335 25.48 12.53 27.45
C LYS A 335 25.74 11.03 27.47
N HIS A 336 26.72 10.59 26.67
CA HIS A 336 27.03 9.17 26.48
C HIS A 336 25.80 8.28 26.29
N THR A 337 25.17 8.40 25.13
CA THR A 337 24.01 7.58 24.79
C THR A 337 24.35 6.70 23.60
N TYR A 338 24.30 5.39 23.79
CA TYR A 338 24.70 4.45 22.75
C TYR A 338 23.56 3.48 22.43
N LEU A 339 23.55 2.97 21.19
CA LEU A 339 22.50 2.05 20.76
C LEU A 339 23.03 0.93 19.89
N PRO A 340 22.71 -0.33 20.23
CA PRO A 340 23.08 -1.44 19.34
C PRO A 340 22.37 -1.32 18.01
N LEU A 341 22.92 -1.93 16.96
CA LEU A 341 22.37 -1.77 15.62
C LEU A 341 21.01 -2.45 15.44
N GLU A 342 20.79 -3.54 16.17
CA GLU A 342 19.60 -4.35 15.94
C GLU A 342 18.35 -3.76 16.59
N VAL A 343 18.47 -2.59 17.19
CA VAL A 343 17.30 -1.90 17.74
C VAL A 343 17.08 -0.57 17.04
N CYS A 344 17.91 -0.27 16.05
CA CYS A 344 17.80 0.98 15.32
C CYS A 344 17.39 0.73 13.87
N ASN A 345 16.39 1.48 13.40
CA ASN A 345 16.03 1.45 11.98
C ASN A 345 16.22 2.82 11.38
N ILE A 346 16.69 2.91 10.14
CA ILE A 346 16.81 4.22 9.50
C ILE A 346 15.47 4.77 9.05
N VAL A 347 15.11 5.94 9.59
CA VAL A 347 13.84 6.59 9.28
C VAL A 347 13.84 7.11 7.84
N ALA A 348 12.70 6.95 7.17
CA ALA A 348 12.55 7.37 5.77
C ALA A 348 12.35 8.87 5.64
N GLY A 349 12.57 9.38 4.43
CA GLY A 349 12.40 10.80 4.14
C GLY A 349 13.70 11.56 4.23
N GLN A 350 14.80 10.83 4.36
CA GLN A 350 16.12 11.44 4.45
C GLN A 350 16.83 11.45 3.10
N ARG A 351 16.92 12.62 2.47
CA ARG A 351 17.61 12.75 1.19
C ARG A 351 19.13 12.69 1.41
N CYS A 352 19.85 12.14 0.44
CA CYS A 352 21.30 12.01 0.56
C CYS A 352 22.07 13.20 0.00
N ILE A 353 23.28 13.41 0.52
CA ILE A 353 24.16 14.50 0.09
C ILE A 353 25.53 13.95 -0.28
N LYS A 354 25.83 12.75 0.21
CA LYS A 354 27.12 12.09 0.00
C LYS A 354 27.40 11.88 -1.49
N LYS A 355 28.68 11.72 -1.84
CA LYS A 355 29.06 11.53 -3.24
C LYS A 355 28.46 10.23 -3.77
N LEU A 356 28.14 10.21 -5.05
CA LEU A 356 27.55 9.03 -5.66
C LEU A 356 28.58 8.31 -6.52
N THR A 357 28.67 7.00 -6.36
CA THR A 357 29.59 6.19 -7.15
C THR A 357 29.09 6.04 -8.60
N ASP A 358 29.87 5.34 -9.41
CA ASP A 358 29.56 5.16 -10.83
C ASP A 358 28.20 4.49 -11.03
N ASN A 359 27.97 3.39 -10.32
CA ASN A 359 26.73 2.64 -10.45
C ASN A 359 25.51 3.42 -9.96
N GLN A 360 25.71 4.26 -8.95
CA GLN A 360 24.63 5.04 -8.37
C GLN A 360 24.19 6.15 -9.33
N THR A 361 25.16 6.91 -9.82
CA THR A 361 24.88 7.97 -10.78
C THR A 361 24.32 7.40 -12.08
N SER A 362 24.86 6.25 -12.48
CA SER A 362 24.38 5.55 -13.67
C SER A 362 22.91 5.18 -13.51
N THR A 363 22.60 4.43 -12.46
CA THR A 363 21.24 4.00 -12.17
C THR A 363 20.31 5.20 -12.03
N MET A 364 20.86 6.32 -11.57
CA MET A 364 20.11 7.56 -11.47
C MET A 364 19.71 8.05 -12.86
N ILE A 365 20.70 8.28 -13.71
CA ILE A 365 20.41 8.77 -15.06
C ILE A 365 19.80 7.67 -15.93
N ARG A 366 19.92 6.42 -15.51
CA ARG A 366 19.31 5.29 -16.21
C ARG A 366 17.88 5.08 -15.73
N ALA A 367 17.38 5.99 -14.90
CA ALA A 367 16.01 5.93 -14.41
C ALA A 367 15.35 7.30 -14.41
N THR A 368 16.12 8.32 -14.77
CA THR A 368 15.61 9.68 -14.87
C THR A 368 16.18 10.32 -16.13
N ALA A 369 15.66 11.50 -16.48
CA ALA A 369 16.07 12.18 -17.71
C ALA A 369 15.80 11.30 -18.92
N ARG A 370 14.69 10.59 -18.88
CA ARG A 370 14.31 9.66 -19.93
C ARG A 370 13.84 10.43 -21.17
N SER A 371 13.51 9.71 -22.22
CA SER A 371 13.04 10.33 -23.46
C SER A 371 11.76 11.11 -23.24
N ALA A 372 11.46 12.02 -24.18
CA ALA A 372 10.27 12.86 -24.08
C ALA A 372 8.95 12.08 -23.95
N PRO A 373 8.76 11.00 -24.74
CA PRO A 373 7.53 10.24 -24.51
C PRO A 373 7.47 9.59 -23.12
N ASP A 374 8.61 9.13 -22.64
CA ASP A 374 8.69 8.51 -21.32
C ASP A 374 8.37 9.51 -20.21
N ARG A 375 8.97 10.69 -20.29
CA ARG A 375 8.70 11.75 -19.34
C ARG A 375 7.23 12.14 -19.39
N GLN A 376 6.71 12.24 -20.61
CA GLN A 376 5.31 12.57 -20.85
C GLN A 376 4.37 11.58 -20.15
N GLU A 377 4.59 10.30 -20.39
CA GLU A 377 3.78 9.25 -19.79
C GLU A 377 3.98 9.20 -18.28
N GLU A 378 5.14 9.64 -17.82
CA GLU A 378 5.43 9.68 -16.38
C GLU A 378 4.63 10.79 -15.71
N ILE A 379 4.51 11.92 -16.40
CA ILE A 379 3.72 13.05 -15.91
C ILE A 379 2.24 12.67 -15.91
N SER A 380 1.80 12.01 -16.98
CA SER A 380 0.42 11.53 -17.08
C SER A 380 0.13 10.57 -15.93
N LYS A 381 1.02 9.60 -15.75
CA LYS A 381 0.95 8.62 -14.67
C LYS A 381 0.87 9.31 -13.32
N LEU A 382 1.70 10.33 -13.14
CA LEU A 382 1.71 11.14 -11.93
C LEU A 382 0.36 11.78 -11.67
N MET A 383 -0.24 12.34 -12.72
CA MET A 383 -1.51 13.03 -12.59
C MET A 383 -2.60 12.00 -12.32
N ARG A 384 -2.30 10.76 -12.67
CA ARG A 384 -3.19 9.64 -12.39
C ARG A 384 -3.11 9.14 -10.95
N SER A 385 -1.90 9.07 -10.40
CA SER A 385 -1.75 8.55 -9.04
C SER A 385 -1.84 9.61 -7.95
N ALA A 386 -1.75 10.88 -8.31
CA ALA A 386 -1.81 11.93 -7.30
C ALA A 386 -3.27 12.18 -7.00
N ASP A 387 -4.05 12.14 -8.08
CA ASP A 387 -5.51 12.24 -8.04
C ASP A 387 -5.95 13.49 -7.28
N PHE A 388 -5.82 14.64 -7.92
CA PHE A 388 -6.14 15.91 -7.28
C PHE A 388 -7.64 16.14 -7.13
N ASN A 389 -8.42 15.51 -8.00
CA ASN A 389 -9.85 15.75 -8.05
C ASN A 389 -10.60 14.97 -6.97
N THR A 390 -9.86 14.20 -6.19
CA THR A 390 -10.44 13.38 -5.13
C THR A 390 -9.99 13.83 -3.74
N ASP A 391 -8.92 14.61 -3.70
CA ASP A 391 -8.36 15.08 -2.44
C ASP A 391 -9.28 16.07 -1.74
N PRO A 392 -9.46 15.90 -0.42
CA PRO A 392 -10.45 16.65 0.36
C PRO A 392 -10.20 18.16 0.44
N TYR A 393 -8.94 18.56 0.55
CA TYR A 393 -8.61 19.98 0.69
C TYR A 393 -8.83 20.70 -0.64
N VAL A 394 -8.64 19.98 -1.73
CA VAL A 394 -8.89 20.51 -3.07
C VAL A 394 -10.39 20.56 -3.36
N ARG A 395 -11.07 19.48 -2.99
CA ARG A 395 -12.52 19.36 -3.18
C ARG A 395 -13.30 20.39 -2.35
N GLU A 396 -12.73 20.79 -1.23
CA GLU A 396 -13.35 21.78 -0.35
C GLU A 396 -13.59 23.12 -1.06
N PHE A 397 -12.65 23.53 -1.89
CA PHE A 397 -12.77 24.80 -2.62
C PHE A 397 -13.41 24.64 -3.99
N GLY A 398 -13.95 23.45 -4.27
CA GLY A 398 -14.64 23.19 -5.52
C GLY A 398 -13.82 23.41 -6.78
N ILE A 399 -12.59 22.93 -6.75
CA ILE A 399 -11.67 23.08 -7.88
C ILE A 399 -11.57 21.79 -8.68
N MET A 400 -11.60 21.90 -9.99
CA MET A 400 -11.50 20.72 -10.85
C MET A 400 -10.34 20.86 -11.81
N VAL A 401 -9.43 19.89 -11.76
CA VAL A 401 -8.25 19.84 -12.60
C VAL A 401 -8.34 18.75 -13.66
N LYS A 402 -8.05 19.10 -14.90
CA LYS A 402 -8.11 18.14 -16.00
C LYS A 402 -7.01 17.09 -15.86
N ASP A 403 -7.40 15.83 -15.98
CA ASP A 403 -6.50 14.70 -15.80
C ASP A 403 -5.66 14.47 -17.05
N GLU A 404 -5.98 15.20 -18.11
CA GLU A 404 -5.22 15.16 -19.35
C GLU A 404 -4.40 16.44 -19.51
N MET A 405 -3.22 16.30 -20.14
CA MET A 405 -2.33 17.43 -20.40
C MET A 405 -2.97 18.44 -21.34
N THR A 406 -2.48 19.68 -21.31
CA THR A 406 -3.09 20.72 -22.13
C THR A 406 -2.68 20.66 -23.60
N ASP A 407 -3.67 20.52 -24.48
CA ASP A 407 -3.39 20.58 -25.91
C ASP A 407 -3.07 22.00 -26.34
N VAL A 408 -2.02 22.16 -27.13
CA VAL A 408 -1.61 23.46 -27.63
C VAL A 408 -1.20 23.33 -29.11
N THR A 409 -1.56 24.32 -29.92
CA THR A 409 -1.34 24.24 -31.36
C THR A 409 0.14 24.31 -31.73
N GLY A 410 0.82 25.40 -31.39
CA GLY A 410 2.23 25.55 -31.68
C GLY A 410 2.64 25.60 -33.14
N ARG A 411 3.85 26.08 -33.40
CA ARG A 411 4.34 26.26 -34.78
C ARG A 411 5.86 26.26 -34.86
N VAL A 412 6.41 25.53 -35.83
CA VAL A 412 7.87 25.44 -36.01
C VAL A 412 8.37 26.49 -37.00
N LEU A 413 9.15 27.44 -36.50
CA LEU A 413 9.70 28.50 -37.35
C LEU A 413 10.69 27.97 -38.38
N GLN A 414 10.99 28.80 -39.37
CA GLN A 414 11.89 28.42 -40.46
C GLN A 414 13.35 28.81 -40.21
N PRO A 415 14.26 27.82 -40.27
CA PRO A 415 15.70 28.03 -40.06
C PRO A 415 16.33 28.94 -41.12
N PRO A 416 17.26 29.82 -40.69
CA PRO A 416 17.98 30.74 -41.57
C PRO A 416 19.10 30.08 -42.38
N SER A 417 19.37 30.61 -43.57
CA SER A 417 20.46 30.09 -44.39
C SER A 417 21.79 30.66 -43.89
N ILE A 418 22.77 29.78 -43.66
CA ILE A 418 24.07 30.21 -43.16
C ILE A 418 25.05 30.39 -44.30
N LEU A 419 25.52 31.61 -44.51
CA LEU A 419 26.39 31.86 -45.66
C LEU A 419 27.87 31.67 -45.34
N TYR A 420 28.46 30.68 -45.99
CA TYR A 420 29.89 30.39 -45.97
C TYR A 420 30.57 30.98 -47.20
N GLY A 421 31.90 31.11 -47.14
CA GLY A 421 32.62 31.83 -48.18
C GLY A 421 33.72 30.96 -48.76
N GLY A 422 34.85 31.56 -49.11
CA GLY A 422 35.95 30.78 -49.66
C GLY A 422 35.92 30.97 -51.16
N ARG A 423 36.46 30.03 -51.92
CA ARG A 423 36.33 30.10 -53.37
C ARG A 423 34.91 29.85 -53.88
N ASN A 424 34.23 28.87 -53.28
CA ASN A 424 32.87 28.54 -53.70
C ASN A 424 31.74 29.40 -53.13
N LYS A 425 31.97 29.93 -51.93
CA LYS A 425 31.00 30.73 -51.18
C LYS A 425 29.72 29.92 -51.02
N ALA A 426 29.87 28.68 -50.57
CA ALA A 426 28.76 27.76 -50.33
C ALA A 426 27.80 28.16 -49.21
N ILE A 427 26.59 27.61 -49.24
CA ILE A 427 25.61 27.89 -48.19
C ILE A 427 25.33 26.63 -47.39
N ALA A 428 25.07 26.80 -46.09
CA ALA A 428 24.74 25.69 -45.21
C ALA A 428 23.31 25.85 -44.71
N THR A 429 22.49 24.82 -44.90
CA THR A 429 21.11 24.87 -44.45
C THR A 429 20.90 23.99 -43.22
N PRO A 430 20.55 24.61 -42.09
CA PRO A 430 20.29 23.91 -40.83
C PRO A 430 19.19 22.87 -40.96
N VAL A 431 19.55 21.59 -40.87
CA VAL A 431 18.55 20.53 -40.88
C VAL A 431 18.40 19.99 -39.47
N GLN A 432 17.19 20.09 -38.93
CA GLN A 432 16.91 19.66 -37.56
C GLN A 432 17.77 20.40 -36.54
N GLY A 433 18.17 21.62 -36.90
CA GLY A 433 18.93 22.46 -35.99
C GLY A 433 20.43 22.26 -36.09
N VAL A 434 20.85 21.43 -37.05
CA VAL A 434 22.28 21.14 -37.22
C VAL A 434 22.69 21.24 -38.68
N TRP A 435 23.84 21.84 -38.92
CA TRP A 435 24.46 21.86 -40.24
C TRP A 435 25.95 21.53 -40.13
N ASP A 436 26.64 21.50 -41.26
CA ASP A 436 28.07 21.17 -41.27
C ASP A 436 28.82 21.99 -42.31
N MET A 437 30.16 21.97 -42.22
CA MET A 437 31.00 22.74 -43.14
C MET A 437 31.55 21.84 -44.24
N ARG A 438 30.84 20.75 -44.53
CA ARG A 438 31.24 19.83 -45.58
C ARG A 438 31.30 20.53 -46.93
N ASN A 439 32.48 20.55 -47.53
CA ASN A 439 32.75 21.26 -48.79
C ASN A 439 32.47 22.75 -48.66
N LYS A 440 32.62 23.29 -47.46
CA LYS A 440 32.40 24.71 -47.21
C LYS A 440 33.58 25.37 -46.52
N GLN A 441 33.80 26.65 -46.81
CA GLN A 441 34.88 27.41 -46.20
C GLN A 441 34.37 28.71 -45.60
N PHE A 442 35.08 29.20 -44.57
CA PHE A 442 34.69 30.37 -43.81
C PHE A 442 34.36 31.62 -44.64
N HIS A 443 33.39 32.39 -44.16
CA HIS A 443 33.02 33.64 -44.80
C HIS A 443 34.23 34.57 -44.89
N THR A 444 35.04 34.53 -43.83
CA THR A 444 36.32 35.23 -43.82
C THR A 444 37.34 34.35 -43.10
N GLY A 445 38.12 33.61 -43.88
CA GLY A 445 39.12 32.72 -43.32
C GLY A 445 40.43 33.46 -43.15
N ILE A 446 41.16 33.15 -42.09
CA ILE A 446 42.42 33.83 -41.84
C ILE A 446 43.60 32.92 -42.18
N GLU A 447 44.51 33.40 -43.01
CA GLU A 447 45.72 32.64 -43.29
C GLU A 447 46.70 32.75 -42.14
N ILE A 448 46.75 31.72 -41.31
CA ILE A 448 47.67 31.68 -40.18
C ILE A 448 49.09 31.33 -40.61
N LYS A 449 50.01 32.25 -40.41
CA LYS A 449 51.38 32.09 -40.87
C LYS A 449 52.37 31.95 -39.71
N VAL A 450 52.09 32.64 -38.60
CA VAL A 450 52.97 32.59 -37.44
C VAL A 450 52.19 32.20 -36.18
N TRP A 451 52.57 31.06 -35.59
CA TRP A 451 51.90 30.54 -34.40
C TRP A 451 52.86 29.70 -33.56
N ALA A 452 52.51 29.49 -32.29
CA ALA A 452 53.41 28.82 -31.35
C ALA A 452 52.75 27.65 -30.61
N ILE A 453 53.58 26.78 -30.04
CA ILE A 453 53.12 25.63 -29.26
C ILE A 453 53.84 25.54 -27.92
N ALA A 454 53.07 25.59 -26.83
CA ALA A 454 53.64 25.49 -25.48
C ALA A 454 52.93 24.41 -24.67
N CYS A 455 53.51 23.21 -24.65
CA CYS A 455 52.89 22.09 -23.95
C CYS A 455 53.23 22.05 -22.46
N PHE A 456 52.21 22.03 -21.62
CA PHE A 456 52.41 21.97 -20.17
C PHE A 456 52.27 20.56 -19.63
N ALA A 457 51.90 19.62 -20.50
CA ALA A 457 51.82 18.22 -20.12
C ALA A 457 53.23 17.63 -20.07
N PRO A 458 53.43 16.62 -19.22
CA PRO A 458 54.73 15.94 -19.15
C PRO A 458 55.09 15.25 -20.47
N GLN A 459 56.33 15.41 -20.91
CA GLN A 459 56.79 14.82 -22.16
C GLN A 459 56.74 13.29 -22.06
N ARG A 460 56.78 12.79 -20.83
CA ARG A 460 56.72 11.36 -20.57
C ARG A 460 55.43 10.76 -21.11
N GLN A 461 54.34 11.49 -20.96
CA GLN A 461 53.02 11.03 -21.42
C GLN A 461 52.56 11.76 -22.68
N CYS A 462 53.34 12.74 -23.12
CA CYS A 462 53.01 13.49 -24.33
C CYS A 462 54.24 13.66 -25.22
N THR A 463 54.48 12.69 -26.09
CA THR A 463 55.67 12.71 -26.94
C THR A 463 55.60 13.78 -28.02
N GLU A 464 56.73 13.99 -28.68
CA GLU A 464 56.81 14.95 -29.79
C GLU A 464 56.08 14.44 -31.03
N VAL A 465 55.98 13.12 -31.15
CA VAL A 465 55.25 12.49 -32.25
C VAL A 465 53.78 12.86 -32.19
N HIS A 466 53.24 12.87 -30.97
CA HIS A 466 51.85 13.29 -30.74
C HIS A 466 51.65 14.72 -31.21
N LEU A 467 52.59 15.59 -30.87
CA LEU A 467 52.51 17.00 -31.23
C LEU A 467 52.59 17.22 -32.74
N LYS A 468 53.45 16.44 -33.40
CA LYS A 468 53.63 16.58 -34.85
C LYS A 468 52.42 16.05 -35.60
N SER A 469 51.88 14.92 -35.14
CA SER A 469 50.70 14.33 -35.76
C SER A 469 49.52 15.27 -35.59
N PHE A 470 49.34 15.76 -34.37
CA PHE A 470 48.32 16.76 -34.05
C PHE A 470 48.47 17.99 -34.94
N THR A 471 49.71 18.38 -35.19
CA THR A 471 49.99 19.54 -36.02
C THR A 471 49.58 19.30 -37.47
N GLU A 472 49.94 18.14 -38.01
CA GLU A 472 49.55 17.75 -39.35
C GLU A 472 48.02 17.75 -39.53
N GLN A 473 47.35 17.01 -38.65
CA GLN A 473 45.90 16.88 -38.69
C GLN A 473 45.24 18.26 -38.61
N LEU A 474 45.72 19.07 -37.68
CA LEU A 474 45.19 20.42 -37.49
C LEU A 474 45.39 21.28 -38.71
N ARG A 475 46.54 21.14 -39.37
CA ARG A 475 46.84 21.92 -40.57
C ARG A 475 45.90 21.53 -41.70
N LYS A 476 45.67 20.23 -41.88
CA LYS A 476 44.76 19.75 -42.91
C LYS A 476 43.36 20.30 -42.67
N ILE A 477 42.83 20.06 -41.47
CA ILE A 477 41.49 20.53 -41.11
C ILE A 477 41.37 22.04 -41.29
N SER A 478 42.43 22.75 -40.92
CA SER A 478 42.47 24.20 -41.02
C SER A 478 42.37 24.66 -42.47
N ARG A 479 43.18 24.07 -43.33
CA ARG A 479 43.20 24.45 -44.75
C ARG A 479 41.86 24.11 -45.39
N ASP A 480 41.26 23.01 -44.95
CA ASP A 480 39.94 22.61 -45.44
C ASP A 480 38.85 23.58 -45.00
N ALA A 481 39.01 24.15 -43.80
CA ALA A 481 37.99 25.02 -43.23
C ALA A 481 38.00 26.42 -43.84
N GLY A 482 39.10 26.76 -44.49
CA GLY A 482 39.22 28.08 -45.12
C GLY A 482 40.17 28.94 -44.32
N MET A 483 40.68 28.38 -43.23
CA MET A 483 41.67 29.05 -42.39
C MET A 483 42.99 28.29 -42.44
N PRO A 484 43.74 28.44 -43.54
CA PRO A 484 44.92 27.59 -43.79
C PRO A 484 46.10 27.87 -42.87
N ILE A 485 46.72 26.81 -42.36
CA ILE A 485 47.99 26.93 -41.67
C ILE A 485 49.12 26.89 -42.70
N GLN A 486 49.78 28.02 -42.90
CA GLN A 486 50.73 28.17 -44.00
C GLN A 486 52.07 27.48 -43.76
N GLY A 487 52.27 26.96 -42.56
CA GLY A 487 53.50 26.27 -42.24
C GLY A 487 53.66 25.83 -40.80
N GLN A 488 54.82 25.24 -40.49
CA GLN A 488 55.11 24.75 -39.15
C GLN A 488 55.17 25.87 -38.12
N PRO A 489 54.95 25.54 -36.83
CA PRO A 489 55.02 26.55 -35.77
C PRO A 489 56.43 27.11 -35.60
N CYS A 490 56.52 28.41 -35.31
CA CYS A 490 57.81 29.06 -35.11
C CYS A 490 58.37 28.75 -33.72
N PHE A 491 57.57 28.06 -32.91
CA PHE A 491 57.95 27.76 -31.54
C PHE A 491 57.24 26.48 -31.08
N CYS A 492 57.95 25.64 -30.33
CA CYS A 492 57.35 24.42 -29.78
C CYS A 492 58.16 23.90 -28.59
N LYS A 493 57.66 24.12 -27.38
CA LYS A 493 58.38 23.69 -26.18
C LYS A 493 57.51 23.20 -25.02
N TYR A 494 58.03 22.20 -24.32
CA TYR A 494 57.41 21.68 -23.10
C TYR A 494 57.66 22.64 -21.95
N ALA A 495 56.82 22.54 -20.92
CA ALA A 495 56.98 23.39 -19.73
C ALA A 495 56.30 22.77 -18.52
N GLN A 496 56.42 23.46 -17.39
CA GLN A 496 55.80 23.02 -16.15
C GLN A 496 55.71 24.19 -15.17
N GLY A 497 54.65 24.19 -14.37
CA GLY A 497 54.43 25.24 -13.41
C GLY A 497 53.77 26.44 -14.06
N ALA A 498 52.86 27.08 -13.33
CA ALA A 498 52.14 28.24 -13.83
C ALA A 498 53.09 29.44 -13.94
N ASP A 499 54.11 29.44 -13.09
CA ASP A 499 55.09 30.52 -13.01
C ASP A 499 55.91 30.70 -14.28
N SER A 500 55.84 29.73 -15.18
CA SER A 500 56.59 29.78 -16.43
C SER A 500 55.79 30.53 -17.50
N VAL A 501 54.50 30.73 -17.25
CA VAL A 501 53.59 31.32 -18.23
C VAL A 501 53.93 32.78 -18.52
N GLU A 502 53.87 33.61 -17.50
CA GLU A 502 54.08 35.06 -17.64
C GLU A 502 55.40 35.50 -18.29
N PRO A 503 56.56 34.94 -17.87
CA PRO A 503 57.79 35.36 -18.54
C PRO A 503 57.83 35.01 -20.03
N MET A 504 57.61 33.72 -20.29
CA MET A 504 57.65 33.14 -21.64
C MET A 504 56.89 33.91 -22.70
N PHE A 505 55.62 34.19 -22.46
CA PHE A 505 54.81 34.91 -23.45
C PHE A 505 55.48 36.20 -23.87
N ARG A 506 56.03 36.94 -22.92
CA ARG A 506 56.72 38.17 -23.23
C ARG A 506 57.83 37.89 -24.22
N HIS A 507 58.69 36.94 -23.86
CA HIS A 507 59.76 36.51 -24.75
C HIS A 507 59.19 36.17 -26.11
N LEU A 508 58.15 35.33 -26.12
CA LEU A 508 57.53 34.89 -27.36
C LEU A 508 57.03 36.07 -28.18
N LYS A 509 56.52 37.09 -27.50
CA LYS A 509 55.97 38.24 -28.18
C LYS A 509 57.05 39.12 -28.77
N ASN A 510 58.24 39.11 -28.14
CA ASN A 510 59.30 40.02 -28.54
C ASN A 510 60.26 39.43 -29.56
N THR A 511 60.25 38.10 -29.66
CA THR A 511 61.17 37.39 -30.53
C THR A 511 60.61 37.30 -31.94
N TYR A 512 59.39 36.79 -32.06
CA TYR A 512 58.78 36.53 -33.35
C TYR A 512 57.86 37.68 -33.75
N ALA A 513 58.19 38.31 -34.87
CA ALA A 513 57.48 39.48 -35.35
C ALA A 513 56.10 39.15 -35.90
N GLY A 514 55.06 39.59 -35.19
CA GLY A 514 53.70 39.42 -35.65
C GLY A 514 53.13 38.01 -35.54
N LEU A 515 53.30 37.40 -34.37
CA LEU A 515 52.69 36.09 -34.11
C LEU A 515 51.18 36.28 -33.93
N GLN A 516 50.41 35.26 -34.29
CA GLN A 516 48.96 35.37 -34.31
C GLN A 516 48.27 34.56 -33.21
N LEU A 517 48.90 33.47 -32.79
CA LEU A 517 48.25 32.53 -31.86
C LEU A 517 49.24 31.81 -30.97
N VAL A 518 48.84 31.54 -29.73
CA VAL A 518 49.62 30.69 -28.84
C VAL A 518 48.75 29.53 -28.35
N VAL A 519 49.11 28.32 -28.76
CA VAL A 519 48.39 27.11 -28.39
C VAL A 519 48.97 26.45 -27.15
N VAL A 520 48.12 26.23 -26.14
CA VAL A 520 48.57 25.69 -24.86
C VAL A 520 48.00 24.31 -24.54
N ILE A 521 48.83 23.28 -24.61
CA ILE A 521 48.40 21.92 -24.32
C ILE A 521 48.37 21.67 -22.81
N LEU A 522 47.21 21.30 -22.29
CA LEU A 522 47.03 21.06 -20.86
C LEU A 522 46.73 19.59 -20.54
N PRO A 523 47.27 19.10 -19.42
CA PRO A 523 47.10 17.72 -18.94
C PRO A 523 45.83 17.49 -18.12
N GLY A 524 44.78 18.27 -18.38
CA GLY A 524 43.54 18.15 -17.63
C GLY A 524 43.23 19.35 -16.75
N LYS A 525 42.45 19.13 -15.69
CA LYS A 525 42.07 20.23 -14.81
C LYS A 525 43.27 20.81 -14.07
N THR A 526 43.54 22.10 -14.31
CA THR A 526 44.72 22.74 -13.72
C THR A 526 44.57 24.26 -13.62
N PRO A 527 45.15 24.88 -12.57
CA PRO A 527 45.20 26.34 -12.41
C PRO A 527 46.01 27.03 -13.51
N VAL A 528 46.75 26.20 -14.26
CA VAL A 528 47.55 26.68 -15.38
C VAL A 528 46.64 27.35 -16.39
N TYR A 529 45.47 26.76 -16.63
CA TYR A 529 44.52 27.30 -17.59
C TYR A 529 44.20 28.73 -17.16
N ALA A 530 43.88 28.90 -15.88
CA ALA A 530 43.51 30.20 -15.32
C ALA A 530 44.63 31.22 -15.50
N GLU A 531 45.88 30.80 -15.31
CA GLU A 531 47.00 31.73 -15.51
C GLU A 531 47.21 32.07 -16.99
N VAL A 532 46.96 31.09 -17.85
CA VAL A 532 47.08 31.26 -19.29
C VAL A 532 46.07 32.31 -19.73
N LYS A 533 44.88 32.25 -19.14
CA LYS A 533 43.85 33.23 -19.44
C LYS A 533 44.19 34.59 -18.81
N ARG A 534 44.87 34.58 -17.67
CA ARG A 534 45.27 35.84 -17.04
C ARG A 534 46.29 36.60 -17.89
N VAL A 535 47.39 35.92 -18.23
CA VAL A 535 48.45 36.51 -19.04
C VAL A 535 47.97 36.82 -20.46
N GLY A 536 47.16 35.91 -21.00
CA GLY A 536 46.68 36.01 -22.37
C GLY A 536 45.66 37.12 -22.58
N ASP A 537 44.60 37.10 -21.76
CA ASP A 537 43.49 38.03 -21.92
C ASP A 537 43.79 39.43 -21.41
N THR A 538 44.53 39.53 -20.30
CA THR A 538 44.75 40.81 -19.64
C THR A 538 46.10 41.48 -19.90
N VAL A 539 47.20 40.77 -19.67
CA VAL A 539 48.52 41.38 -19.71
C VAL A 539 49.05 41.82 -21.08
N LEU A 540 49.09 40.90 -22.04
CA LEU A 540 49.74 41.18 -23.33
C LEU A 540 48.76 41.37 -24.49
N GLY A 541 47.59 40.75 -24.41
CA GLY A 541 46.60 40.85 -25.46
C GLY A 541 46.93 39.95 -26.63
N MET A 542 47.45 38.77 -26.31
CA MET A 542 47.83 37.77 -27.29
C MET A 542 46.73 36.70 -27.38
N ALA A 543 46.37 36.33 -28.61
CA ALA A 543 45.36 35.30 -28.81
C ALA A 543 45.87 33.92 -28.37
N THR A 544 45.22 33.38 -27.36
CA THR A 544 45.63 32.08 -26.81
C THR A 544 44.51 31.05 -26.99
N GLN A 545 44.91 29.80 -27.24
CA GLN A 545 43.96 28.70 -27.36
C GLN A 545 44.44 27.42 -26.68
N CYS A 546 43.77 27.03 -25.60
CA CYS A 546 44.18 25.84 -24.86
C CYS A 546 43.52 24.59 -25.42
N VAL A 547 44.28 23.49 -25.44
CA VAL A 547 43.80 22.19 -25.90
C VAL A 547 44.14 21.12 -24.87
N GLN A 548 43.17 20.28 -24.49
CA GLN A 548 43.46 19.23 -23.52
C GLN A 548 44.40 18.17 -24.09
N MET A 549 45.16 17.53 -23.20
CA MET A 549 46.22 16.59 -23.56
C MET A 549 45.76 15.42 -24.43
N LYS A 550 44.66 14.79 -24.03
CA LYS A 550 44.16 13.61 -24.73
C LYS A 550 43.79 13.89 -26.19
N ASN A 551 43.29 15.09 -26.46
CA ASN A 551 42.90 15.49 -27.81
C ASN A 551 44.11 15.75 -28.70
N VAL A 552 45.29 15.76 -28.11
CA VAL A 552 46.53 15.90 -28.85
C VAL A 552 47.06 14.51 -29.19
N GLN A 553 46.77 13.57 -28.29
CA GLN A 553 47.18 12.18 -28.46
C GLN A 553 46.31 11.49 -29.52
N ARG A 554 45.00 11.48 -29.27
CA ARG A 554 44.03 10.94 -30.23
C ARG A 554 43.17 12.06 -30.80
N THR A 555 43.22 12.23 -32.12
CA THR A 555 42.57 13.35 -32.79
C THR A 555 41.44 12.95 -33.75
N THR A 556 40.25 13.51 -33.52
CA THR A 556 39.14 13.33 -34.45
C THR A 556 38.93 14.62 -35.24
N PRO A 557 38.52 14.51 -36.51
CA PRO A 557 38.34 15.68 -37.38
C PRO A 557 37.29 16.68 -36.89
N GLN A 558 36.31 16.18 -36.14
CA GLN A 558 35.24 17.02 -35.60
C GLN A 558 35.81 18.01 -34.58
N THR A 559 36.55 17.45 -33.62
CA THR A 559 37.19 18.22 -32.57
C THR A 559 38.09 19.30 -33.15
N LEU A 560 38.93 18.91 -34.11
CA LEU A 560 39.82 19.85 -34.76
C LEU A 560 39.04 20.91 -35.54
N SER A 561 37.88 20.54 -36.07
CA SER A 561 37.06 21.48 -36.81
C SER A 561 36.48 22.57 -35.92
N ASN A 562 35.82 22.16 -34.84
CA ASN A 562 35.28 23.11 -33.88
C ASN A 562 36.39 23.98 -33.29
N LEU A 563 37.52 23.34 -33.04
CA LEU A 563 38.70 24.04 -32.53
C LEU A 563 39.11 25.12 -33.52
N CYS A 564 39.05 24.79 -34.81
CA CYS A 564 39.38 25.76 -35.85
C CYS A 564 38.38 26.91 -35.87
N LEU A 565 37.10 26.60 -35.60
CA LEU A 565 36.10 27.67 -35.44
C LEU A 565 36.52 28.62 -34.32
N LYS A 566 36.93 28.06 -33.20
CA LYS A 566 37.35 28.87 -32.05
C LYS A 566 38.56 29.73 -32.40
N ILE A 567 39.54 29.14 -33.06
CA ILE A 567 40.75 29.85 -33.45
C ILE A 567 40.41 31.01 -34.38
N ASN A 568 39.68 30.69 -35.45
CA ASN A 568 39.29 31.68 -36.45
C ASN A 568 38.49 32.83 -35.86
N VAL A 569 37.71 32.55 -34.82
CA VAL A 569 36.99 33.61 -34.14
C VAL A 569 37.92 34.45 -33.25
N LYS A 570 38.81 33.79 -32.53
CA LYS A 570 39.73 34.48 -31.62
C LYS A 570 40.69 35.43 -32.33
N LEU A 571 40.90 35.22 -33.63
CA LEU A 571 41.87 36.03 -34.38
C LEU A 571 41.20 37.15 -35.18
N GLY A 572 39.91 37.37 -34.95
CA GLY A 572 39.21 38.47 -35.58
C GLY A 572 38.52 38.13 -36.88
N GLY A 573 38.51 36.85 -37.25
CA GLY A 573 37.90 36.42 -38.48
C GLY A 573 36.43 36.13 -38.32
N VAL A 574 35.75 35.88 -39.45
CA VAL A 574 34.32 35.59 -39.43
C VAL A 574 34.05 34.19 -39.95
N ASN A 575 33.58 33.33 -39.06
CA ASN A 575 33.24 31.95 -39.41
C ASN A 575 32.12 31.89 -40.41
N ASN A 576 30.96 32.39 -40.03
CA ASN A 576 29.79 32.41 -40.89
C ASN A 576 28.83 33.55 -40.54
N ILE A 577 28.02 33.95 -41.50
CA ILE A 577 27.05 35.02 -41.28
C ILE A 577 25.64 34.60 -41.68
N LEU A 578 24.65 35.26 -41.11
CA LEU A 578 23.27 35.07 -41.53
C LEU A 578 23.13 35.56 -42.97
N LEU A 579 22.27 34.91 -43.74
CA LEU A 579 22.00 35.33 -45.10
C LEU A 579 21.46 36.76 -45.09
N PRO A 580 22.24 37.72 -45.62
CA PRO A 580 21.92 39.15 -45.57
C PRO A 580 20.51 39.45 -46.06
N GLN A 581 20.16 38.85 -47.19
CA GLN A 581 18.86 39.06 -47.80
C GLN A 581 17.75 38.33 -47.04
N GLY A 582 18.14 37.35 -46.23
CA GLY A 582 17.18 36.58 -45.47
C GLY A 582 17.15 36.98 -44.01
N ARG A 583 16.88 38.26 -43.76
CA ARG A 583 16.81 38.78 -42.39
C ARG A 583 15.54 39.59 -42.17
N PRO A 584 15.04 39.63 -40.92
CA PRO A 584 13.89 40.45 -40.56
C PRO A 584 14.15 41.92 -40.85
N PRO A 585 13.10 42.69 -41.17
CA PRO A 585 13.23 44.10 -41.59
C PRO A 585 13.91 44.99 -40.55
N VAL A 586 14.08 44.49 -39.33
CA VAL A 586 14.77 45.24 -38.28
C VAL A 586 16.19 45.60 -38.72
N PHE A 587 16.76 44.80 -39.60
CA PHE A 587 18.12 45.02 -40.09
C PHE A 587 18.20 46.09 -41.17
N GLN A 588 17.05 46.60 -41.61
CA GLN A 588 17.03 47.64 -42.64
C GLN A 588 17.62 48.94 -42.11
N GLN A 589 17.68 49.04 -40.79
CA GLN A 589 18.31 50.18 -40.12
C GLN A 589 19.38 49.67 -39.15
N PRO A 590 20.40 50.50 -38.86
CA PRO A 590 21.46 50.15 -37.91
C PRO A 590 20.92 49.72 -36.55
N VAL A 591 21.17 48.46 -36.18
CA VAL A 591 20.68 47.91 -34.92
C VAL A 591 21.77 47.15 -34.19
N ILE A 592 21.86 47.33 -32.88
CA ILE A 592 22.85 46.65 -32.06
C ILE A 592 22.19 45.62 -31.15
N PHE A 593 22.84 44.47 -30.99
CA PHE A 593 22.33 43.41 -30.14
C PHE A 593 23.17 43.24 -28.87
N LEU A 594 22.52 43.28 -27.72
CA LEU A 594 23.21 43.20 -26.43
C LEU A 594 22.83 41.94 -25.67
N GLY A 595 23.81 41.33 -25.00
CA GLY A 595 23.54 40.17 -24.16
C GLY A 595 24.07 40.38 -22.75
N ALA A 596 23.30 39.98 -21.74
CA ALA A 596 23.73 40.21 -20.37
C ALA A 596 23.47 39.02 -19.45
N ASP A 597 24.44 38.67 -18.63
CA ASP A 597 24.26 37.60 -17.65
C ASP A 597 25.08 37.89 -16.39
N VAL A 598 24.69 37.31 -15.27
CA VAL A 598 25.43 37.52 -14.01
C VAL A 598 25.80 36.19 -13.38
N THR A 599 27.00 36.12 -12.82
CA THR A 599 27.48 34.92 -12.14
C THR A 599 27.85 35.23 -10.68
N HIS A 600 27.48 34.33 -9.76
CA HIS A 600 27.71 34.55 -8.34
C HIS A 600 28.72 33.54 -7.80
N PRO A 601 29.48 33.94 -6.76
CA PRO A 601 30.50 33.10 -6.11
C PRO A 601 29.92 31.88 -5.38
N PRO A 602 30.77 30.89 -5.08
CA PRO A 602 30.36 29.74 -4.27
C PRO A 602 29.95 30.16 -2.86
N LYS A 607 32.70 34.34 0.76
CA LYS A 607 32.26 35.67 0.37
C LYS A 607 33.22 36.34 -0.62
N LYS A 608 32.73 36.57 -1.83
CA LYS A 608 33.48 37.25 -2.88
C LYS A 608 32.50 38.01 -3.79
N PRO A 609 32.98 39.06 -4.46
CA PRO A 609 32.15 39.85 -5.39
C PRO A 609 31.56 39.02 -6.53
N SER A 610 30.31 39.31 -6.89
CA SER A 610 29.67 38.66 -8.03
C SER A 610 30.14 39.38 -9.27
N ILE A 611 29.88 38.82 -10.45
CA ILE A 611 30.30 39.51 -11.68
C ILE A 611 29.25 39.53 -12.77
N ALA A 612 29.00 40.73 -13.30
CA ALA A 612 28.02 40.90 -14.37
C ALA A 612 28.73 41.12 -15.71
N ALA A 613 28.23 40.47 -16.75
CA ALA A 613 28.85 40.54 -18.07
C ALA A 613 27.84 40.96 -19.14
N VAL A 614 28.22 41.99 -19.90
CA VAL A 614 27.40 42.48 -21.01
C VAL A 614 28.21 42.59 -22.30
N VAL A 615 27.76 41.87 -23.33
CA VAL A 615 28.39 41.86 -24.63
C VAL A 615 27.52 42.59 -25.65
N GLY A 616 28.13 42.98 -26.77
CA GLY A 616 27.41 43.71 -27.80
C GLY A 616 27.94 43.45 -29.20
N SER A 617 27.02 43.29 -30.16
CA SER A 617 27.38 43.05 -31.55
C SER A 617 28.14 44.24 -32.13
N MET A 618 29.06 43.95 -33.06
CA MET A 618 29.93 44.98 -33.62
C MET A 618 29.86 45.03 -35.14
N ASP A 619 28.89 44.32 -35.71
CA ASP A 619 28.63 44.43 -37.14
C ASP A 619 27.16 44.14 -37.47
N ALA A 620 26.84 44.15 -38.76
CA ALA A 620 25.47 44.02 -39.23
C ALA A 620 25.19 42.61 -39.73
N HIS A 621 26.08 41.67 -39.40
CA HIS A 621 25.95 40.30 -39.88
C HIS A 621 24.86 39.53 -39.12
N PRO A 622 24.83 39.56 -37.78
CA PRO A 622 25.77 40.04 -36.76
C PRO A 622 26.62 38.89 -36.17
N ASN A 623 27.91 38.90 -36.50
CA ASN A 623 28.78 37.81 -36.08
C ASN A 623 29.72 38.20 -34.96
N ARG A 624 30.33 39.37 -35.08
CA ARG A 624 31.35 39.84 -34.14
C ARG A 624 30.79 40.55 -32.91
N TYR A 625 31.30 40.16 -31.73
CA TYR A 625 30.85 40.77 -30.48
C TYR A 625 32.02 41.30 -29.64
N CYS A 626 31.79 42.38 -28.91
CA CYS A 626 32.76 42.91 -27.97
C CYS A 626 32.22 42.72 -26.55
N ALA A 627 33.12 42.43 -25.61
CA ALA A 627 32.72 42.07 -24.27
C ALA A 627 33.09 43.11 -23.21
N THR A 628 32.12 43.44 -22.36
CA THR A 628 32.39 44.28 -21.20
C THR A 628 32.02 43.51 -19.94
N VAL A 629 32.88 43.57 -18.92
CA VAL A 629 32.65 42.82 -17.70
C VAL A 629 32.90 43.66 -16.45
N ARG A 630 32.03 43.53 -15.46
CA ARG A 630 32.18 44.28 -14.23
C ARG A 630 32.03 43.39 -12.98
N VAL A 631 32.53 43.92 -11.86
CA VAL A 631 32.39 43.28 -10.56
C VAL A 631 31.30 43.98 -9.75
N GLN A 632 30.64 43.23 -8.87
CA GLN A 632 29.48 43.73 -8.14
C GLN A 632 29.30 43.14 -6.76
N GLN A 633 28.32 43.70 -6.06
CA GLN A 633 27.91 43.26 -4.72
C GLN A 633 27.57 41.78 -4.74
N HIS A 634 27.74 41.13 -3.59
CA HIS A 634 27.51 39.69 -3.47
C HIS A 634 26.08 39.29 -3.80
N ARG A 635 25.96 38.42 -4.80
CA ARG A 635 24.68 37.84 -5.22
C ARG A 635 23.64 38.89 -5.60
N GLN A 636 24.11 40.02 -6.12
CA GLN A 636 23.21 41.05 -6.64
C GLN A 636 23.06 40.87 -8.14
N GLU A 637 21.91 40.35 -8.56
CA GLU A 637 21.67 40.05 -9.96
C GLU A 637 21.46 41.32 -10.78
N ILE A 638 20.98 42.37 -10.13
CA ILE A 638 20.73 43.64 -10.80
C ILE A 638 22.06 44.29 -11.18
N ILE A 639 22.31 44.38 -12.49
CA ILE A 639 23.55 44.94 -12.99
C ILE A 639 23.67 46.44 -12.71
N GLN A 640 24.55 46.77 -11.77
CA GLN A 640 24.69 48.14 -11.28
C GLN A 640 25.27 49.09 -12.32
N ASP A 641 26.49 48.82 -12.76
CA ASP A 641 27.21 49.74 -13.64
C ASP A 641 26.84 49.56 -15.11
N LEU A 642 25.71 48.88 -15.36
CA LEU A 642 25.27 48.55 -16.71
C LEU A 642 25.39 49.71 -17.69
N ALA A 643 24.92 50.87 -17.25
CA ALA A 643 24.95 52.08 -18.06
C ALA A 643 26.32 52.26 -18.70
N ALA A 644 27.34 52.36 -17.85
CA ALA A 644 28.70 52.59 -18.33
C ALA A 644 29.07 51.53 -19.35
N MET A 645 28.77 50.27 -19.01
CA MET A 645 29.11 49.16 -19.89
C MET A 645 28.48 49.39 -21.24
N VAL A 646 27.17 49.68 -21.23
CA VAL A 646 26.43 49.90 -22.46
C VAL A 646 27.13 50.99 -23.27
N ARG A 647 27.49 52.07 -22.57
CA ARG A 647 28.15 53.20 -23.21
C ARG A 647 29.32 52.70 -24.03
N GLU A 648 30.22 51.95 -23.37
CA GLU A 648 31.41 51.45 -24.04
C GLU A 648 30.99 50.75 -25.33
N LEU A 649 30.09 49.80 -25.19
CA LEU A 649 29.67 48.98 -26.32
C LEU A 649 29.15 49.90 -27.42
N LEU A 650 28.27 50.82 -27.05
CA LEU A 650 27.69 51.72 -28.03
C LEU A 650 28.80 52.45 -28.76
N ILE A 651 29.71 53.02 -27.99
CA ILE A 651 30.83 53.75 -28.57
C ILE A 651 31.56 52.82 -29.51
N GLN A 652 31.89 51.64 -29.01
CA GLN A 652 32.66 50.68 -29.78
C GLN A 652 31.92 50.34 -31.07
N PHE A 653 30.60 50.21 -30.95
CA PHE A 653 29.77 49.88 -32.10
C PHE A 653 29.99 50.90 -33.19
N TYR A 654 29.94 52.18 -32.82
CA TYR A 654 30.09 53.24 -33.79
C TYR A 654 31.47 53.12 -34.43
N LYS A 655 32.47 52.84 -33.60
CA LYS A 655 33.85 52.77 -34.04
C LYS A 655 34.00 51.64 -35.04
N SER A 656 33.15 50.62 -34.90
CA SER A 656 33.25 49.46 -35.76
C SER A 656 32.32 49.57 -36.96
N THR A 657 31.31 50.43 -36.87
CA THR A 657 30.30 50.46 -37.93
C THR A 657 30.17 51.79 -38.66
N ARG A 658 30.61 52.87 -38.02
CA ARG A 658 30.40 54.23 -38.51
C ARG A 658 28.91 54.50 -38.68
N PHE A 659 28.11 53.79 -37.88
CA PHE A 659 26.67 53.97 -37.83
C PHE A 659 26.20 54.08 -36.38
N LYS A 660 25.19 54.90 -36.15
CA LYS A 660 24.60 55.03 -34.83
C LYS A 660 23.36 54.15 -34.74
N PRO A 661 23.34 53.23 -33.76
CA PRO A 661 22.25 52.27 -33.59
C PRO A 661 20.89 52.94 -33.42
N THR A 662 19.98 52.71 -34.37
CA THR A 662 18.63 53.24 -34.25
C THR A 662 17.79 52.34 -33.35
N ARG A 663 18.27 51.13 -33.12
CA ARG A 663 17.56 50.16 -32.30
C ARG A 663 18.51 49.43 -31.35
N ILE A 664 18.01 49.07 -30.17
CA ILE A 664 18.78 48.29 -29.21
C ILE A 664 18.00 47.06 -28.75
N ILE A 665 18.52 45.87 -29.06
CA ILE A 665 17.89 44.63 -28.65
C ILE A 665 18.66 44.03 -27.47
N PHE A 666 18.04 44.06 -26.30
CA PHE A 666 18.71 43.65 -25.07
C PHE A 666 18.21 42.32 -24.53
N TYR A 667 19.03 41.27 -24.70
CA TYR A 667 18.69 39.95 -24.18
C TYR A 667 19.26 39.75 -22.79
N ARG A 668 18.42 39.91 -21.78
CA ARG A 668 18.85 39.78 -20.40
C ARG A 668 18.67 38.32 -19.98
N ALA A 669 19.75 37.70 -19.52
CA ALA A 669 19.68 36.31 -19.13
C ALA A 669 20.07 36.12 -17.67
N GLY A 670 19.29 35.31 -16.97
CA GLY A 670 19.62 34.97 -15.60
C GLY A 670 18.64 35.55 -14.60
N VAL A 671 17.63 36.28 -15.04
CA VAL A 671 16.71 36.88 -14.07
C VAL A 671 15.38 36.15 -14.07
N SER A 672 14.83 35.94 -12.88
CA SER A 672 13.53 35.27 -12.76
C SER A 672 12.42 36.30 -12.65
N GLU A 673 11.18 35.82 -12.63
CA GLU A 673 10.01 36.69 -12.62
C GLU A 673 9.96 37.68 -11.45
N GLY A 674 10.19 37.19 -10.24
CA GLY A 674 10.11 38.03 -9.05
C GLY A 674 11.09 39.19 -9.02
N GLN A 675 12.03 39.21 -9.95
CA GLN A 675 13.03 40.26 -10.01
C GLN A 675 12.74 41.27 -11.13
N PHE A 676 11.77 40.94 -11.97
CA PHE A 676 11.54 41.70 -13.20
C PHE A 676 11.31 43.19 -12.99
N GLN A 677 10.35 43.49 -12.11
CA GLN A 677 9.99 44.86 -11.76
C GLN A 677 11.24 45.62 -11.34
N GLN A 678 12.08 44.94 -10.57
CA GLN A 678 13.28 45.58 -10.07
C GLN A 678 14.22 45.82 -11.25
N VAL A 679 14.59 44.73 -11.92
CA VAL A 679 15.53 44.80 -13.05
C VAL A 679 15.10 45.76 -14.16
N LEU A 680 13.86 45.61 -14.59
CA LEU A 680 13.29 46.47 -15.63
C LEU A 680 13.35 47.91 -15.18
N HIS A 681 13.18 48.16 -13.89
CA HIS A 681 13.20 49.54 -13.44
C HIS A 681 14.62 50.08 -13.60
N HIS A 682 15.62 49.37 -13.08
CA HIS A 682 16.97 49.93 -13.11
C HIS A 682 17.66 49.84 -14.47
N GLU A 683 17.77 48.61 -14.96
CA GLU A 683 18.59 48.34 -16.13
C GLU A 683 18.11 49.07 -17.37
N LEU A 684 16.81 49.05 -17.61
CA LEU A 684 16.27 49.80 -18.74
C LEU A 684 16.68 51.27 -18.65
N LEU A 685 16.51 51.85 -17.47
CA LEU A 685 16.98 53.22 -17.26
C LEU A 685 18.47 53.29 -17.49
N ALA A 686 19.19 52.30 -16.95
CA ALA A 686 20.64 52.25 -17.10
C ALA A 686 20.97 52.25 -18.58
N ILE A 687 20.19 51.51 -19.37
CA ILE A 687 20.42 51.50 -20.80
C ILE A 687 20.12 52.89 -21.36
N ARG A 688 18.91 53.36 -21.06
CA ARG A 688 18.42 54.66 -21.53
C ARG A 688 19.34 55.79 -21.12
N GLU A 689 19.77 55.78 -19.86
CA GLU A 689 20.74 56.73 -19.34
C GLU A 689 22.01 56.73 -20.19
N ALA A 690 22.51 55.53 -20.51
CA ALA A 690 23.71 55.41 -21.32
C ALA A 690 23.52 56.03 -22.69
N CYS A 691 22.28 56.06 -23.16
CA CYS A 691 21.98 56.66 -24.46
C CYS A 691 21.82 58.17 -24.39
N ILE A 692 21.62 58.72 -23.20
CA ILE A 692 21.43 60.16 -23.07
C ILE A 692 22.75 60.89 -22.80
N LYS A 693 23.53 60.38 -21.87
CA LYS A 693 24.82 60.98 -21.50
C LYS A 693 25.85 60.86 -22.62
N LEU A 694 25.60 59.99 -23.59
CA LEU A 694 26.55 59.78 -24.68
C LEU A 694 26.52 60.92 -25.71
N GLU A 695 25.47 61.02 -26.52
CA GLU A 695 25.39 62.08 -27.54
C GLU A 695 24.02 62.77 -27.55
N LYS A 696 24.00 64.10 -27.59
CA LYS A 696 22.79 64.91 -27.76
C LYS A 696 21.54 64.42 -27.07
N ASP A 697 20.51 64.27 -27.90
CA ASP A 697 19.19 63.80 -27.51
C ASP A 697 18.93 62.55 -28.34
N TYR A 698 19.85 61.60 -28.21
CA TYR A 698 19.80 60.36 -28.96
C TYR A 698 19.14 59.24 -28.16
N GLN A 699 17.91 58.91 -28.55
CA GLN A 699 17.13 57.91 -27.86
C GLN A 699 16.59 56.88 -28.85
N PRO A 700 17.35 55.79 -29.05
CA PRO A 700 16.93 54.69 -29.91
C PRO A 700 15.95 53.77 -29.20
N GLY A 701 15.20 52.98 -29.95
CA GLY A 701 14.24 52.08 -29.36
C GLY A 701 14.89 50.90 -28.66
N ILE A 702 14.58 50.75 -27.37
CA ILE A 702 15.10 49.64 -26.59
C ILE A 702 14.08 48.49 -26.55
N THR A 703 14.55 47.28 -26.82
CA THR A 703 13.70 46.11 -26.71
C THR A 703 14.24 45.17 -25.64
N PHE A 704 13.73 45.34 -24.41
CA PHE A 704 14.18 44.56 -23.26
C PHE A 704 13.47 43.22 -23.21
N ILE A 705 14.25 42.15 -23.40
CA ILE A 705 13.76 40.78 -23.41
C ILE A 705 14.49 39.95 -22.35
N VAL A 706 13.76 39.08 -21.66
CA VAL A 706 14.36 38.21 -20.67
C VAL A 706 14.36 36.73 -21.07
N VAL A 707 15.55 36.16 -21.15
CA VAL A 707 15.72 34.75 -21.47
C VAL A 707 15.71 33.89 -20.21
N GLN A 708 15.10 32.72 -20.28
CA GLN A 708 14.98 31.84 -19.12
C GLN A 708 15.04 30.38 -19.54
N LYS A 709 16.09 29.69 -19.10
CA LYS A 709 16.24 28.28 -19.40
C LYS A 709 15.73 27.43 -18.24
N ARG A 710 15.61 28.07 -17.07
CA ARG A 710 15.19 27.38 -15.85
C ARG A 710 13.70 27.56 -15.61
N HIS A 711 12.90 26.60 -16.05
CA HIS A 711 11.47 26.63 -15.79
C HIS A 711 10.86 25.24 -15.94
N HIS A 712 9.68 25.05 -15.38
CA HIS A 712 9.03 23.75 -15.40
C HIS A 712 8.01 23.61 -16.52
N THR A 713 8.38 24.03 -17.72
CA THR A 713 7.49 23.89 -18.87
C THR A 713 8.03 22.90 -19.88
N ARG A 714 7.24 21.86 -20.17
CA ARG A 714 7.64 20.85 -21.13
C ARG A 714 6.68 20.81 -22.30
N LEU A 715 7.17 20.39 -23.47
CA LEU A 715 6.35 20.28 -24.66
C LEU A 715 6.55 18.95 -25.36
N PHE A 716 5.45 18.30 -25.75
CA PHE A 716 5.55 16.99 -26.39
C PHE A 716 4.76 16.96 -27.70
N CYS A 717 5.26 16.18 -28.65
CA CYS A 717 4.56 16.00 -29.93
C CYS A 717 3.33 15.12 -29.83
N THR A 718 2.20 15.64 -30.31
CA THR A 718 0.96 14.89 -30.33
C THR A 718 1.04 13.73 -31.33
N ASP A 719 1.54 14.02 -32.53
CA ASP A 719 1.76 13.00 -33.53
C ASP A 719 3.05 12.23 -33.26
N LYS A 720 2.98 10.92 -33.32
CA LYS A 720 4.13 10.07 -33.04
C LYS A 720 5.22 10.25 -34.09
N ASN A 721 4.80 10.61 -35.30
CA ASN A 721 5.70 10.84 -36.42
C ASN A 721 6.46 12.15 -36.34
N GLU A 722 5.97 13.06 -35.50
CA GLU A 722 6.57 14.37 -35.36
C GLU A 722 7.73 14.35 -34.37
N ARG A 723 7.87 13.23 -33.67
CA ARG A 723 8.96 13.06 -32.71
C ARG A 723 10.29 13.07 -33.46
N VAL A 724 11.29 13.67 -32.84
CA VAL A 724 12.60 13.83 -33.47
C VAL A 724 13.70 13.12 -32.71
N GLY A 725 14.40 12.21 -33.39
CA GLY A 725 15.54 11.53 -32.80
C GLY A 725 15.16 10.47 -31.79
N LYS A 726 16.18 9.90 -31.16
CA LYS A 726 15.99 8.89 -30.13
C LYS A 726 15.24 9.44 -28.93
N SER A 727 15.56 10.67 -28.55
CA SER A 727 14.91 11.33 -27.42
C SER A 727 13.44 11.61 -27.71
N GLY A 728 13.10 11.69 -29.00
CA GLY A 728 11.73 11.90 -29.42
C GLY A 728 11.20 13.26 -28.99
N ASN A 729 12.07 14.27 -29.05
CA ASN A 729 11.70 15.62 -28.66
C ASN A 729 11.11 16.41 -29.82
N ILE A 730 10.62 17.61 -29.52
CA ILE A 730 10.07 18.49 -30.53
C ILE A 730 11.20 19.01 -31.43
N PRO A 731 10.89 19.25 -32.72
CA PRO A 731 11.90 19.71 -33.67
C PRO A 731 12.43 21.10 -33.32
N ALA A 732 13.71 21.34 -33.60
CA ALA A 732 14.35 22.62 -33.26
C ALA A 732 13.69 23.77 -34.01
N GLY A 733 13.21 24.75 -33.26
CA GLY A 733 12.55 25.91 -33.84
C GLY A 733 11.09 25.98 -33.43
N THR A 734 10.71 25.12 -32.49
CA THR A 734 9.31 25.02 -32.07
C THR A 734 8.89 26.22 -31.24
N THR A 735 7.88 26.96 -31.70
CA THR A 735 7.46 28.17 -31.01
C THR A 735 6.02 28.08 -30.51
N VAL A 736 5.82 28.47 -29.25
CA VAL A 736 4.50 28.46 -28.64
C VAL A 736 4.24 29.77 -27.92
N ASP A 737 3.27 30.54 -28.40
CA ASP A 737 2.89 31.78 -27.75
C ASP A 737 1.39 31.85 -27.49
N THR A 738 0.79 30.69 -27.21
CA THR A 738 -0.65 30.66 -26.96
C THR A 738 -0.99 29.72 -25.81
N LYS A 739 -2.21 29.90 -25.29
CA LYS A 739 -2.78 29.01 -24.28
C LYS A 739 -1.99 28.92 -22.98
N ILE A 740 -0.73 28.51 -23.05
CA ILE A 740 0.05 28.31 -21.84
C ILE A 740 0.90 29.53 -21.48
N THR A 741 0.82 30.57 -22.31
CA THR A 741 1.62 31.77 -22.10
C THR A 741 0.81 32.80 -21.29
N HIS A 742 1.46 33.91 -20.96
CA HIS A 742 0.85 34.95 -20.12
C HIS A 742 -0.40 35.52 -20.79
N PRO A 743 -1.45 35.78 -19.99
CA PRO A 743 -2.74 36.26 -20.50
C PRO A 743 -2.65 37.60 -21.24
N THR A 744 -1.90 38.56 -20.70
CA THR A 744 -1.87 39.90 -21.26
C THR A 744 -0.50 40.32 -21.80
N GLU A 745 0.56 39.90 -21.13
CA GLU A 745 1.90 40.40 -21.44
C GLU A 745 2.54 39.69 -22.62
N PHE A 746 3.68 40.22 -23.06
CA PHE A 746 4.38 39.74 -24.25
C PHE A 746 5.43 38.69 -23.92
N ASP A 747 5.05 37.41 -24.02
CA ASP A 747 6.00 36.33 -23.78
C ASP A 747 5.77 35.17 -24.75
N PHE A 748 6.81 34.37 -24.97
CA PHE A 748 6.70 33.20 -25.83
C PHE A 748 7.77 32.14 -25.54
N TYR A 749 7.41 30.88 -25.75
CA TYR A 749 8.36 29.78 -25.66
C TYR A 749 8.98 29.46 -27.01
N LEU A 750 10.29 29.22 -27.01
CA LEU A 750 11.01 28.83 -28.21
C LEU A 750 12.02 27.73 -27.93
N CYS A 751 11.78 26.56 -28.49
CA CYS A 751 12.76 25.48 -28.48
C CYS A 751 13.58 25.59 -29.76
N SER A 752 14.77 26.16 -29.64
CA SER A 752 15.61 26.47 -30.79
C SER A 752 16.70 25.44 -31.03
N HIS A 753 16.77 24.42 -30.18
CA HIS A 753 17.82 23.42 -30.28
C HIS A 753 17.24 22.01 -30.38
N ALA A 754 18.01 21.11 -30.99
CA ALA A 754 17.61 19.71 -31.09
C ALA A 754 18.01 18.96 -29.84
N GLY A 755 17.08 18.20 -29.28
CA GLY A 755 17.34 17.44 -28.07
C GLY A 755 18.26 16.26 -28.33
N ILE A 756 19.46 16.32 -27.77
CA ILE A 756 20.41 15.23 -27.91
C ILE A 756 20.08 14.09 -26.96
N GLN A 757 19.73 14.45 -25.73
CA GLN A 757 19.40 13.45 -24.71
C GLN A 757 18.23 13.93 -23.86
N GLY A 758 17.46 12.97 -23.34
CA GLY A 758 16.37 13.28 -22.43
C GLY A 758 15.25 14.10 -23.04
N THR A 759 14.78 15.09 -22.28
CA THR A 759 13.70 15.97 -22.75
C THR A 759 14.14 17.43 -22.81
N SER A 760 13.98 18.03 -23.98
CA SER A 760 14.40 19.41 -24.23
C SER A 760 13.74 20.42 -23.30
N ARG A 761 14.49 21.45 -22.92
CA ARG A 761 13.95 22.58 -22.18
C ARG A 761 13.77 23.79 -23.11
N PRO A 762 12.53 24.04 -23.54
CA PRO A 762 12.24 25.16 -24.43
C PRO A 762 12.53 26.50 -23.77
N SER A 763 13.40 27.30 -24.38
CA SER A 763 13.82 28.57 -23.79
C SER A 763 12.68 29.57 -23.75
N HIS A 764 12.45 30.19 -22.59
CA HIS A 764 11.37 31.15 -22.45
C HIS A 764 11.83 32.59 -22.63
N TYR A 765 11.10 33.34 -23.44
CA TYR A 765 11.44 34.73 -23.69
C TYR A 765 10.30 35.64 -23.25
N HIS A 766 10.59 36.55 -22.32
CA HIS A 766 9.57 37.45 -21.81
C HIS A 766 9.98 38.89 -22.12
N VAL A 767 9.26 39.52 -23.05
CA VAL A 767 9.56 40.89 -23.42
C VAL A 767 9.10 41.88 -22.35
N LEU A 768 10.04 42.41 -21.60
CA LEU A 768 9.72 43.35 -20.53
C LEU A 768 9.59 44.77 -21.04
N TRP A 769 10.11 45.03 -22.24
CA TRP A 769 9.98 46.35 -22.84
C TRP A 769 10.18 46.31 -24.36
N ASP A 770 9.51 47.19 -25.08
CA ASP A 770 9.65 47.22 -26.53
C ASP A 770 9.27 48.58 -27.10
N ASP A 771 10.29 49.36 -27.45
CA ASP A 771 10.11 50.67 -28.06
C ASP A 771 10.03 50.59 -29.57
N ASN A 772 10.52 49.50 -30.14
CA ASN A 772 10.59 49.38 -31.59
C ASN A 772 9.25 48.86 -32.10
N ARG A 773 8.41 48.44 -31.16
CA ARG A 773 7.11 47.85 -31.44
C ARG A 773 7.22 46.70 -32.43
N PHE A 774 7.93 45.65 -32.01
CA PHE A 774 8.06 44.44 -32.80
C PHE A 774 6.74 43.69 -32.92
N SER A 775 6.59 42.95 -34.01
CA SER A 775 5.50 41.99 -34.13
C SER A 775 5.99 40.66 -33.56
N SER A 776 5.06 39.77 -33.24
CA SER A 776 5.43 38.46 -32.71
C SER A 776 6.34 37.70 -33.67
N ASP A 777 5.90 37.58 -34.92
CA ASP A 777 6.65 36.85 -35.94
C ASP A 777 8.05 37.41 -36.12
N GLU A 778 8.17 38.73 -36.24
CA GLU A 778 9.46 39.36 -36.51
C GLU A 778 10.45 39.14 -35.37
N LEU A 779 9.98 39.29 -34.13
CA LEU A 779 10.85 39.15 -32.98
C LEU A 779 11.24 37.69 -32.74
N GLN A 780 10.27 36.78 -32.91
CA GLN A 780 10.54 35.35 -32.75
C GLN A 780 11.53 34.84 -33.79
N ILE A 781 11.30 35.23 -35.04
CA ILE A 781 12.20 34.86 -36.14
C ILE A 781 13.57 35.46 -35.91
N LEU A 782 13.61 36.71 -35.44
CA LEU A 782 14.87 37.38 -35.13
C LEU A 782 15.64 36.61 -34.07
N THR A 783 14.95 36.20 -33.01
CA THR A 783 15.58 35.44 -31.93
C THR A 783 16.12 34.10 -32.43
N TYR A 784 15.26 33.34 -33.09
CA TYR A 784 15.63 32.03 -33.61
C TYR A 784 16.78 32.13 -34.61
N GLN A 785 16.89 33.30 -35.25
CA GLN A 785 17.93 33.54 -36.24
C GLN A 785 19.24 33.92 -35.55
N LEU A 786 19.12 34.63 -34.44
CA LEU A 786 20.27 34.98 -33.62
C LEU A 786 20.79 33.76 -32.86
N CYS A 787 19.97 32.71 -32.81
CA CYS A 787 20.38 31.43 -32.24
C CYS A 787 21.29 30.63 -33.17
N HIS A 788 21.47 31.13 -34.38
CA HIS A 788 22.30 30.46 -35.38
C HIS A 788 23.64 31.15 -35.60
N THR A 789 23.85 32.27 -34.91
CA THR A 789 25.08 33.04 -35.04
C THR A 789 26.12 32.62 -34.00
N TYR A 790 25.86 31.52 -33.32
CA TYR A 790 26.80 30.98 -32.34
C TYR A 790 28.01 30.41 -33.10
N VAL A 791 29.19 30.91 -32.78
CA VAL A 791 30.39 30.65 -33.57
C VAL A 791 31.23 29.48 -33.09
N ARG A 792 30.79 28.79 -32.05
CA ARG A 792 31.58 27.71 -31.48
C ARG A 792 31.18 26.35 -32.04
N CYS A 793 30.05 26.33 -32.76
CA CYS A 793 29.60 25.08 -33.38
C CYS A 793 28.66 25.33 -34.55
N THR A 794 28.56 24.34 -35.43
CA THR A 794 27.68 24.43 -36.59
C THR A 794 26.28 23.94 -36.25
N ARG A 795 25.76 24.39 -35.11
CA ARG A 795 24.45 23.96 -34.64
C ARG A 795 23.63 25.16 -34.16
N SER A 796 22.34 24.91 -33.94
CA SER A 796 21.47 25.91 -33.34
C SER A 796 21.47 25.70 -31.83
N VAL A 797 21.70 26.78 -31.08
CA VAL A 797 21.79 26.69 -29.63
C VAL A 797 20.46 27.02 -28.96
N SER A 798 20.33 26.67 -27.69
CA SER A 798 19.07 26.81 -26.96
C SER A 798 18.70 28.27 -26.70
N ILE A 799 19.70 29.10 -26.47
CA ILE A 799 19.49 30.52 -26.23
C ILE A 799 20.25 31.34 -27.27
N PRO A 800 19.82 32.59 -27.51
CA PRO A 800 20.49 33.45 -28.49
C PRO A 800 21.98 33.63 -28.22
N ALA A 801 22.75 33.88 -29.28
CA ALA A 801 24.19 34.04 -29.17
C ALA A 801 24.64 35.13 -28.19
N PRO A 802 23.97 36.31 -28.18
CA PRO A 802 24.44 37.32 -27.22
C PRO A 802 24.39 36.86 -25.76
N ALA A 803 23.30 36.24 -25.34
CA ALA A 803 23.15 35.77 -23.97
C ALA A 803 24.20 34.71 -23.63
N TYR A 804 24.38 33.76 -24.55
CA TYR A 804 25.37 32.70 -24.39
C TYR A 804 26.76 33.31 -24.22
N TYR A 805 27.09 34.25 -25.09
CA TYR A 805 28.37 34.95 -25.04
C TYR A 805 28.54 35.66 -23.70
N ALA A 806 27.47 36.28 -23.22
CA ALA A 806 27.51 36.98 -21.94
C ALA A 806 27.83 36.00 -20.82
N HIS A 807 27.19 34.83 -20.86
CA HIS A 807 27.47 33.77 -19.89
C HIS A 807 28.92 33.35 -19.96
N LEU A 808 29.46 33.22 -21.17
CA LEU A 808 30.85 32.81 -21.35
C LEU A 808 31.82 33.86 -20.83
N VAL A 809 31.48 35.13 -21.01
CA VAL A 809 32.32 36.23 -20.53
C VAL A 809 32.34 36.29 -19.02
N ALA A 810 31.16 36.14 -18.43
CA ALA A 810 31.05 36.11 -16.98
C ALA A 810 31.83 34.94 -16.40
N PHE A 811 31.60 33.76 -16.95
CA PHE A 811 32.25 32.55 -16.46
C PHE A 811 33.76 32.59 -16.73
N ARG A 812 34.17 33.39 -17.71
CA ARG A 812 35.59 33.60 -18.00
C ARG A 812 36.24 34.53 -16.99
N ALA A 813 35.53 35.59 -16.62
CA ALA A 813 35.99 36.56 -15.63
C ALA A 813 36.07 35.94 -14.24
N ARG A 814 35.41 34.80 -14.08
CA ARG A 814 35.47 34.00 -12.86
C ARG A 814 36.87 33.47 -12.56
N TYR A 815 37.63 33.16 -13.60
CA TYR A 815 38.95 32.58 -13.43
C TYR A 815 39.98 33.67 -13.13
N HIS A 816 39.62 34.90 -13.46
CA HIS A 816 40.54 36.03 -13.28
C HIS A 816 40.63 36.46 -11.82
N ASP A 838 39.90 45.63 -0.56
CA ASP A 838 40.40 44.58 -1.43
C ASP A 838 39.52 44.45 -2.68
N HIS A 839 38.34 45.06 -2.63
CA HIS A 839 37.39 45.00 -3.72
C HIS A 839 37.84 45.82 -4.94
N GLN A 840 38.30 47.04 -4.70
CA GLN A 840 38.76 47.90 -5.77
C GLN A 840 40.04 47.38 -6.41
N ALA A 841 40.75 46.51 -5.69
CA ALA A 841 41.94 45.87 -6.22
C ALA A 841 41.58 44.79 -7.23
N LEU A 842 40.63 43.93 -6.85
CA LEU A 842 40.17 42.85 -7.72
C LEU A 842 39.30 43.37 -8.85
N ALA A 843 38.82 44.61 -8.72
CA ALA A 843 37.97 45.23 -9.72
C ALA A 843 38.70 45.42 -11.04
N LYS A 844 40.02 45.58 -10.97
CA LYS A 844 40.85 45.79 -12.15
C LYS A 844 41.39 44.49 -12.72
N ALA A 845 41.12 43.39 -12.03
CA ALA A 845 41.55 42.07 -12.48
C ALA A 845 40.74 41.57 -13.68
N VAL A 846 39.49 42.00 -13.79
CA VAL A 846 38.63 41.55 -14.88
C VAL A 846 38.79 42.43 -16.13
N GLN A 847 39.47 43.57 -15.98
CA GLN A 847 39.71 44.45 -17.11
C GLN A 847 40.67 43.82 -18.11
N VAL A 848 40.13 43.34 -19.23
CA VAL A 848 40.93 42.68 -20.25
C VAL A 848 41.84 43.66 -21.00
N HIS A 849 42.71 43.11 -21.85
CA HIS A 849 43.73 43.89 -22.53
C HIS A 849 43.18 44.82 -23.61
N GLN A 850 44.01 45.78 -24.01
CA GLN A 850 43.68 46.76 -25.02
C GLN A 850 43.37 46.06 -26.34
N ASP A 851 44.20 45.10 -26.71
CA ASP A 851 44.04 44.36 -27.95
C ASP A 851 43.04 43.21 -27.80
N THR A 852 42.91 42.71 -26.58
CA THR A 852 41.98 41.63 -26.29
C THR A 852 40.54 42.11 -26.39
N LEU A 853 40.32 43.36 -26.01
CA LEU A 853 39.01 44.00 -26.08
C LEU A 853 38.41 43.88 -27.48
N ARG A 854 39.23 44.11 -28.49
CA ARG A 854 38.75 44.13 -29.87
C ARG A 854 38.65 42.72 -30.44
N THR A 855 38.55 41.72 -29.57
CA THR A 855 38.44 40.33 -30.00
C THR A 855 37.38 39.56 -29.21
N MET A 856 37.11 38.33 -29.63
CA MET A 856 36.19 37.45 -28.91
C MET A 856 36.97 36.37 -28.18
N TYR A 857 37.73 36.79 -27.18
CA TYR A 857 38.56 35.89 -26.37
C TYR A 857 37.75 34.86 -25.59
N PHE A 858 36.54 35.24 -25.21
CA PHE A 858 35.68 34.41 -24.38
C PHE A 858 35.18 33.13 -25.06
N ALA A 859 35.21 33.11 -26.39
CA ALA A 859 34.79 31.93 -27.14
C ALA A 859 35.70 30.73 -26.85
N ALA B 22 -29.20 2.49 10.16
CA ALA B 22 -28.48 1.31 10.60
C ALA B 22 -29.26 0.54 11.65
N PHE B 23 -30.58 0.65 11.59
CA PHE B 23 -31.46 0.00 12.56
C PHE B 23 -32.28 -1.13 11.94
N LYS B 24 -33.03 -0.82 10.90
CA LYS B 24 -33.97 -1.78 10.33
C LYS B 24 -33.45 -2.43 9.05
N PRO B 25 -33.48 -3.77 9.01
CA PRO B 25 -33.10 -4.57 7.84
C PRO B 25 -34.08 -4.37 6.69
N PRO B 26 -33.60 -4.50 5.44
CA PRO B 26 -34.48 -4.28 4.29
C PRO B 26 -35.47 -5.43 4.10
N PRO B 27 -36.68 -5.13 3.62
CA PRO B 27 -37.72 -6.13 3.34
C PRO B 27 -37.39 -6.91 2.07
N ARG B 28 -37.96 -8.09 1.91
CA ARG B 28 -37.69 -8.90 0.72
C ARG B 28 -38.16 -8.15 -0.53
N PRO B 29 -37.21 -7.85 -1.42
CA PRO B 29 -37.48 -7.09 -2.65
C PRO B 29 -38.38 -7.85 -3.60
N ASP B 30 -38.05 -9.10 -3.88
CA ASP B 30 -38.81 -9.92 -4.80
C ASP B 30 -38.57 -11.40 -4.53
N PHE B 31 -39.17 -12.24 -5.36
CA PHE B 31 -38.93 -13.68 -5.32
C PHE B 31 -38.20 -14.11 -6.58
N GLY B 32 -37.13 -14.89 -6.40
CA GLY B 32 -36.29 -15.28 -7.51
C GLY B 32 -37.02 -16.12 -8.54
N THR B 33 -36.66 -15.94 -9.81
CA THR B 33 -37.27 -16.71 -10.89
C THR B 33 -36.21 -17.30 -11.81
N SER B 34 -34.95 -17.11 -11.44
CA SER B 34 -33.83 -17.62 -12.23
C SER B 34 -33.53 -19.08 -11.93
N GLY B 35 -33.14 -19.82 -12.95
CA GLY B 35 -32.78 -21.23 -12.78
C GLY B 35 -33.92 -22.20 -13.01
N ARG B 36 -33.60 -23.48 -13.10
CA ARG B 36 -34.64 -24.49 -13.34
C ARG B 36 -35.26 -24.97 -12.02
N THR B 37 -36.58 -25.14 -12.02
CA THR B 37 -37.27 -25.53 -10.80
C THR B 37 -37.06 -27.00 -10.47
N ILE B 38 -36.93 -27.29 -9.17
CA ILE B 38 -36.75 -28.66 -8.71
C ILE B 38 -37.57 -28.88 -7.44
N LYS B 39 -38.51 -29.83 -7.49
CA LYS B 39 -39.40 -30.08 -6.37
C LYS B 39 -38.61 -30.54 -5.14
N LEU B 40 -38.76 -29.82 -4.03
CA LEU B 40 -38.00 -30.16 -2.83
C LEU B 40 -38.88 -30.38 -1.61
N GLN B 41 -38.29 -30.97 -0.57
CA GLN B 41 -38.94 -31.10 0.72
C GLN B 41 -37.99 -30.66 1.82
N ALA B 42 -38.45 -29.75 2.66
CA ALA B 42 -37.66 -29.28 3.79
C ALA B 42 -38.12 -29.94 5.07
N ASN B 43 -37.22 -29.95 6.06
CA ASN B 43 -37.46 -30.55 7.36
C ASN B 43 -38.22 -29.62 8.29
N PHE B 44 -39.08 -28.80 7.71
CA PHE B 44 -39.95 -27.93 8.47
C PHE B 44 -41.34 -28.54 8.47
N PHE B 45 -42.03 -28.46 9.60
CA PHE B 45 -43.38 -29.02 9.66
C PHE B 45 -44.41 -27.96 10.03
N GLU B 46 -45.37 -27.76 9.14
CA GLU B 46 -46.34 -26.68 9.30
C GLU B 46 -47.10 -26.79 10.61
N MET B 47 -47.23 -25.67 11.30
CA MET B 47 -47.91 -25.64 12.58
C MET B 47 -49.18 -24.81 12.45
N ASP B 48 -50.27 -25.31 12.99
CA ASP B 48 -51.52 -24.56 12.99
C ASP B 48 -51.70 -23.94 14.36
N ILE B 49 -51.63 -22.62 14.40
CA ILE B 49 -51.65 -21.89 15.66
C ILE B 49 -52.83 -20.94 15.73
N PRO B 50 -53.61 -21.04 16.81
CA PRO B 50 -54.81 -20.22 17.04
C PRO B 50 -54.50 -18.75 17.25
N LYS B 51 -55.54 -17.93 17.28
CA LYS B 51 -55.41 -16.50 17.47
C LYS B 51 -55.57 -16.12 18.94
N ILE B 52 -55.59 -17.14 19.80
CA ILE B 52 -55.83 -16.96 21.23
C ILE B 52 -54.65 -16.27 21.92
N ASP B 53 -54.93 -15.57 23.01
CA ASP B 53 -53.88 -14.94 23.82
C ASP B 53 -53.39 -15.85 24.94
N ILE B 54 -52.08 -16.11 24.99
CA ILE B 54 -51.52 -16.91 26.08
C ILE B 54 -51.00 -15.99 27.17
N TYR B 55 -51.05 -16.47 28.41
CA TYR B 55 -50.76 -15.65 29.58
C TYR B 55 -49.41 -15.99 30.21
N HIS B 56 -48.56 -14.99 30.40
CA HIS B 56 -47.21 -15.22 30.91
C HIS B 56 -47.03 -14.87 32.40
N TYR B 57 -46.34 -15.75 33.11
CA TYR B 57 -46.10 -15.60 34.55
C TYR B 57 -44.65 -15.86 34.92
N GLU B 58 -44.16 -15.09 35.90
CA GLU B 58 -42.83 -15.29 36.48
C GLU B 58 -42.90 -16.16 37.74
N LEU B 59 -41.96 -17.09 37.84
CA LEU B 59 -41.82 -17.93 39.03
C LEU B 59 -40.60 -17.48 39.84
N ASP B 60 -40.65 -17.69 41.15
CA ASP B 60 -39.52 -17.39 42.02
C ASP B 60 -39.25 -18.54 42.99
N ILE B 61 -38.08 -19.14 42.87
CA ILE B 61 -37.68 -20.23 43.76
C ILE B 61 -36.41 -19.90 44.51
N CYS B 66 -31.18 -24.30 41.92
CA CYS B 66 -31.72 -25.63 41.65
C CYS B 66 -31.72 -25.93 40.15
N PRO B 67 -31.40 -27.18 39.78
CA PRO B 67 -31.40 -27.61 38.38
C PRO B 67 -32.78 -27.50 37.74
N ARG B 68 -32.80 -27.32 36.42
CA ARG B 68 -34.05 -27.07 35.70
C ARG B 68 -35.04 -28.23 35.80
N ARG B 69 -34.55 -29.46 35.72
CA ARG B 69 -35.44 -30.62 35.81
C ARG B 69 -36.11 -30.68 37.18
N VAL B 70 -35.32 -30.38 38.22
CA VAL B 70 -35.84 -30.30 39.58
C VAL B 70 -36.94 -29.24 39.67
N ASN B 71 -36.71 -28.12 38.99
CA ASN B 71 -37.72 -27.06 38.92
C ASN B 71 -39.00 -27.59 38.27
N ARG B 72 -38.84 -28.37 37.21
CA ARG B 72 -39.98 -28.98 36.52
C ARG B 72 -40.76 -29.89 37.48
N GLU B 73 -40.02 -30.64 38.29
CA GLU B 73 -40.65 -31.52 39.29
C GLU B 73 -41.42 -30.70 40.32
N ILE B 74 -40.80 -29.65 40.82
CA ILE B 74 -41.43 -28.75 41.79
C ILE B 74 -42.72 -28.17 41.22
N VAL B 75 -42.68 -27.76 39.95
CA VAL B 75 -43.86 -27.22 39.30
C VAL B 75 -44.95 -28.28 39.15
N GLU B 76 -44.55 -29.51 38.83
CA GLU B 76 -45.50 -30.61 38.70
C GLU B 76 -46.22 -30.87 40.00
N HIS B 77 -45.44 -30.95 41.08
CA HIS B 77 -45.98 -31.13 42.42
C HIS B 77 -46.89 -29.97 42.84
N MET B 78 -46.48 -28.75 42.50
CA MET B 78 -47.25 -27.56 42.85
C MET B 78 -48.59 -27.57 42.11
N VAL B 79 -48.55 -28.16 40.92
CA VAL B 79 -49.75 -28.28 40.09
C VAL B 79 -50.69 -29.31 40.70
N GLN B 80 -50.17 -30.46 41.12
CA GLN B 80 -51.07 -31.49 41.63
C GLN B 80 -51.60 -31.06 43.00
N HIS B 81 -50.79 -30.31 43.74
CA HIS B 81 -51.17 -29.91 45.09
C HIS B 81 -52.05 -28.65 45.10
N PHE B 82 -52.16 -27.97 43.96
CA PHE B 82 -52.98 -26.74 43.98
C PHE B 82 -54.04 -26.71 42.89
N LYS B 83 -54.59 -27.88 42.55
CA LYS B 83 -55.63 -27.96 41.52
C LYS B 83 -56.97 -27.47 42.06
N THR B 84 -57.14 -27.54 43.38
CA THR B 84 -58.38 -27.11 44.02
C THR B 84 -58.51 -25.59 44.03
N GLN B 85 -57.38 -24.90 44.07
CA GLN B 85 -57.36 -23.45 44.13
C GLN B 85 -57.23 -22.81 42.75
N ILE B 86 -56.30 -23.33 41.97
CA ILE B 86 -56.03 -22.80 40.64
C ILE B 86 -55.93 -23.93 39.60
N PHE B 87 -55.58 -23.58 38.36
CA PHE B 87 -55.37 -24.56 37.28
C PHE B 87 -56.64 -25.33 36.94
N GLY B 88 -57.74 -24.61 36.81
CA GLY B 88 -59.02 -25.22 36.48
C GLY B 88 -59.09 -25.72 35.05
N LYS B 91 -53.43 -26.39 33.31
CA LYS B 91 -52.34 -27.14 32.71
C LYS B 91 -51.36 -26.21 31.99
N PRO B 92 -50.38 -25.69 32.74
CA PRO B 92 -49.37 -24.76 32.27
C PRO B 92 -48.13 -25.45 31.70
N VAL B 93 -47.32 -24.71 30.96
CA VAL B 93 -46.06 -25.23 30.46
C VAL B 93 -44.89 -24.48 31.09
N PHE B 94 -43.74 -25.13 31.16
CA PHE B 94 -42.60 -24.55 31.87
C PHE B 94 -41.30 -24.76 31.10
N ASP B 95 -40.49 -23.70 31.02
CA ASP B 95 -39.21 -23.75 30.33
C ASP B 95 -38.10 -24.11 31.30
N GLY B 96 -38.41 -23.96 32.59
CA GLY B 96 -37.42 -24.02 33.65
C GLY B 96 -37.07 -22.61 34.10
N ARG B 97 -36.49 -22.51 35.28
CA ARG B 97 -36.06 -21.24 35.87
C ARG B 97 -37.22 -20.29 36.21
N LYS B 98 -37.28 -19.14 35.55
CA LYS B 98 -38.29 -18.13 35.90
C LYS B 98 -39.54 -17.97 35.03
N ASN B 99 -39.54 -18.50 33.81
CA ASN B 99 -40.68 -18.27 32.92
C ASN B 99 -41.70 -19.42 32.85
N LEU B 100 -42.98 -19.07 32.98
CA LEU B 100 -44.08 -20.04 32.90
C LEU B 100 -45.20 -19.47 32.03
N TYR B 101 -45.84 -20.32 31.23
CA TYR B 101 -46.94 -19.87 30.39
C TYR B 101 -48.21 -20.69 30.60
N THR B 102 -49.36 -20.05 30.40
CA THR B 102 -50.65 -20.75 30.48
C THR B 102 -51.54 -20.41 29.29
N ALA B 103 -52.37 -21.36 28.88
CA ALA B 103 -53.32 -21.12 27.80
C ALA B 103 -54.47 -20.24 28.29
N MET B 104 -55.02 -20.60 29.45
CA MET B 104 -56.10 -19.85 30.07
C MET B 104 -55.60 -19.03 31.25
N PRO B 105 -56.29 -17.91 31.55
CA PRO B 105 -55.88 -17.05 32.66
C PRO B 105 -56.13 -17.72 34.01
N LEU B 106 -55.65 -17.12 35.08
CA LEU B 106 -55.78 -17.68 36.42
C LEU B 106 -56.22 -16.61 37.41
N PRO B 107 -56.69 -17.02 38.60
CA PRO B 107 -57.04 -15.96 39.57
C PRO B 107 -55.77 -15.36 40.16
N ILE B 108 -55.30 -14.30 39.53
CA ILE B 108 -54.08 -13.62 39.94
C ILE B 108 -54.12 -12.14 39.57
N GLY B 109 -53.03 -11.43 39.88
CA GLY B 109 -52.88 -10.04 39.50
C GLY B 109 -51.41 -9.72 39.37
N ARG B 110 -51.10 -8.46 39.10
CA ARG B 110 -49.71 -8.03 39.02
C ARG B 110 -48.99 -8.20 40.36
N ASP B 111 -49.78 -8.28 41.44
CA ASP B 111 -49.25 -8.50 42.78
C ASP B 111 -48.60 -9.88 42.90
N LYS B 112 -47.57 -9.99 43.73
CA LYS B 112 -46.85 -11.24 43.90
C LYS B 112 -47.66 -12.21 44.77
N VAL B 113 -47.81 -13.45 44.30
CA VAL B 113 -48.53 -14.49 45.04
C VAL B 113 -47.64 -15.66 45.46
N GLU B 114 -47.26 -15.72 46.73
CA GLU B 114 -46.32 -16.73 47.21
C GLU B 114 -47.00 -17.87 47.99
N LEU B 115 -46.50 -19.09 47.76
CA LEU B 115 -47.03 -20.28 48.43
C LEU B 115 -45.93 -21.30 48.73
N GLU B 116 -46.31 -22.42 49.37
CA GLU B 116 -45.35 -23.43 49.79
C GLU B 116 -45.72 -24.87 49.38
N VAL B 117 -44.71 -25.64 48.99
CA VAL B 117 -44.90 -27.06 48.65
C VAL B 117 -43.79 -27.91 49.27
N THR B 118 -43.97 -29.23 49.30
CA THR B 118 -42.96 -30.10 49.88
C THR B 118 -42.69 -31.35 49.03
N LEU B 119 -41.40 -31.58 48.77
CA LEU B 119 -40.95 -32.76 48.03
C LEU B 119 -40.02 -33.62 48.86
N PRO B 120 -40.44 -34.85 49.18
CA PRO B 120 -39.62 -35.77 49.99
C PRO B 120 -38.33 -36.17 49.29
N ILE B 127 -39.31 -29.84 49.97
CA ILE B 127 -39.38 -28.78 50.96
C ILE B 127 -39.00 -27.44 50.32
N PHE B 128 -39.95 -26.83 49.61
CA PHE B 128 -39.67 -25.59 48.89
C PHE B 128 -40.78 -24.53 49.03
N LYS B 129 -40.41 -23.29 48.74
CA LYS B 129 -41.33 -22.16 48.73
C LYS B 129 -41.29 -21.44 47.38
N VAL B 130 -42.41 -21.43 46.68
CA VAL B 130 -42.47 -20.90 45.31
C VAL B 130 -43.35 -19.65 45.22
N SER B 131 -42.91 -18.66 44.45
CA SER B 131 -43.67 -17.43 44.27
C SER B 131 -44.11 -17.20 42.83
N ILE B 132 -45.42 -17.19 42.60
CA ILE B 132 -45.99 -16.97 41.27
C ILE B 132 -46.52 -15.55 41.11
N LYS B 133 -46.08 -14.86 40.07
CA LYS B 133 -46.55 -13.49 39.80
C LYS B 133 -46.88 -13.33 38.33
N TRP B 134 -47.99 -12.67 38.02
CA TRP B 134 -48.34 -12.34 36.65
C TRP B 134 -47.32 -11.40 36.01
N VAL B 135 -47.10 -11.55 34.71
CA VAL B 135 -46.19 -10.65 34.00
C VAL B 135 -46.86 -9.93 32.83
N SER B 136 -47.16 -10.66 31.76
CA SER B 136 -47.71 -10.04 30.56
C SER B 136 -48.57 -10.99 29.75
N CYS B 137 -49.31 -10.43 28.79
CA CYS B 137 -50.11 -11.23 27.88
C CYS B 137 -49.42 -11.31 26.51
N VAL B 138 -49.40 -12.51 25.94
CA VAL B 138 -48.79 -12.72 24.63
C VAL B 138 -49.85 -13.09 23.59
N SER B 139 -50.25 -12.11 22.79
CA SER B 139 -51.28 -12.31 21.76
C SER B 139 -50.72 -13.01 20.52
N LEU B 140 -51.41 -14.05 20.07
CA LEU B 140 -51.03 -14.78 18.86
C LEU B 140 -51.67 -14.17 17.61
N GLN B 141 -52.60 -13.25 17.80
CA GLN B 141 -53.18 -12.49 16.69
C GLN B 141 -52.11 -11.58 16.11
N ALA B 142 -51.31 -11.03 17.00
CA ALA B 142 -50.18 -10.19 16.61
C ALA B 142 -49.15 -11.02 15.85
N LEU B 143 -49.12 -12.32 16.11
CA LEU B 143 -48.24 -13.21 15.39
C LEU B 143 -48.72 -13.43 13.95
N HIS B 144 -50.03 -13.56 13.78
CA HIS B 144 -50.58 -13.68 12.43
C HIS B 144 -50.39 -12.39 11.66
N ASP B 145 -50.49 -11.28 12.37
CA ASP B 145 -50.27 -9.97 11.76
C ASP B 145 -48.78 -9.75 11.46
N ALA B 146 -47.92 -10.42 12.22
CA ALA B 146 -46.48 -10.29 12.04
C ALA B 146 -45.96 -11.15 10.90
N LEU B 147 -46.52 -12.34 10.75
CA LEU B 147 -46.13 -13.23 9.67
C LEU B 147 -46.66 -12.66 8.36
N SER B 148 -47.87 -12.11 8.41
CA SER B 148 -48.44 -11.41 7.27
C SER B 148 -47.81 -10.02 7.16
N GLY B 149 -48.27 -9.24 6.17
CA GLY B 149 -47.69 -7.95 5.90
C GLY B 149 -48.07 -6.86 6.89
N ARG B 150 -49.00 -7.18 7.77
CA ARG B 150 -49.55 -6.19 8.71
C ARG B 150 -48.50 -5.66 9.69
N LEU B 151 -48.01 -6.52 10.58
CA LEU B 151 -47.01 -6.10 11.55
C LEU B 151 -45.62 -6.45 11.03
N PRO B 152 -44.70 -5.47 11.03
CA PRO B 152 -43.35 -5.69 10.49
C PRO B 152 -42.45 -6.52 11.40
N SER B 153 -42.62 -6.38 12.72
CA SER B 153 -41.75 -7.08 13.66
C SER B 153 -42.38 -8.40 14.11
N VAL B 154 -41.59 -9.47 14.10
CA VAL B 154 -42.05 -10.74 14.64
C VAL B 154 -41.63 -10.83 16.09
N PRO B 155 -42.60 -10.79 17.02
CA PRO B 155 -42.32 -10.81 18.45
C PRO B 155 -41.51 -12.02 18.90
N PHE B 156 -40.27 -11.80 19.33
CA PHE B 156 -39.39 -12.89 19.73
C PHE B 156 -39.92 -13.63 20.94
N GLU B 157 -40.54 -12.88 21.85
CA GLU B 157 -41.10 -13.45 23.08
C GLU B 157 -42.21 -14.45 22.80
N THR B 158 -42.97 -14.18 21.74
CA THR B 158 -44.05 -15.07 21.32
C THR B 158 -43.46 -16.39 20.82
N ILE B 159 -42.46 -16.29 19.96
CA ILE B 159 -41.75 -17.45 19.43
C ILE B 159 -41.13 -18.26 20.56
N GLN B 160 -40.52 -17.57 21.52
CA GLN B 160 -39.95 -18.21 22.70
C GLN B 160 -41.02 -18.99 23.45
N ALA B 161 -42.17 -18.36 23.65
CA ALA B 161 -43.29 -18.98 24.35
C ALA B 161 -43.75 -20.26 23.66
N LEU B 162 -43.98 -20.16 22.35
CA LEU B 162 -44.39 -21.30 21.55
C LEU B 162 -43.37 -22.43 21.64
N ASP B 163 -42.09 -22.04 21.60
CA ASP B 163 -40.99 -22.99 21.72
C ASP B 163 -41.04 -23.71 23.06
N VAL B 164 -41.34 -22.97 24.11
CA VAL B 164 -41.47 -23.53 25.45
C VAL B 164 -42.61 -24.52 25.50
N VAL B 165 -43.73 -24.18 24.87
CA VAL B 165 -44.89 -25.05 24.79
C VAL B 165 -44.53 -26.36 24.10
N MET B 166 -43.90 -26.26 22.94
CA MET B 166 -43.52 -27.43 22.15
C MET B 166 -42.43 -28.26 22.83
N ARG B 167 -41.68 -27.63 23.75
CA ARG B 167 -40.57 -28.30 24.41
C ARG B 167 -40.96 -28.87 25.76
N HIS B 168 -42.13 -28.50 26.27
CA HIS B 168 -42.54 -28.90 27.61
C HIS B 168 -42.63 -30.42 27.75
N LEU B 169 -43.16 -31.09 26.73
CA LEU B 169 -43.32 -32.54 26.75
C LEU B 169 -41.99 -33.31 26.64
N PRO B 170 -41.17 -33.05 25.60
CA PRO B 170 -39.96 -33.88 25.49
C PRO B 170 -38.88 -33.54 26.53
N SER B 171 -39.02 -32.41 27.20
CA SER B 171 -38.08 -32.01 28.24
C SER B 171 -38.19 -32.92 29.45
N MET B 172 -39.34 -33.56 29.60
CA MET B 172 -39.59 -34.47 30.71
C MET B 172 -39.56 -35.93 30.26
N ARG B 173 -40.03 -36.18 29.05
CA ARG B 173 -40.09 -37.55 28.55
C ARG B 173 -38.70 -38.00 28.07
N TYR B 174 -37.99 -37.10 27.40
CA TYR B 174 -36.65 -37.41 26.90
C TYR B 174 -35.56 -36.83 27.79
N THR B 175 -34.31 -37.03 27.37
CA THR B 175 -33.15 -36.52 28.08
C THR B 175 -32.54 -35.35 27.31
N PRO B 176 -32.84 -34.12 27.73
CA PRO B 176 -32.44 -32.90 27.01
C PRO B 176 -30.94 -32.64 27.07
N VAL B 177 -30.36 -32.33 25.91
CA VAL B 177 -28.96 -31.92 25.82
C VAL B 177 -28.86 -30.68 24.93
N GLY B 178 -28.44 -29.57 25.53
CA GLY B 178 -28.43 -28.28 24.86
C GLY B 178 -29.85 -27.89 24.51
N ARG B 179 -30.16 -27.82 23.22
CA ARG B 179 -31.52 -27.54 22.79
C ARG B 179 -32.09 -28.73 22.03
N SER B 180 -31.43 -29.86 22.16
CA SER B 180 -31.88 -31.09 21.52
C SER B 180 -32.40 -32.06 22.58
N PHE B 181 -33.01 -33.16 22.14
CA PHE B 181 -33.51 -34.17 23.04
C PHE B 181 -33.03 -35.55 22.64
N PHE B 182 -32.49 -36.29 23.60
CA PHE B 182 -31.94 -37.61 23.34
C PHE B 182 -32.67 -38.70 24.13
N THR B 183 -32.33 -39.94 23.80
CA THR B 183 -32.91 -41.11 24.46
C THR B 183 -32.00 -42.30 24.17
N ALA B 184 -32.23 -43.42 24.85
CA ALA B 184 -31.38 -44.59 24.65
C ALA B 184 -31.70 -45.23 23.30
N SER B 185 -31.18 -46.42 23.07
CA SER B 185 -31.29 -47.04 21.75
C SER B 185 -32.49 -48.00 21.63
N SER B 189 -29.02 -51.59 21.23
CA SER B 189 -28.04 -50.74 21.88
C SER B 189 -26.75 -50.63 21.07
N ASN B 190 -26.56 -49.49 20.42
CA ASN B 190 -25.35 -49.26 19.64
C ASN B 190 -24.18 -49.00 20.57
N PRO B 191 -23.22 -49.93 20.62
CA PRO B 191 -22.11 -49.85 21.58
C PRO B 191 -20.89 -49.12 21.04
N LEU B 192 -19.94 -48.84 21.93
CA LEU B 192 -18.66 -48.24 21.53
C LEU B 192 -17.50 -48.99 22.16
N GLY B 193 -17.80 -49.90 23.08
CA GLY B 193 -16.76 -50.67 23.72
C GLY B 193 -16.25 -50.17 25.06
N GLY B 194 -15.83 -48.91 25.13
CA GLY B 194 -15.24 -48.39 26.35
C GLY B 194 -16.26 -48.00 27.40
N GLY B 195 -17.27 -48.84 27.56
CA GLY B 195 -18.35 -48.61 28.51
C GLY B 195 -19.29 -47.54 27.98
N ARG B 196 -19.08 -47.21 26.71
CA ARG B 196 -19.82 -46.15 26.04
C ARG B 196 -20.85 -46.73 25.07
N GLU B 197 -21.84 -45.93 24.71
CA GLU B 197 -22.79 -46.32 23.68
C GLU B 197 -23.34 -45.11 22.93
N VAL B 198 -24.01 -45.37 21.82
CA VAL B 198 -24.50 -44.32 20.94
C VAL B 198 -25.99 -44.05 21.16
N TRP B 199 -26.29 -42.85 21.63
CA TRP B 199 -27.65 -42.41 21.79
C TRP B 199 -28.08 -41.52 20.64
N PHE B 200 -29.27 -41.76 20.11
CA PHE B 200 -29.80 -40.92 19.04
C PHE B 200 -30.76 -39.90 19.63
N GLY B 201 -30.93 -38.81 18.92
CA GLY B 201 -31.80 -37.73 19.37
C GLY B 201 -32.19 -36.82 18.24
N PHE B 202 -32.87 -35.74 18.57
CA PHE B 202 -33.32 -34.80 17.54
C PHE B 202 -33.33 -33.38 18.09
N HIS B 203 -33.20 -32.41 17.20
CA HIS B 203 -33.27 -31.01 17.59
C HIS B 203 -34.51 -30.37 16.98
N GLN B 204 -35.36 -29.84 17.85
CA GLN B 204 -36.55 -29.14 17.43
C GLN B 204 -36.44 -27.66 17.80
N SER B 205 -37.08 -26.81 17.00
CA SER B 205 -37.07 -25.38 17.26
C SER B 205 -38.18 -24.71 16.45
N VAL B 206 -38.95 -23.87 17.12
CA VAL B 206 -40.06 -23.19 16.48
C VAL B 206 -39.57 -21.97 15.70
N ARG B 207 -39.86 -21.97 14.41
CA ARG B 207 -39.41 -20.92 13.50
C ARG B 207 -40.57 -20.23 12.79
N PRO B 208 -40.40 -18.92 12.50
CA PRO B 208 -41.41 -18.20 11.74
C PRO B 208 -41.24 -18.43 10.23
N SER B 209 -42.35 -18.37 9.50
CA SER B 209 -42.34 -18.48 8.05
C SER B 209 -43.23 -17.42 7.43
N LEU B 210 -43.37 -17.47 6.11
CA LEU B 210 -44.11 -16.45 5.37
C LEU B 210 -45.56 -16.33 5.86
N TRP B 211 -46.27 -17.45 5.93
CA TRP B 211 -47.67 -17.43 6.35
C TRP B 211 -48.01 -18.39 7.49
N LYS B 212 -47.17 -19.39 7.70
CA LYS B 212 -47.46 -20.43 8.67
C LYS B 212 -46.27 -20.73 9.54
N MET B 213 -46.47 -20.66 10.85
CA MET B 213 -45.40 -21.01 11.79
C MET B 213 -44.94 -22.42 11.48
N MET B 214 -43.64 -22.65 11.59
CA MET B 214 -43.07 -23.94 11.24
C MET B 214 -42.27 -24.55 12.39
N LEU B 215 -42.21 -25.88 12.39
CA LEU B 215 -41.44 -26.59 13.40
C LEU B 215 -40.23 -27.22 12.74
N ASN B 216 -39.07 -26.64 13.00
CA ASN B 216 -37.81 -27.13 12.45
C ASN B 216 -37.28 -28.31 13.24
N ILE B 217 -37.07 -29.44 12.57
CA ILE B 217 -36.59 -30.63 13.25
C ILE B 217 -35.49 -31.31 12.44
N ASP B 218 -34.37 -31.57 13.10
CA ASP B 218 -33.24 -32.24 12.45
C ASP B 218 -32.61 -33.23 13.41
N VAL B 219 -32.47 -34.48 12.97
CA VAL B 219 -31.96 -35.52 13.85
C VAL B 219 -30.46 -35.38 14.09
N SER B 220 -29.99 -35.99 15.16
CA SER B 220 -28.57 -36.00 15.51
C SER B 220 -28.28 -37.15 16.45
N ALA B 221 -27.01 -37.31 16.83
CA ALA B 221 -26.60 -38.39 17.70
C ALA B 221 -25.38 -38.02 18.53
N THR B 222 -25.20 -38.69 19.67
CA THR B 222 -24.04 -38.44 20.50
C THR B 222 -23.68 -39.68 21.33
N ALA B 223 -22.65 -39.54 22.15
CA ALA B 223 -22.14 -40.68 22.92
C ALA B 223 -22.40 -40.55 24.42
N PHE B 224 -23.11 -41.53 24.96
CA PHE B 224 -23.38 -41.59 26.39
C PHE B 224 -22.60 -42.73 27.02
N TYR B 225 -22.59 -42.78 28.35
CA TYR B 225 -21.96 -43.89 29.06
C TYR B 225 -22.96 -45.02 29.26
N LYS B 226 -22.59 -46.22 28.86
CA LYS B 226 -23.48 -47.38 28.92
C LYS B 226 -23.86 -47.67 30.37
N ALA B 227 -25.16 -47.81 30.61
CA ALA B 227 -25.67 -48.11 31.94
C ALA B 227 -25.38 -49.55 32.32
N GLN B 228 -24.24 -49.78 32.96
CA GLN B 228 -23.80 -51.12 33.31
C GLN B 228 -23.06 -51.13 34.64
N PRO B 229 -22.98 -52.30 35.29
CA PRO B 229 -22.19 -52.46 36.51
C PRO B 229 -20.74 -52.07 36.28
N VAL B 230 -20.11 -51.43 37.26
CA VAL B 230 -18.73 -50.97 37.12
C VAL B 230 -17.80 -52.17 36.88
N ILE B 231 -18.23 -53.35 37.34
CA ILE B 231 -17.49 -54.58 37.08
C ILE B 231 -17.38 -54.86 35.58
N GLU B 232 -18.49 -54.69 34.89
CA GLU B 232 -18.55 -54.90 33.45
C GLU B 232 -17.95 -53.70 32.72
N PHE B 233 -17.98 -52.55 33.37
CA PHE B 233 -17.33 -51.37 32.86
C PHE B 233 -15.83 -51.65 32.77
N VAL B 234 -15.30 -52.25 33.83
CA VAL B 234 -13.91 -52.70 33.89
C VAL B 234 -13.65 -53.75 32.83
N CYS B 235 -14.59 -54.70 32.69
CA CYS B 235 -14.45 -55.75 31.68
C CYS B 235 -14.31 -55.16 30.28
N GLU B 236 -15.13 -54.15 29.98
CA GLU B 236 -15.13 -53.54 28.66
C GLU B 236 -13.89 -52.66 28.44
N VAL B 237 -13.47 -51.96 29.49
CA VAL B 237 -12.32 -51.07 29.41
C VAL B 237 -11.01 -51.85 29.28
N LEU B 238 -10.87 -52.88 30.11
CA LEU B 238 -9.63 -53.65 30.16
C LEU B 238 -9.62 -54.85 29.21
N ASP B 239 -10.55 -54.84 28.25
CA ASP B 239 -10.66 -55.90 27.25
C ASP B 239 -10.81 -57.30 27.86
N PHE B 240 -11.64 -57.40 28.88
CA PHE B 240 -11.94 -58.68 29.53
C PHE B 240 -13.19 -59.30 28.92
N LYS B 241 -13.15 -60.61 28.66
CA LYS B 241 -14.33 -61.30 28.17
C LYS B 241 -15.38 -61.25 29.26
N SER B 242 -14.93 -61.49 30.49
CA SER B 242 -15.79 -61.48 31.65
C SER B 242 -14.97 -61.05 32.85
N ILE B 243 -15.64 -60.81 33.97
CA ILE B 243 -14.94 -60.53 35.21
C ILE B 243 -14.20 -61.80 35.61
N GLU B 244 -13.33 -61.62 36.60
CA GLU B 244 -12.39 -62.57 37.15
C GLU B 244 -11.35 -63.02 36.15
N GLU B 245 -11.35 -62.41 34.96
CA GLU B 245 -10.26 -62.58 34.00
C GLU B 245 -9.21 -61.94 34.88
N GLN B 246 -7.98 -62.43 35.01
CA GLN B 246 -6.99 -61.65 35.78
C GLN B 246 -7.65 -61.43 37.15
N GLN B 247 -8.08 -62.54 37.74
CA GLN B 247 -8.75 -62.54 39.04
C GLN B 247 -7.80 -62.03 40.10
N LYS B 248 -6.52 -62.24 39.86
CA LYS B 248 -5.49 -61.57 40.64
C LYS B 248 -5.69 -60.05 40.54
N PRO B 249 -5.28 -59.28 41.55
CA PRO B 249 -5.56 -57.83 41.54
C PRO B 249 -5.08 -57.13 40.26
N LEU B 250 -5.68 -55.98 39.95
CA LEU B 250 -5.35 -55.27 38.73
C LEU B 250 -3.94 -54.69 38.80
N THR B 251 -3.23 -54.74 37.68
CA THR B 251 -1.91 -54.09 37.59
C THR B 251 -2.05 -52.57 37.65
N ASP B 252 -0.96 -51.92 38.04
CA ASP B 252 -0.95 -50.47 38.19
C ASP B 252 -1.32 -49.76 36.89
N SER B 253 -0.90 -50.32 35.77
CA SER B 253 -1.21 -49.76 34.46
C SER B 253 -2.70 -49.81 34.20
N GLN B 254 -3.33 -50.91 34.60
CA GLN B 254 -4.77 -51.06 34.48
C GLN B 254 -5.50 -50.17 35.47
N ARG B 255 -4.91 -49.98 36.64
CA ARG B 255 -5.46 -49.04 37.60
C ARG B 255 -5.50 -47.66 36.97
N VAL B 256 -4.44 -47.31 36.25
CA VAL B 256 -4.37 -46.03 35.59
C VAL B 256 -5.38 -45.93 34.45
N LYS B 257 -5.52 -47.00 33.67
CA LYS B 257 -6.45 -47.00 32.54
C LYS B 257 -7.91 -46.86 33.00
N PHE B 258 -8.24 -47.60 34.06
CA PHE B 258 -9.57 -47.60 34.62
C PHE B 258 -9.85 -46.28 35.32
N THR B 259 -8.86 -45.74 36.03
CA THR B 259 -9.04 -44.48 36.73
C THR B 259 -9.26 -43.39 35.69
N LYS B 260 -8.45 -43.42 34.64
CA LYS B 260 -8.54 -42.46 33.54
C LYS B 260 -9.94 -42.52 32.91
N GLU B 261 -10.56 -43.69 32.96
CA GLU B 261 -11.89 -43.84 32.35
C GLU B 261 -13.06 -43.47 33.28
N ILE B 262 -12.92 -43.78 34.57
CA ILE B 262 -14.02 -43.68 35.52
C ILE B 262 -14.07 -42.40 36.38
N LYS B 263 -12.94 -41.70 36.49
CA LYS B 263 -12.87 -40.51 37.34
C LYS B 263 -13.78 -39.36 36.89
N GLY B 264 -14.82 -39.11 37.68
CA GLY B 264 -15.75 -38.02 37.42
C GLY B 264 -17.18 -38.48 37.21
N LEU B 265 -17.36 -39.75 36.87
CA LEU B 265 -18.69 -40.28 36.60
C LEU B 265 -19.50 -40.46 37.88
N LYS B 266 -20.81 -40.57 37.73
CA LYS B 266 -21.72 -40.83 38.85
C LYS B 266 -22.09 -42.31 38.89
N VAL B 267 -22.23 -42.84 40.10
CA VAL B 267 -22.55 -44.24 40.29
C VAL B 267 -23.76 -44.45 41.19
N GLU B 268 -24.43 -45.56 40.92
CA GLU B 268 -25.63 -46.03 41.60
C GLU B 268 -25.24 -47.26 42.42
N ILE B 269 -25.88 -47.39 43.58
CA ILE B 269 -25.62 -48.40 44.59
C ILE B 269 -26.73 -49.46 44.54
N THR B 270 -26.30 -50.71 44.70
CA THR B 270 -27.24 -51.75 45.10
C THR B 270 -26.78 -52.75 46.15
N HIS B 271 -26.79 -52.24 47.38
CA HIS B 271 -26.73 -53.02 48.59
C HIS B 271 -27.70 -52.34 49.58
N CYS B 272 -28.80 -51.86 49.01
CA CYS B 272 -29.89 -51.24 49.78
C CYS B 272 -31.24 -51.59 49.17
N LYS B 276 -31.11 -45.98 44.56
CA LYS B 276 -31.16 -45.66 45.98
C LYS B 276 -30.34 -44.42 46.29
N ARG B 277 -29.02 -44.53 46.14
CA ARG B 277 -28.12 -43.43 46.42
C ARG B 277 -27.10 -43.21 45.32
N LYS B 278 -27.15 -42.03 44.72
CA LYS B 278 -26.19 -41.66 43.70
C LYS B 278 -25.01 -40.93 44.31
N TYR B 279 -23.82 -41.35 43.90
CA TYR B 279 -22.54 -40.79 44.35
C TYR B 279 -21.72 -40.38 43.15
N ARG B 280 -20.62 -39.68 43.40
CA ARG B 280 -19.77 -39.19 42.34
C ARG B 280 -18.36 -39.63 42.66
N VAL B 281 -17.87 -40.53 41.81
CA VAL B 281 -16.53 -41.07 41.92
C VAL B 281 -15.49 -39.99 41.70
N CYS B 282 -14.67 -39.77 42.72
CA CYS B 282 -13.63 -38.77 42.65
C CYS B 282 -12.28 -39.43 42.38
N ASN B 283 -12.13 -40.69 42.78
CA ASN B 283 -10.84 -41.37 42.56
C ASN B 283 -10.94 -42.89 42.62
N VAL B 284 -9.83 -43.57 42.36
CA VAL B 284 -9.79 -45.03 42.46
C VAL B 284 -8.70 -45.46 43.43
N THR B 285 -9.04 -46.38 44.34
CA THR B 285 -8.08 -46.87 45.32
C THR B 285 -6.94 -47.65 44.69
N ARG B 286 -5.76 -47.57 45.31
CA ARG B 286 -4.60 -48.32 44.84
C ARG B 286 -4.60 -49.73 45.44
N ARG B 287 -5.15 -49.84 46.65
CA ARG B 287 -5.16 -51.10 47.38
C ARG B 287 -6.47 -51.86 47.17
N PRO B 288 -6.41 -53.20 47.23
CA PRO B 288 -7.61 -54.03 47.06
C PRO B 288 -8.69 -53.72 48.10
N ALA B 289 -9.89 -54.25 47.87
CA ALA B 289 -11.01 -54.02 48.78
C ALA B 289 -10.78 -54.73 50.11
N SER B 290 -9.91 -55.74 50.09
CA SER B 290 -9.62 -56.54 51.26
C SER B 290 -8.60 -55.86 52.18
N HIS B 291 -7.94 -54.83 51.67
CA HIS B 291 -6.88 -54.17 52.43
C HIS B 291 -7.08 -52.66 52.56
N GLN B 292 -7.98 -52.10 51.76
CA GLN B 292 -8.28 -50.67 51.81
C GLN B 292 -8.93 -50.30 53.14
N THR B 293 -8.26 -49.47 53.94
CA THR B 293 -8.73 -49.18 55.29
C THR B 293 -9.38 -47.81 55.39
N PHE B 294 -10.12 -47.61 56.49
CA PHE B 294 -10.77 -46.33 56.78
C PHE B 294 -11.18 -46.27 58.26
N PRO B 295 -11.31 -45.05 58.80
CA PRO B 295 -11.84 -44.86 60.16
C PRO B 295 -13.30 -45.31 60.25
N LEU B 296 -13.57 -46.33 61.07
CA LEU B 296 -14.90 -46.94 61.10
C LEU B 296 -15.92 -46.03 61.77
N GLN B 297 -15.49 -45.22 62.72
CA GLN B 297 -16.37 -44.29 63.44
C GLN B 297 -17.64 -44.97 63.97
N GLN B 298 -17.46 -45.95 64.86
CA GLN B 298 -18.60 -46.70 65.38
C GLN B 298 -19.45 -45.86 66.33
N GLU B 299 -20.43 -46.52 66.97
CA GLU B 299 -21.39 -45.85 67.82
C GLU B 299 -20.76 -45.07 68.98
N SER B 300 -19.61 -45.54 69.44
CA SER B 300 -18.92 -44.89 70.55
C SER B 300 -18.28 -43.58 70.15
N GLY B 301 -18.18 -43.34 68.85
CA GLY B 301 -17.57 -42.11 68.36
C GLY B 301 -16.07 -42.27 68.20
N GLN B 302 -15.57 -43.43 68.61
CA GLN B 302 -14.16 -43.75 68.49
C GLN B 302 -13.82 -44.39 67.14
N THR B 303 -12.89 -43.79 66.42
CA THR B 303 -12.55 -44.27 65.09
C THR B 303 -11.70 -45.52 65.22
N VAL B 304 -11.90 -46.48 64.33
CA VAL B 304 -11.04 -47.66 64.27
C VAL B 304 -10.67 -47.99 62.83
N GLU B 305 -9.40 -48.36 62.61
CA GLU B 305 -8.93 -48.73 61.28
C GLU B 305 -9.60 -50.03 60.82
N CYS B 306 -10.49 -49.92 59.84
CA CYS B 306 -11.20 -51.10 59.33
C CYS B 306 -11.10 -51.21 57.80
N THR B 307 -10.95 -52.43 57.32
CA THR B 307 -10.89 -52.68 55.89
C THR B 307 -12.30 -52.73 55.29
N VAL B 308 -12.39 -52.34 54.02
CA VAL B 308 -13.68 -52.25 53.33
C VAL B 308 -14.42 -53.59 53.28
N ALA B 309 -13.68 -54.66 52.96
CA ALA B 309 -14.26 -55.99 52.88
C ALA B 309 -14.87 -56.41 54.21
N GLN B 310 -14.16 -56.13 55.30
CA GLN B 310 -14.64 -56.47 56.64
C GLN B 310 -15.87 -55.65 57.00
N TYR B 311 -15.90 -54.40 56.53
CA TYR B 311 -17.04 -53.52 56.79
C TYR B 311 -18.28 -54.07 56.10
N PHE B 312 -18.14 -54.40 54.81
CA PHE B 312 -19.26 -54.95 54.05
C PHE B 312 -19.66 -56.34 54.56
N LYS B 313 -18.71 -57.03 55.19
CA LYS B 313 -19.01 -58.33 55.78
C LYS B 313 -19.82 -58.19 57.06
N ASP B 314 -19.49 -57.18 57.86
CA ASP B 314 -20.16 -56.97 59.14
C ASP B 314 -21.42 -56.11 59.02
N ARG B 315 -21.27 -54.92 58.45
CA ARG B 315 -22.36 -53.96 58.39
C ARG B 315 -23.48 -54.38 57.43
N HIS B 316 -23.13 -54.66 56.18
CA HIS B 316 -24.15 -54.93 55.18
C HIS B 316 -24.37 -56.43 54.97
N LYS B 317 -23.71 -57.24 55.80
CA LYS B 317 -23.82 -58.69 55.72
C LYS B 317 -23.54 -59.18 54.30
N LEU B 318 -22.58 -58.54 53.63
CA LEU B 318 -22.29 -58.83 52.24
C LEU B 318 -20.83 -59.23 52.02
N VAL B 319 -20.64 -60.47 51.57
CA VAL B 319 -19.32 -60.96 51.20
C VAL B 319 -19.00 -60.54 49.78
N LEU B 320 -17.79 -60.03 49.56
CA LEU B 320 -17.39 -59.57 48.24
C LEU B 320 -17.01 -60.73 47.32
N ARG B 321 -17.65 -60.78 46.17
CA ARG B 321 -17.36 -61.81 45.18
C ARG B 321 -15.99 -61.57 44.57
N TYR B 322 -15.62 -60.29 44.49
CA TYR B 322 -14.34 -59.92 43.89
C TYR B 322 -13.58 -58.96 44.83
N PRO B 323 -13.03 -59.49 45.94
CA PRO B 323 -12.34 -58.62 46.90
C PRO B 323 -10.97 -58.13 46.41
N HIS B 324 -10.48 -58.78 45.36
CA HIS B 324 -9.17 -58.48 44.79
C HIS B 324 -9.16 -57.23 43.91
N LEU B 325 -10.35 -56.72 43.61
CA LEU B 325 -10.48 -55.50 42.83
C LEU B 325 -10.43 -54.25 43.69
N PRO B 326 -9.90 -53.15 43.13
CA PRO B 326 -9.84 -51.89 43.88
C PRO B 326 -11.22 -51.28 44.08
N CYS B 327 -11.27 -50.11 44.72
CA CYS B 327 -12.53 -49.46 45.03
C CYS B 327 -12.64 -48.07 44.40
N LEU B 328 -13.88 -47.62 44.19
CA LEU B 328 -14.13 -46.26 43.76
C LEU B 328 -14.33 -45.34 44.96
N GLN B 329 -13.54 -44.28 45.03
CA GLN B 329 -13.68 -43.25 46.05
C GLN B 329 -14.67 -42.20 45.58
N VAL B 330 -15.77 -42.09 46.32
CA VAL B 330 -16.91 -41.22 46.04
C VAL B 330 -17.04 -40.12 47.09
N GLY B 331 -17.95 -39.18 46.85
CA GLY B 331 -18.18 -38.09 47.79
C GLY B 331 -17.03 -37.11 47.80
N GLN B 332 -16.60 -36.68 48.99
CA GLN B 332 -15.56 -35.68 49.08
C GLN B 332 -14.22 -36.37 49.25
N GLU B 333 -13.20 -35.88 48.55
CA GLU B 333 -11.89 -36.52 48.58
C GLU B 333 -11.25 -36.44 49.97
N GLN B 334 -11.63 -35.43 50.74
CA GLN B 334 -11.10 -35.28 52.10
C GLN B 334 -11.77 -36.25 53.06
N LYS B 335 -13.03 -36.59 52.81
CA LYS B 335 -13.72 -37.55 53.66
C LYS B 335 -13.32 -38.93 53.16
N HIS B 336 -13.66 -39.97 53.92
CA HIS B 336 -13.20 -41.31 53.60
C HIS B 336 -14.32 -42.28 53.22
N THR B 337 -14.89 -42.10 52.03
CA THR B 337 -15.97 -42.97 51.59
C THR B 337 -15.56 -43.77 50.34
N TYR B 338 -15.54 -45.09 50.48
CA TYR B 338 -15.09 -45.97 49.39
C TYR B 338 -16.16 -47.01 49.07
N LEU B 339 -16.14 -47.50 47.84
CA LEU B 339 -17.12 -48.49 47.40
C LEU B 339 -16.49 -49.55 46.50
N PRO B 340 -16.69 -50.83 46.81
CA PRO B 340 -16.21 -51.88 45.91
C PRO B 340 -16.89 -51.82 44.55
N LEU B 341 -16.26 -52.36 43.53
CA LEU B 341 -16.77 -52.27 42.16
C LEU B 341 -18.04 -53.08 41.98
N GLU B 342 -18.18 -54.16 42.74
CA GLU B 342 -19.27 -55.11 42.53
C GLU B 342 -20.60 -54.65 43.12
N VAL B 343 -20.61 -53.46 43.71
CA VAL B 343 -21.86 -52.90 44.22
C VAL B 343 -22.18 -51.57 43.54
N CYS B 344 -21.36 -51.19 42.57
CA CYS B 344 -21.54 -49.93 41.86
C CYS B 344 -21.96 -50.15 40.41
N ASN B 345 -22.96 -49.41 39.97
CA ASN B 345 -23.39 -49.42 38.58
C ASN B 345 -23.24 -48.04 37.95
N ILE B 346 -22.91 -47.99 36.67
CA ILE B 346 -22.81 -46.72 35.96
C ILE B 346 -24.20 -46.16 35.69
N VAL B 347 -24.49 -44.98 36.22
CA VAL B 347 -25.82 -44.38 36.04
C VAL B 347 -26.01 -43.93 34.59
N ALA B 348 -27.21 -44.12 34.07
CA ALA B 348 -27.51 -43.75 32.69
C ALA B 348 -27.74 -42.24 32.61
N GLY B 349 -27.63 -41.69 31.41
CA GLY B 349 -27.87 -40.28 31.21
C GLY B 349 -26.62 -39.42 31.31
N GLN B 350 -25.46 -40.08 31.37
CA GLN B 350 -24.19 -39.38 31.48
C GLN B 350 -23.55 -39.22 30.11
N ARG B 351 -23.56 -38.01 29.57
CA ARG B 351 -22.96 -37.78 28.25
C ARG B 351 -21.44 -37.79 28.36
N CYS B 352 -20.78 -38.30 27.32
CA CYS B 352 -19.32 -38.41 27.28
C CYS B 352 -18.67 -37.23 26.59
N ILE B 353 -17.40 -36.98 26.93
CA ILE B 353 -16.63 -35.92 26.30
C ILE B 353 -15.31 -36.47 25.75
N LYS B 354 -14.88 -37.61 26.29
CA LYS B 354 -13.60 -38.24 25.91
C LYS B 354 -13.51 -38.64 24.44
N LYS B 355 -12.28 -38.70 23.93
CA LYS B 355 -12.03 -39.05 22.53
C LYS B 355 -12.35 -40.52 22.24
N LEU B 356 -12.75 -40.81 21.01
CA LEU B 356 -13.10 -42.17 20.59
C LEU B 356 -12.02 -42.81 19.71
N THR B 357 -11.73 -44.09 19.97
CA THR B 357 -10.76 -44.83 19.17
C THR B 357 -11.31 -45.10 17.77
N ASP B 358 -10.52 -45.78 16.93
CA ASP B 358 -10.88 -46.01 15.53
C ASP B 358 -12.22 -46.74 15.35
N ASN B 359 -12.38 -47.85 16.07
CA ASN B 359 -13.61 -48.65 15.98
C ASN B 359 -14.82 -47.89 16.50
N GLN B 360 -14.58 -47.07 17.51
CA GLN B 360 -15.65 -46.31 18.15
C GLN B 360 -16.15 -45.20 17.24
N THR B 361 -15.21 -44.42 16.72
CA THR B 361 -15.53 -43.35 15.79
C THR B 361 -16.16 -43.93 14.52
N SER B 362 -15.68 -45.10 14.11
CA SER B 362 -16.24 -45.83 12.99
C SER B 362 -17.71 -46.14 13.23
N THR B 363 -17.98 -46.83 14.35
CA THR B 363 -19.33 -47.22 14.71
C THR B 363 -20.24 -45.99 14.82
N MET B 364 -19.64 -44.87 15.20
CA MET B 364 -20.37 -43.60 15.24
C MET B 364 -20.76 -43.15 13.83
N ILE B 365 -19.77 -43.00 12.96
CA ILE B 365 -20.01 -42.53 11.61
C ILE B 365 -20.73 -43.58 10.74
N ARG B 366 -20.72 -44.83 11.19
CA ARG B 366 -21.46 -45.89 10.51
C ARG B 366 -22.90 -45.95 11.03
N ALA B 367 -23.26 -44.96 11.84
CA ALA B 367 -24.60 -44.85 12.40
C ALA B 367 -25.08 -43.42 12.31
N THR B 368 -24.21 -42.56 11.80
CA THR B 368 -24.53 -41.15 11.60
C THR B 368 -24.00 -40.74 10.23
N ALA B 369 -24.36 -39.54 9.79
CA ALA B 369 -23.97 -39.03 8.48
C ALA B 369 -24.41 -39.94 7.35
N ARG B 370 -25.61 -40.49 7.45
CA ARG B 370 -26.10 -41.39 6.42
C ARG B 370 -26.47 -40.58 5.19
N SER B 371 -26.86 -41.25 4.12
CA SER B 371 -27.22 -40.57 2.88
C SER B 371 -28.42 -39.65 3.07
N ALA B 372 -28.57 -38.70 2.15
CA ALA B 372 -29.68 -37.74 2.19
C ALA B 372 -31.06 -38.41 2.20
N PRO B 373 -31.27 -39.47 1.38
CA PRO B 373 -32.56 -40.15 1.50
C PRO B 373 -32.74 -40.82 2.87
N ASP B 374 -31.67 -41.35 3.43
CA ASP B 374 -31.70 -41.98 4.74
C ASP B 374 -32.03 -40.95 5.83
N ARG B 375 -31.37 -39.80 5.76
CA ARG B 375 -31.61 -38.70 6.69
C ARG B 375 -33.06 -38.25 6.60
N GLN B 376 -33.53 -38.08 5.36
CA GLN B 376 -34.90 -37.69 5.08
C GLN B 376 -35.90 -38.67 5.69
N GLU B 377 -35.70 -39.94 5.39
CA GLU B 377 -36.58 -41.00 5.87
C GLU B 377 -36.53 -41.10 7.39
N GLU B 378 -35.39 -40.76 7.99
CA GLU B 378 -35.27 -40.79 9.45
C GLU B 378 -36.01 -39.63 10.09
N ILE B 379 -35.96 -38.46 9.47
CA ILE B 379 -36.69 -37.31 9.98
C ILE B 379 -38.19 -37.57 9.86
N SER B 380 -38.60 -38.10 8.71
CA SER B 380 -39.99 -38.45 8.50
C SER B 380 -40.46 -39.51 9.49
N LYS B 381 -39.70 -40.60 9.61
CA LYS B 381 -39.99 -41.68 10.54
C LYS B 381 -40.11 -41.19 11.98
N LEU B 382 -39.17 -40.35 12.39
CA LEU B 382 -39.21 -39.75 13.72
C LEU B 382 -40.49 -38.95 13.88
N MET B 383 -40.83 -38.18 12.85
CA MET B 383 -42.01 -37.34 12.92
C MET B 383 -43.32 -38.12 12.88
N ARG B 384 -43.28 -39.36 12.39
CA ARG B 384 -44.51 -40.13 12.45
C ARG B 384 -44.74 -40.66 13.85
N SER B 385 -43.69 -41.16 14.52
CA SER B 385 -43.91 -41.63 15.87
C SER B 385 -43.63 -40.58 16.94
N ALA B 386 -43.60 -39.29 16.58
CA ALA B 386 -43.19 -38.32 17.58
C ALA B 386 -44.40 -38.05 18.46
N ASP B 387 -45.54 -38.12 17.78
CA ASP B 387 -46.87 -37.93 18.34
C ASP B 387 -46.98 -36.55 18.99
N PHE B 388 -46.90 -35.51 18.18
CA PHE B 388 -46.96 -34.11 18.65
C PHE B 388 -48.38 -33.64 18.96
N ASN B 389 -49.36 -34.20 18.26
CA ASN B 389 -50.74 -33.77 18.35
C ASN B 389 -51.58 -34.43 19.45
N THR B 390 -51.00 -35.32 20.24
CA THR B 390 -51.80 -36.06 21.23
C THR B 390 -51.47 -35.70 22.68
N ASP B 391 -50.31 -35.10 22.91
CA ASP B 391 -49.89 -34.77 24.28
C ASP B 391 -50.76 -33.62 24.81
N PRO B 392 -51.19 -33.73 26.07
CA PRO B 392 -52.17 -32.83 26.70
C PRO B 392 -51.71 -31.37 26.78
N TYR B 393 -50.43 -31.15 27.02
CA TYR B 393 -49.92 -29.79 27.20
C TYR B 393 -49.95 -28.99 25.89
N VAL B 394 -49.79 -29.68 24.77
CA VAL B 394 -49.90 -29.05 23.46
C VAL B 394 -51.38 -28.85 23.11
N ARG B 395 -52.20 -29.84 23.43
CA ARG B 395 -53.64 -29.78 23.18
C ARG B 395 -54.26 -28.62 23.96
N GLU B 396 -53.65 -28.31 25.10
CA GLU B 396 -54.09 -27.21 25.93
C GLU B 396 -54.02 -25.90 25.15
N PHE B 397 -52.97 -25.73 24.35
CA PHE B 397 -52.79 -24.53 23.55
C PHE B 397 -53.39 -24.64 22.14
N GLY B 398 -54.13 -25.71 21.90
CA GLY B 398 -54.82 -25.90 20.62
C GLY B 398 -53.90 -25.85 19.39
N ILE B 399 -52.76 -26.52 19.50
CA ILE B 399 -51.77 -26.53 18.42
C ILE B 399 -51.75 -27.84 17.63
N MET B 400 -51.71 -27.73 16.30
CA MET B 400 -51.65 -28.89 15.43
C MET B 400 -50.42 -28.83 14.52
N VAL B 401 -49.61 -29.88 14.56
CA VAL B 401 -48.41 -29.97 13.73
C VAL B 401 -48.57 -30.98 12.59
N LYS B 402 -48.22 -30.55 11.38
CA LYS B 402 -48.33 -31.38 10.19
C LYS B 402 -47.29 -32.51 10.25
N ASP B 403 -47.72 -33.73 10.02
CA ASP B 403 -46.85 -34.90 10.14
C ASP B 403 -45.98 -35.12 8.90
N GLU B 404 -46.21 -34.29 7.88
CA GLU B 404 -45.41 -34.34 6.65
C GLU B 404 -44.44 -33.17 6.57
N MET B 405 -43.29 -33.42 5.96
CA MET B 405 -42.27 -32.39 5.77
C MET B 405 -42.83 -31.33 4.84
N THR B 406 -42.27 -30.12 4.89
CA THR B 406 -42.83 -29.05 4.07
C THR B 406 -42.38 -29.13 2.63
N ASP B 407 -43.34 -29.23 1.71
CA ASP B 407 -43.01 -29.19 0.29
C ASP B 407 -42.62 -27.77 -0.06
N VAL B 408 -41.51 -27.63 -0.78
CA VAL B 408 -41.06 -26.33 -1.21
C VAL B 408 -40.50 -26.36 -2.62
N THR B 409 -40.87 -25.36 -3.43
CA THR B 409 -40.41 -25.30 -4.80
C THR B 409 -38.97 -24.85 -4.80
N GLY B 410 -38.06 -25.77 -5.03
CA GLY B 410 -36.65 -25.47 -5.07
C GLY B 410 -36.24 -24.93 -6.42
N ARG B 411 -35.04 -24.39 -6.50
CA ARG B 411 -34.59 -23.76 -7.73
C ARG B 411 -33.07 -23.87 -7.89
N VAL B 412 -32.67 -24.43 -9.03
CA VAL B 412 -31.27 -24.63 -9.36
C VAL B 412 -30.75 -23.54 -10.27
N LEU B 413 -29.87 -22.70 -9.73
CA LEU B 413 -29.24 -21.63 -10.49
C LEU B 413 -28.29 -22.20 -11.53
N GLN B 414 -27.89 -21.36 -12.48
CA GLN B 414 -26.96 -21.79 -13.52
C GLN B 414 -25.52 -21.45 -13.15
N PRO B 415 -24.64 -22.46 -13.14
CA PRO B 415 -23.22 -22.28 -12.82
C PRO B 415 -22.51 -21.39 -13.83
N PRO B 416 -21.59 -20.54 -13.35
CA PRO B 416 -20.84 -19.63 -14.21
C PRO B 416 -19.74 -20.33 -15.00
N SER B 417 -19.43 -19.82 -16.19
CA SER B 417 -18.36 -20.39 -16.99
C SER B 417 -17.00 -19.92 -16.48
N ILE B 418 -16.09 -20.87 -16.28
CA ILE B 418 -14.77 -20.56 -15.76
C ILE B 418 -13.75 -20.38 -16.89
N LEU B 419 -13.19 -19.17 -16.99
CA LEU B 419 -12.27 -18.85 -18.07
C LEU B 419 -10.80 -19.11 -17.73
N TYR B 420 -10.21 -20.08 -18.42
CA TYR B 420 -8.78 -20.36 -18.30
C TYR B 420 -8.02 -19.73 -19.46
N GLY B 421 -6.69 -19.74 -19.39
CA GLY B 421 -5.88 -19.04 -20.37
C GLY B 421 -4.91 -19.88 -21.17
N GLY B 422 -3.77 -19.30 -21.49
CA GLY B 422 -2.75 -19.95 -22.30
C GLY B 422 -2.88 -19.49 -23.74
N ARG B 423 -2.37 -20.28 -24.68
CA ARG B 423 -2.58 -19.98 -26.09
C ARG B 423 -4.02 -20.25 -26.54
N ASN B 424 -4.58 -21.36 -26.09
CA ASN B 424 -5.90 -21.78 -26.54
C ASN B 424 -7.02 -21.04 -25.82
N LYS B 425 -6.78 -20.73 -24.55
CA LYS B 425 -7.77 -20.07 -23.69
C LYS B 425 -9.10 -20.82 -23.66
N ALA B 426 -9.05 -22.13 -23.43
CA ALA B 426 -10.26 -22.95 -23.36
C ALA B 426 -11.12 -22.57 -22.16
N ILE B 427 -12.40 -22.92 -22.20
CA ILE B 427 -13.31 -22.62 -21.10
C ILE B 427 -13.78 -23.89 -20.39
N ALA B 428 -14.01 -23.78 -19.09
CA ALA B 428 -14.46 -24.91 -18.28
C ALA B 428 -15.86 -24.68 -17.73
N THR B 429 -16.76 -25.63 -17.95
CA THR B 429 -18.11 -25.51 -17.43
C THR B 429 -18.36 -26.44 -16.24
N PRO B 430 -18.66 -25.86 -15.08
CA PRO B 430 -18.94 -26.58 -13.82
C PRO B 430 -20.08 -27.58 -13.96
N VAL B 431 -19.76 -28.86 -13.87
CA VAL B 431 -20.78 -29.91 -13.89
C VAL B 431 -21.00 -30.43 -12.48
N GLN B 432 -22.23 -30.29 -12.00
CA GLN B 432 -22.60 -30.69 -10.65
C GLN B 432 -21.76 -30.01 -9.58
N GLY B 433 -21.29 -28.80 -9.89
CA GLY B 433 -20.53 -28.00 -8.94
C GLY B 433 -19.05 -28.28 -8.97
N VAL B 434 -18.60 -29.11 -9.91
CA VAL B 434 -17.20 -29.46 -10.02
C VAL B 434 -16.74 -29.38 -11.47
N TRP B 435 -15.55 -28.83 -11.69
CA TRP B 435 -14.92 -28.82 -13.00
C TRP B 435 -13.45 -29.21 -12.85
N ASP B 436 -12.72 -29.27 -13.96
CA ASP B 436 -11.33 -29.68 -13.91
C ASP B 436 -10.44 -28.88 -14.87
N MET B 437 -9.13 -28.99 -14.70
CA MET B 437 -8.19 -28.23 -15.53
C MET B 437 -7.59 -29.07 -16.66
N ARG B 438 -8.28 -30.14 -17.03
CA ARG B 438 -7.84 -30.97 -18.15
C ARG B 438 -7.84 -30.17 -19.44
N ASN B 439 -6.68 -30.07 -20.08
CA ASN B 439 -6.47 -29.26 -21.27
C ASN B 439 -6.73 -27.78 -20.99
N LYS B 440 -6.49 -27.36 -19.76
CA LYS B 440 -6.68 -25.98 -19.34
C LYS B 440 -5.42 -25.41 -18.69
N GLN B 441 -5.17 -24.12 -18.90
CA GLN B 441 -4.02 -23.46 -18.28
C GLN B 441 -4.45 -22.17 -17.58
N PHE B 442 -3.70 -21.79 -16.55
CA PHE B 442 -4.02 -20.63 -15.73
C PHE B 442 -4.22 -19.34 -16.51
N HIS B 443 -5.17 -18.52 -16.03
CA HIS B 443 -5.43 -17.21 -16.62
C HIS B 443 -4.17 -16.35 -16.58
N THR B 444 -3.42 -16.47 -15.49
CA THR B 444 -2.12 -15.83 -15.36
C THR B 444 -1.15 -16.74 -14.64
N GLY B 445 -0.33 -17.46 -15.40
CA GLY B 445 0.63 -18.38 -14.83
C GLY B 445 1.98 -17.74 -14.55
N ILE B 446 2.64 -18.18 -13.47
CA ILE B 446 3.94 -17.62 -13.12
C ILE B 446 5.07 -18.57 -13.50
N GLU B 447 6.04 -18.05 -14.24
CA GLU B 447 7.23 -18.82 -14.56
C GLU B 447 8.17 -18.82 -13.36
N ILE B 448 8.15 -19.89 -12.58
CA ILE B 448 9.05 -20.02 -11.44
C ILE B 448 10.44 -20.42 -11.91
N LYS B 449 11.41 -19.55 -11.67
CA LYS B 449 12.77 -19.76 -12.15
C LYS B 449 13.72 -20.00 -10.99
N VAL B 450 13.46 -19.37 -9.86
CA VAL B 450 14.29 -19.52 -8.67
C VAL B 450 13.46 -19.94 -7.46
N TRP B 451 13.74 -21.12 -6.93
CA TRP B 451 12.99 -21.65 -5.79
C TRP B 451 13.84 -22.61 -4.96
N ALA B 452 13.42 -22.86 -3.72
CA ALA B 452 14.21 -23.66 -2.80
C ALA B 452 13.43 -24.80 -2.14
N ILE B 453 14.16 -25.77 -1.60
CA ILE B 453 13.58 -26.92 -0.91
C ILE B 453 14.26 -27.14 0.44
N ALA B 454 13.48 -27.11 1.50
CA ALA B 454 13.99 -27.31 2.86
C ALA B 454 13.22 -28.41 3.56
N CYS B 455 13.74 -29.64 3.52
CA CYS B 455 13.03 -30.75 4.13
C CYS B 455 13.29 -30.87 5.64
N PHE B 456 12.22 -30.85 6.42
CA PHE B 456 12.34 -30.98 7.88
C PHE B 456 12.05 -32.39 8.32
N ALA B 457 11.64 -33.24 7.37
CA ALA B 457 11.42 -34.65 7.65
C ALA B 457 12.78 -35.36 7.70
N PRO B 458 12.86 -36.44 8.49
CA PRO B 458 14.12 -37.19 8.55
C PRO B 458 14.50 -37.79 7.19
N GLN B 459 15.77 -37.66 6.81
CA GLN B 459 16.24 -38.19 5.54
C GLN B 459 16.14 -39.71 5.52
N ARG B 460 16.10 -40.29 6.71
CA ARG B 460 15.99 -41.73 6.87
C ARG B 460 14.70 -42.27 6.25
N GLN B 461 13.61 -41.54 6.42
CA GLN B 461 12.33 -41.95 5.88
C GLN B 461 11.92 -41.10 4.68
N CYS B 462 12.71 -40.07 4.39
CA CYS B 462 12.47 -39.21 3.24
C CYS B 462 13.78 -38.96 2.50
N THR B 463 14.12 -39.86 1.60
CA THR B 463 15.38 -39.77 0.87
C THR B 463 15.39 -38.63 -0.14
N GLU B 464 16.56 -38.36 -0.70
CA GLU B 464 16.71 -37.35 -1.72
C GLU B 464 16.05 -37.80 -3.01
N VAL B 465 15.95 -39.12 -3.17
CA VAL B 465 15.27 -39.72 -4.32
C VAL B 465 13.80 -39.30 -4.33
N HIS B 466 13.20 -39.30 -3.15
CA HIS B 466 11.83 -38.86 -2.97
C HIS B 466 11.66 -37.41 -3.42
N LEU B 467 12.58 -36.55 -2.99
CA LEU B 467 12.53 -35.14 -3.31
C LEU B 467 12.72 -34.88 -4.80
N LYS B 468 13.61 -35.66 -5.41
CA LYS B 468 13.91 -35.51 -6.84
C LYS B 468 12.74 -35.99 -7.70
N SER B 469 12.14 -37.10 -7.29
CA SER B 469 10.97 -37.66 -7.98
C SER B 469 9.78 -36.71 -7.87
N PHE B 470 9.55 -36.26 -6.64
CA PHE B 470 8.51 -35.28 -6.33
C PHE B 470 8.72 -34.03 -7.18
N THR B 471 9.98 -33.66 -7.35
CA THR B 471 10.33 -32.50 -8.17
C THR B 471 9.97 -32.76 -9.63
N GLU B 472 10.31 -33.94 -10.14
CA GLU B 472 9.96 -34.31 -11.51
C GLU B 472 8.46 -34.18 -11.75
N GLN B 473 7.68 -34.91 -10.94
CA GLN B 473 6.23 -34.91 -11.07
C GLN B 473 5.63 -33.51 -10.94
N LEU B 474 6.08 -32.77 -9.93
CA LEU B 474 5.57 -31.43 -9.70
C LEU B 474 5.89 -30.48 -10.85
N ARG B 475 7.08 -30.62 -11.43
CA ARG B 475 7.46 -29.79 -12.56
C ARG B 475 6.59 -30.13 -13.77
N LYS B 476 6.34 -31.42 -13.94
CA LYS B 476 5.48 -31.90 -15.02
C LYS B 476 4.09 -31.27 -14.90
N ILE B 477 3.46 -31.47 -13.75
CA ILE B 477 2.12 -30.93 -13.49
C ILE B 477 2.08 -29.41 -13.60
N SER B 478 3.13 -28.75 -13.13
CA SER B 478 3.24 -27.30 -13.17
C SER B 478 3.28 -26.80 -14.61
N ARG B 479 4.13 -27.43 -15.41
CA ARG B 479 4.30 -27.07 -16.81
C ARG B 479 3.00 -27.31 -17.57
N ASP B 480 2.28 -28.36 -17.18
CA ASP B 480 0.99 -28.65 -17.78
C ASP B 480 -0.08 -27.63 -17.38
N ALA B 481 0.02 -27.13 -16.15
CA ALA B 481 -0.99 -26.22 -15.59
C ALA B 481 -0.85 -24.79 -16.10
N GLY B 482 0.30 -24.46 -16.66
CA GLY B 482 0.53 -23.13 -17.19
C GLY B 482 1.48 -22.28 -16.36
N MET B 483 1.92 -22.81 -15.23
CA MET B 483 2.95 -22.14 -14.43
C MET B 483 4.20 -23.00 -14.37
N PRO B 484 4.99 -22.99 -15.45
CA PRO B 484 6.10 -23.94 -15.59
C PRO B 484 7.23 -23.67 -14.60
N ILE B 485 7.74 -24.74 -14.00
CA ILE B 485 8.95 -24.66 -13.20
C ILE B 485 10.13 -24.77 -14.14
N GLN B 486 10.87 -23.67 -14.27
CA GLN B 486 11.89 -23.55 -15.30
C GLN B 486 13.18 -24.34 -15.01
N GLY B 487 13.27 -24.95 -13.84
CA GLY B 487 14.45 -25.73 -13.52
C GLY B 487 14.52 -26.30 -12.12
N GLN B 488 15.63 -26.97 -11.83
CA GLN B 488 15.87 -27.60 -10.55
C GLN B 488 15.92 -26.57 -9.43
N PRO B 489 15.66 -27.00 -8.19
CA PRO B 489 15.74 -26.04 -7.09
C PRO B 489 17.18 -25.54 -6.91
N CYS B 490 17.32 -24.27 -6.58
CA CYS B 490 18.64 -23.66 -6.39
C CYS B 490 19.16 -24.02 -5.01
N PHE B 491 18.30 -24.69 -4.24
CA PHE B 491 18.60 -25.07 -2.88
C PHE B 491 17.80 -26.31 -2.50
N CYS B 492 18.41 -27.23 -1.78
CA CYS B 492 17.73 -28.42 -1.31
C CYS B 492 18.50 -29.00 -0.14
N LYS B 493 18.00 -28.78 1.07
CA LYS B 493 18.67 -29.24 2.28
C LYS B 493 17.73 -29.66 3.41
N TYR B 494 18.13 -30.72 4.11
CA TYR B 494 17.39 -31.21 5.25
C TYR B 494 17.61 -30.32 6.46
N ALA B 495 16.68 -30.38 7.41
CA ALA B 495 16.78 -29.63 8.65
C ALA B 495 15.95 -30.27 9.75
N GLN B 496 16.00 -29.69 10.94
CA GLN B 496 15.23 -30.19 12.08
C GLN B 496 15.12 -29.12 13.15
N GLY B 497 14.00 -29.13 13.87
CA GLY B 497 13.77 -28.15 14.91
C GLY B 497 13.26 -26.83 14.35
N ALA B 498 12.36 -26.19 15.08
CA ALA B 498 11.78 -24.93 14.63
C ALA B 498 12.85 -23.84 14.64
N ASP B 499 13.84 -23.99 15.52
CA ASP B 499 14.92 -23.03 15.68
C ASP B 499 15.77 -22.91 14.43
N SER B 500 15.63 -23.85 13.50
CA SER B 500 16.41 -23.82 12.27
C SER B 500 15.70 -23.00 11.20
N VAL B 501 14.42 -22.73 11.40
CA VAL B 501 13.62 -22.06 10.38
C VAL B 501 14.08 -20.62 10.13
N GLU B 502 14.01 -19.79 11.17
CA GLU B 502 14.35 -18.37 11.03
C GLU B 502 15.75 -18.08 10.48
N PRO B 503 16.80 -18.76 11.02
CA PRO B 503 18.13 -18.49 10.44
C PRO B 503 18.24 -18.87 8.98
N MET B 504 17.90 -20.12 8.67
CA MET B 504 17.97 -20.64 7.31
C MET B 504 17.33 -19.69 6.32
N PHE B 505 16.07 -19.34 6.59
CA PHE B 505 15.31 -18.43 5.73
C PHE B 505 16.04 -17.10 5.49
N ARG B 506 16.67 -16.56 6.53
CA ARG B 506 17.46 -15.34 6.39
C ARG B 506 18.49 -15.57 5.32
N HIS B 507 19.28 -16.62 5.50
CA HIS B 507 20.29 -17.01 4.55
C HIS B 507 19.62 -17.15 3.17
N LEU B 508 18.52 -17.89 3.14
CA LEU B 508 17.78 -18.10 1.90
C LEU B 508 17.32 -16.79 1.25
N LYS B 509 16.98 -15.80 2.06
CA LYS B 509 16.51 -14.53 1.51
C LYS B 509 17.68 -13.76 0.92
N ASN B 510 18.87 -14.00 1.47
CA ASN B 510 20.06 -13.24 1.12
C ASN B 510 20.92 -13.88 0.04
N THR B 511 20.73 -15.16 -0.21
CA THR B 511 21.59 -15.90 -1.14
C THR B 511 21.12 -15.77 -2.58
N TYR B 512 19.86 -16.14 -2.82
CA TYR B 512 19.34 -16.19 -4.18
C TYR B 512 18.54 -14.93 -4.49
N ALA B 513 19.00 -14.18 -5.49
CA ALA B 513 18.39 -12.91 -5.84
C ALA B 513 17.05 -13.09 -6.52
N GLY B 514 15.99 -12.73 -5.80
CA GLY B 514 14.65 -12.75 -6.34
C GLY B 514 14.07 -14.14 -6.49
N LEU B 515 14.19 -14.96 -5.45
CA LEU B 515 13.55 -16.26 -5.46
C LEU B 515 12.06 -16.05 -5.30
N GLN B 516 11.25 -16.96 -5.82
CA GLN B 516 9.82 -16.76 -5.82
C GLN B 516 9.08 -17.66 -4.83
N LEU B 517 9.67 -18.80 -4.51
CA LEU B 517 9.00 -19.79 -3.69
C LEU B 517 9.98 -20.61 -2.84
N VAL B 518 9.55 -20.95 -1.63
CA VAL B 518 10.30 -21.87 -0.79
C VAL B 518 9.37 -23.02 -0.38
N VAL B 519 9.71 -24.22 -0.85
CA VAL B 519 8.93 -25.41 -0.54
C VAL B 519 9.48 -26.12 0.70
N VAL B 520 8.63 -26.31 1.69
CA VAL B 520 9.03 -26.90 2.95
C VAL B 520 8.36 -28.25 3.22
N ILE B 521 9.15 -29.32 3.13
CA ILE B 521 8.62 -30.66 3.39
C ILE B 521 8.56 -30.91 4.89
N LEU B 522 7.36 -31.23 5.39
CA LEU B 522 7.13 -31.45 6.81
C LEU B 522 6.79 -32.90 7.10
N PRO B 523 7.28 -33.41 8.25
CA PRO B 523 7.03 -34.80 8.65
C PRO B 523 5.71 -34.97 9.40
N GLY B 524 4.74 -34.10 9.11
CA GLY B 524 3.45 -34.15 9.78
C GLY B 524 3.20 -32.96 10.68
N LYS B 525 2.37 -33.15 11.69
CA LYS B 525 2.03 -32.07 12.62
C LYS B 525 3.27 -31.65 13.41
N THR B 526 3.64 -30.38 13.25
CA THR B 526 4.86 -29.86 13.87
C THR B 526 4.79 -28.35 14.06
N PRO B 527 5.40 -27.84 15.14
CA PRO B 527 5.52 -26.39 15.37
C PRO B 527 6.37 -25.71 14.31
N VAL B 528 7.08 -26.54 13.53
CA VAL B 528 7.89 -26.05 12.43
C VAL B 528 7.01 -25.30 11.45
N TYR B 529 5.81 -25.82 11.18
CA TYR B 529 4.88 -25.16 10.28
C TYR B 529 4.55 -23.75 10.76
N ALA B 530 4.15 -23.64 12.02
CA ALA B 530 3.78 -22.36 12.60
C ALA B 530 4.94 -21.37 12.56
N GLU B 531 6.14 -21.87 12.81
CA GLU B 531 7.33 -21.01 12.80
C GLU B 531 7.68 -20.57 11.36
N VAL B 532 7.47 -21.48 10.41
CA VAL B 532 7.71 -21.21 9.00
C VAL B 532 6.75 -20.15 8.51
N LYS B 533 5.50 -20.22 8.97
CA LYS B 533 4.51 -19.23 8.58
C LYS B 533 4.77 -17.90 9.28
N ARG B 534 5.30 -17.95 10.50
CA ARG B 534 5.61 -16.72 11.22
C ARG B 534 6.75 -15.98 10.52
N VAL B 535 7.85 -16.68 10.31
CA VAL B 535 9.03 -16.10 9.66
C VAL B 535 8.74 -15.71 8.21
N GLY B 536 7.99 -16.56 7.53
CA GLY B 536 7.70 -16.35 6.11
C GLY B 536 6.73 -15.20 5.89
N ASP B 537 5.59 -15.25 6.55
CA ASP B 537 4.54 -14.26 6.32
C ASP B 537 4.83 -12.92 7.01
N THR B 538 5.38 -12.97 8.22
CA THR B 538 5.55 -11.74 9.00
C THR B 538 6.99 -11.21 8.98
N VAL B 539 7.95 -12.04 9.35
CA VAL B 539 9.32 -11.59 9.56
C VAL B 539 10.04 -11.18 8.27
N LEU B 540 10.09 -12.07 7.29
CA LEU B 540 10.90 -11.84 6.10
C LEU B 540 10.08 -11.49 4.86
N GLY B 541 8.84 -11.97 4.81
CA GLY B 541 7.99 -11.71 3.67
C GLY B 541 8.30 -12.63 2.50
N MET B 542 8.61 -13.88 2.81
CA MET B 542 8.94 -14.87 1.79
C MET B 542 7.75 -15.77 1.48
N ALA B 543 7.50 -16.00 0.19
CA ALA B 543 6.42 -16.89 -0.21
C ALA B 543 6.78 -18.32 0.16
N THR B 544 6.00 -18.92 1.06
CA THR B 544 6.28 -20.27 1.52
C THR B 544 5.17 -21.25 1.15
N GLN B 545 5.55 -22.48 0.84
CA GLN B 545 4.58 -23.53 0.58
C GLN B 545 5.01 -24.85 1.22
N CYS B 546 4.26 -25.25 2.25
CA CYS B 546 4.57 -26.47 2.97
C CYS B 546 3.87 -27.68 2.36
N VAL B 547 4.57 -28.81 2.32
CA VAL B 547 4.00 -30.06 1.81
C VAL B 547 4.26 -31.18 2.81
N GLN B 548 3.23 -31.95 3.15
CA GLN B 548 3.39 -33.05 4.08
C GLN B 548 4.27 -34.16 3.48
N MET B 549 4.96 -34.87 4.36
CA MET B 549 5.95 -35.88 3.97
C MET B 549 5.40 -36.99 3.07
N LYS B 550 4.25 -37.55 3.45
CA LYS B 550 3.65 -38.66 2.72
C LYS B 550 3.30 -38.29 1.27
N ASN B 551 2.90 -37.04 1.06
CA ASN B 551 2.57 -36.54 -0.27
C ASN B 551 3.81 -36.33 -1.13
N VAL B 552 4.97 -36.41 -0.50
CA VAL B 552 6.25 -36.35 -1.20
C VAL B 552 6.73 -37.76 -1.52
N GLN B 553 6.33 -38.71 -0.67
CA GLN B 553 6.68 -40.12 -0.87
C GLN B 553 5.86 -40.72 -2.00
N ARG B 554 4.54 -40.66 -1.88
CA ARG B 554 3.64 -41.10 -2.93
C ARG B 554 2.92 -39.91 -3.55
N THR B 555 3.09 -39.72 -4.85
CA THR B 555 2.56 -38.52 -5.51
C THR B 555 1.46 -38.82 -6.51
N THR B 556 0.30 -38.20 -6.31
CA THR B 556 -0.81 -38.27 -7.26
C THR B 556 -0.92 -36.95 -8.01
N PRO B 557 -1.32 -37.01 -9.30
CA PRO B 557 -1.43 -35.80 -10.14
C PRO B 557 -2.43 -34.78 -9.58
N GLN B 558 -3.45 -35.28 -8.89
CA GLN B 558 -4.47 -34.43 -8.29
C GLN B 558 -3.90 -33.54 -7.18
N THR B 559 -3.19 -34.17 -6.26
CA THR B 559 -2.55 -33.47 -5.15
C THR B 559 -1.63 -32.36 -5.67
N LEU B 560 -0.80 -32.72 -6.64
CA LEU B 560 0.12 -31.77 -7.26
C LEU B 560 -0.64 -30.67 -7.99
N SER B 561 -1.82 -31.00 -8.52
CA SER B 561 -2.63 -30.02 -9.22
C SER B 561 -3.15 -28.96 -8.25
N ASN B 562 -3.75 -29.40 -7.15
CA ASN B 562 -4.21 -28.48 -6.11
C ASN B 562 -3.04 -27.67 -5.54
N LEU B 563 -1.90 -28.32 -5.38
CA LEU B 563 -0.70 -27.66 -4.89
C LEU B 563 -0.28 -26.53 -5.82
N CYS B 564 -0.30 -26.79 -7.12
CA CYS B 564 0.03 -25.78 -8.12
C CYS B 564 -1.00 -24.66 -8.09
N LEU B 565 -2.25 -25.03 -7.84
CA LEU B 565 -3.33 -24.06 -7.67
C LEU B 565 -2.96 -23.09 -6.55
N LYS B 566 -2.50 -23.63 -5.43
CA LYS B 566 -2.08 -22.80 -4.29
C LYS B 566 -0.88 -21.92 -4.62
N ILE B 567 0.12 -22.52 -5.24
CA ILE B 567 1.38 -21.85 -5.56
C ILE B 567 1.16 -20.66 -6.48
N ASN B 568 0.45 -20.89 -7.58
CA ASN B 568 0.20 -19.84 -8.57
C ASN B 568 -0.45 -18.62 -7.95
N VAL B 569 -1.30 -18.86 -6.95
CA VAL B 569 -1.96 -17.78 -6.22
C VAL B 569 -1.02 -17.08 -5.25
N LYS B 570 -0.20 -17.86 -4.54
CA LYS B 570 0.71 -17.28 -3.55
C LYS B 570 1.73 -16.34 -4.18
N LEU B 571 1.92 -16.47 -5.49
CA LEU B 571 2.92 -15.67 -6.20
C LEU B 571 2.30 -14.48 -6.93
N GLY B 572 1.03 -14.21 -6.66
CA GLY B 572 0.36 -13.04 -7.21
C GLY B 572 -0.37 -13.27 -8.52
N GLY B 573 -0.44 -14.54 -8.95
CA GLY B 573 -1.10 -14.87 -10.20
C GLY B 573 -2.59 -15.14 -10.10
N VAL B 574 -3.20 -15.32 -11.26
CA VAL B 574 -4.62 -15.61 -11.34
C VAL B 574 -4.91 -16.97 -11.95
N ASN B 575 -5.43 -17.87 -11.13
CA ASN B 575 -5.76 -19.22 -11.57
C ASN B 575 -6.83 -19.22 -12.66
N ASN B 576 -8.00 -18.70 -12.30
CA ASN B 576 -9.10 -18.60 -13.24
C ASN B 576 -10.04 -17.45 -12.90
N ILE B 577 -10.79 -16.97 -13.88
CA ILE B 577 -11.72 -15.88 -13.65
C ILE B 577 -13.12 -16.23 -14.11
N LEU B 578 -14.11 -15.55 -13.54
CA LEU B 578 -15.48 -15.67 -14.02
C LEU B 578 -15.54 -15.12 -15.44
N LEU B 579 -16.37 -15.70 -16.29
CA LEU B 579 -16.53 -15.18 -17.65
C LEU B 579 -17.04 -13.75 -17.55
N PRO B 580 -16.22 -12.77 -17.95
CA PRO B 580 -16.50 -11.34 -17.78
C PRO B 580 -17.85 -10.89 -18.30
N GLN B 581 -18.20 -11.33 -19.50
CA GLN B 581 -19.45 -10.92 -20.13
C GLN B 581 -20.65 -11.62 -19.48
N GLY B 582 -20.40 -12.71 -18.79
CA GLY B 582 -21.46 -13.46 -18.13
C GLY B 582 -21.48 -13.25 -16.64
N ARG B 583 -21.65 -11.99 -16.25
CA ARG B 583 -21.71 -11.58 -14.85
C ARG B 583 -22.91 -10.69 -14.63
N PRO B 584 -23.44 -10.67 -13.40
CA PRO B 584 -24.55 -9.77 -13.06
C PRO B 584 -24.16 -8.32 -13.33
N PRO B 585 -25.14 -7.48 -13.71
CA PRO B 585 -24.91 -6.09 -14.11
C PRO B 585 -24.21 -5.24 -13.05
N VAL B 586 -24.11 -5.77 -11.83
CA VAL B 586 -23.43 -5.08 -10.75
C VAL B 586 -21.97 -4.79 -11.10
N PHE B 587 -21.41 -5.61 -11.99
CA PHE B 587 -20.01 -5.44 -12.39
C PHE B 587 -19.81 -4.33 -13.42
N GLN B 588 -20.92 -3.76 -13.89
CA GLN B 588 -20.84 -2.67 -14.88
C GLN B 588 -20.27 -1.41 -14.24
N GLN B 589 -20.28 -1.38 -12.91
CA GLN B 589 -19.69 -0.28 -12.15
C GLN B 589 -18.65 -0.82 -11.18
N PRO B 590 -17.66 0.00 -10.82
CA PRO B 590 -16.64 -0.39 -9.85
C PRO B 590 -17.24 -0.90 -8.53
N VAL B 591 -16.99 -2.16 -8.21
CA VAL B 591 -17.55 -2.78 -7.02
C VAL B 591 -16.49 -3.59 -6.28
N ILE B 592 -16.46 -3.46 -4.95
CA ILE B 592 -15.50 -4.21 -4.14
C ILE B 592 -16.22 -5.26 -3.30
N PHE B 593 -15.60 -6.43 -3.17
CA PHE B 593 -16.17 -7.52 -2.38
C PHE B 593 -15.38 -7.76 -1.10
N LEU B 594 -16.08 -7.74 0.03
CA LEU B 594 -15.43 -7.90 1.34
C LEU B 594 -15.87 -9.18 2.04
N GLY B 595 -14.93 -9.83 2.72
CA GLY B 595 -15.26 -11.01 3.51
C GLY B 595 -14.78 -10.84 4.94
N ALA B 596 -15.58 -11.26 5.91
CA ALA B 596 -15.20 -11.05 7.31
C ALA B 596 -15.54 -12.25 8.18
N ASP B 597 -14.59 -12.62 9.05
CA ASP B 597 -14.82 -13.69 10.01
C ASP B 597 -14.06 -13.43 11.30
N VAL B 598 -14.49 -14.04 12.40
CA VAL B 598 -13.84 -13.85 13.68
C VAL B 598 -13.50 -15.20 14.33
N THR B 599 -12.34 -15.27 14.97
CA THR B 599 -11.90 -16.50 15.63
C THR B 599 -11.66 -16.29 17.13
N HIS B 600 -12.11 -17.26 17.92
CA HIS B 600 -12.03 -17.19 19.38
C HIS B 600 -11.13 -18.28 19.97
N PRO B 601 -10.54 -18.02 21.15
CA PRO B 601 -9.72 -19.03 21.80
C PRO B 601 -10.56 -20.24 22.22
N PRO B 602 -9.90 -21.38 22.53
CA PRO B 602 -10.63 -22.55 23.04
C PRO B 602 -11.36 -22.26 24.36
N PRO B 609 -7.32 -14.17 23.54
CA PRO B 609 -7.54 -13.02 22.65
C PRO B 609 -8.23 -13.45 21.36
N SER B 610 -9.19 -12.66 20.88
CA SER B 610 -9.84 -12.98 19.62
C SER B 610 -9.05 -12.45 18.43
N ILE B 611 -9.40 -12.91 17.23
CA ILE B 611 -8.77 -12.44 16.01
C ILE B 611 -9.81 -12.15 14.95
N ALA B 612 -9.79 -10.93 14.41
CA ALA B 612 -10.75 -10.57 13.37
C ALA B 612 -10.05 -10.51 12.02
N ALA B 613 -10.68 -11.08 11.00
CA ALA B 613 -10.09 -11.12 9.67
C ALA B 613 -11.05 -10.54 8.63
N VAL B 614 -10.56 -9.57 7.87
CA VAL B 614 -11.33 -8.98 6.78
C VAL B 614 -10.51 -8.93 5.49
N VAL B 615 -11.02 -9.58 4.45
CA VAL B 615 -10.36 -9.58 3.15
C VAL B 615 -11.16 -8.76 2.15
N GLY B 616 -10.51 -8.37 1.06
CA GLY B 616 -11.16 -7.56 0.05
C GLY B 616 -10.62 -7.81 -1.35
N SER B 617 -11.52 -7.85 -2.32
CA SER B 617 -11.14 -8.06 -3.72
C SER B 617 -10.29 -6.91 -4.23
N MET B 618 -9.35 -7.22 -5.13
CA MET B 618 -8.41 -6.22 -5.62
C MET B 618 -8.41 -6.12 -7.15
N ASP B 619 -9.38 -6.74 -7.79
CA ASP B 619 -9.56 -6.58 -9.23
C ASP B 619 -11.01 -6.78 -9.64
N ALA B 620 -11.29 -6.70 -10.93
CA ALA B 620 -12.65 -6.76 -11.43
C ALA B 620 -12.98 -8.13 -12.00
N HIS B 621 -12.16 -9.12 -11.68
CA HIS B 621 -12.36 -10.47 -12.20
C HIS B 621 -13.53 -11.20 -11.54
N PRO B 622 -13.62 -11.23 -10.19
CA PRO B 622 -12.69 -10.82 -9.13
C PRO B 622 -11.92 -12.01 -8.54
N ASN B 623 -10.62 -12.09 -8.81
CA ASN B 623 -9.83 -13.22 -8.35
C ASN B 623 -8.88 -12.90 -7.21
N ARG B 624 -8.20 -11.77 -7.31
CA ARG B 624 -7.16 -11.41 -6.35
C ARG B 624 -7.74 -10.71 -5.12
N TYR B 625 -7.32 -11.15 -3.95
CA TYR B 625 -7.77 -10.57 -2.68
C TYR B 625 -6.61 -10.17 -1.78
N CYS B 626 -6.81 -9.10 -1.02
CA CYS B 626 -5.84 -8.69 -0.02
C CYS B 626 -6.44 -8.87 1.37
N ALA B 627 -5.58 -9.25 2.32
CA ALA B 627 -6.01 -9.61 3.66
C ALA B 627 -5.60 -8.62 4.73
N THR B 628 -6.56 -8.24 5.58
CA THR B 628 -6.27 -7.44 6.74
C THR B 628 -6.68 -8.23 7.97
N VAL B 629 -5.83 -8.25 8.99
CA VAL B 629 -6.09 -9.03 10.19
C VAL B 629 -5.75 -8.25 11.45
N ARG B 630 -6.61 -8.36 12.45
CA ARG B 630 -6.38 -7.69 13.72
C ARG B 630 -6.57 -8.65 14.88
N VAL B 631 -6.00 -8.31 16.03
CA VAL B 631 -6.26 -9.05 17.25
C VAL B 631 -7.19 -8.16 18.08
N GLN B 632 -8.09 -8.76 18.86
CA GLN B 632 -9.05 -7.95 19.59
C GLN B 632 -9.48 -8.62 20.90
N GLN B 633 -10.33 -7.91 21.64
CA GLN B 633 -10.81 -8.34 22.94
C GLN B 633 -11.33 -9.78 22.95
N HIS B 634 -11.23 -10.41 24.11
CA HIS B 634 -11.56 -11.82 24.28
C HIS B 634 -13.00 -12.15 23.92
N ARG B 635 -13.16 -13.03 22.95
CA ARG B 635 -14.46 -13.55 22.52
C ARG B 635 -15.47 -12.47 22.11
N GLN B 636 -14.97 -11.38 21.54
CA GLN B 636 -15.84 -10.33 21.02
C GLN B 636 -16.13 -10.55 19.54
N GLU B 637 -17.36 -10.95 19.22
CA GLU B 637 -17.72 -11.28 17.84
C GLU B 637 -17.81 -10.05 16.95
N ILE B 638 -18.14 -8.91 17.56
CA ILE B 638 -18.23 -7.65 16.82
C ILE B 638 -16.83 -7.16 16.45
N ILE B 639 -16.54 -7.10 15.16
CA ILE B 639 -15.23 -6.66 14.70
C ILE B 639 -15.01 -5.19 15.08
N GLN B 640 -14.13 -4.97 16.06
CA GLN B 640 -13.95 -3.65 16.64
C GLN B 640 -13.27 -2.65 15.69
N ASP B 641 -12.06 -2.96 15.27
CA ASP B 641 -11.28 -2.00 14.48
C ASP B 641 -11.63 -2.08 12.99
N LEU B 642 -12.77 -2.69 12.69
CA LEU B 642 -13.21 -2.94 11.32
C LEU B 642 -13.04 -1.75 10.40
N ALA B 643 -13.46 -0.58 10.89
CA ALA B 643 -13.37 0.66 10.14
C ALA B 643 -12.00 0.81 9.51
N ALA B 644 -10.98 0.83 10.37
CA ALA B 644 -9.60 1.02 9.93
C ALA B 644 -9.27 0.00 8.84
N MET B 645 -9.62 -1.25 9.11
CA MET B 645 -9.34 -2.34 8.20
C MET B 645 -9.93 -2.03 6.84
N VAL B 646 -11.21 -1.67 6.83
CA VAL B 646 -11.91 -1.35 5.60
C VAL B 646 -11.14 -0.29 4.84
N ARG B 647 -10.72 0.76 5.55
CA ARG B 647 -9.98 1.85 4.93
C ARG B 647 -8.83 1.28 4.14
N GLU B 648 -8.00 0.46 4.79
CA GLU B 648 -6.84 -0.14 4.15
C GLU B 648 -7.26 -0.77 2.84
N LEU B 649 -8.24 -1.66 2.92
CA LEU B 649 -8.68 -2.41 1.75
C LEU B 649 -9.10 -1.44 0.67
N LEU B 650 -9.90 -0.45 1.05
CA LEU B 650 -10.39 0.52 0.08
C LEU B 650 -9.22 1.17 -0.62
N ILE B 651 -8.24 1.62 0.17
CA ILE B 651 -7.05 2.25 -0.40
C ILE B 651 -6.42 1.29 -1.38
N GLN B 652 -6.20 0.06 -0.91
CA GLN B 652 -5.53 -0.95 -1.71
C GLN B 652 -6.32 -1.17 -2.99
N PHE B 653 -7.64 -1.18 -2.87
CA PHE B 653 -8.50 -1.41 -4.02
C PHE B 653 -8.19 -0.38 -5.08
N TYR B 654 -8.16 0.89 -4.68
CA TYR B 654 -7.93 1.96 -5.62
C TYR B 654 -6.54 1.79 -6.25
N LYS B 655 -5.59 1.36 -5.42
CA LYS B 655 -4.22 1.18 -5.86
C LYS B 655 -4.16 0.08 -6.89
N SER B 656 -5.08 -0.88 -6.78
CA SER B 656 -5.04 -2.03 -7.64
C SER B 656 -5.96 -1.79 -8.83
N THR B 657 -6.93 -0.89 -8.68
CA THR B 657 -7.93 -0.75 -9.74
C THR B 657 -8.00 0.63 -10.40
N ARG B 658 -7.50 1.64 -9.70
CA ARG B 658 -7.62 3.03 -10.12
C ARG B 658 -9.09 3.43 -10.27
N PHE B 659 -9.95 2.76 -9.51
CA PHE B 659 -11.38 3.06 -9.47
C PHE B 659 -11.87 3.16 -8.03
N LYS B 660 -12.81 4.06 -7.79
CA LYS B 660 -13.43 4.14 -6.46
C LYS B 660 -14.74 3.36 -6.49
N PRO B 661 -14.86 2.37 -5.58
CA PRO B 661 -16.01 1.46 -5.50
C PRO B 661 -17.33 2.18 -5.34
N THR B 662 -18.22 2.01 -6.31
CA THR B 662 -19.56 2.60 -6.22
C THR B 662 -20.43 1.71 -5.34
N ARG B 663 -20.00 0.48 -5.12
CA ARG B 663 -20.75 -0.48 -4.32
C ARG B 663 -19.81 -1.26 -3.41
N ILE B 664 -20.31 -1.64 -2.24
CA ILE B 664 -19.56 -2.47 -1.31
C ILE B 664 -20.36 -3.69 -0.91
N ILE B 665 -19.87 -4.88 -1.27
CA ILE B 665 -20.54 -6.11 -0.92
C ILE B 665 -19.83 -6.80 0.24
N PHE B 666 -20.48 -6.80 1.41
CA PHE B 666 -19.87 -7.27 2.64
C PHE B 666 -20.45 -8.61 3.10
N TYR B 667 -19.68 -9.68 2.92
CA TYR B 667 -20.08 -11.00 3.37
C TYR B 667 -19.57 -11.32 4.77
N ARG B 668 -20.46 -11.17 5.75
CA ARG B 668 -20.09 -11.40 7.16
C ARG B 668 -20.34 -12.84 7.60
N ALA B 669 -19.30 -13.47 8.14
CA ALA B 669 -19.38 -14.84 8.61
C ALA B 669 -19.06 -14.92 10.10
N GLY B 670 -19.84 -15.70 10.83
CA GLY B 670 -19.59 -15.90 12.25
C GLY B 670 -20.67 -15.33 13.14
N VAL B 671 -21.71 -14.77 12.53
CA VAL B 671 -22.77 -14.14 13.32
C VAL B 671 -24.04 -14.99 13.31
N SER B 672 -24.64 -15.14 14.49
CA SER B 672 -25.91 -15.86 14.59
C SER B 672 -27.05 -14.85 14.64
N GLU B 673 -28.28 -15.34 14.63
CA GLU B 673 -29.45 -14.47 14.57
C GLU B 673 -29.50 -13.48 15.73
N GLY B 674 -29.34 -13.99 16.95
CA GLY B 674 -29.42 -13.19 18.15
C GLY B 674 -28.38 -12.08 18.25
N GLN B 675 -27.41 -12.11 17.34
CA GLN B 675 -26.35 -11.12 17.34
C GLN B 675 -26.53 -10.07 16.25
N PHE B 676 -27.46 -10.32 15.32
CA PHE B 676 -27.54 -9.54 14.09
C PHE B 676 -27.70 -8.05 14.32
N GLN B 677 -28.74 -7.69 15.08
CA GLN B 677 -29.02 -6.31 15.42
C GLN B 677 -27.83 -5.65 16.05
N GLN B 678 -27.10 -6.38 16.87
CA GLN B 678 -25.94 -5.80 17.51
C GLN B 678 -24.86 -5.58 16.46
N VAL B 679 -24.44 -6.66 15.80
CA VAL B 679 -23.40 -6.57 14.79
C VAL B 679 -23.69 -5.57 13.67
N LEU B 680 -24.90 -5.67 13.12
CA LEU B 680 -25.35 -4.78 12.06
C LEU B 680 -25.28 -3.35 12.52
N HIS B 681 -25.49 -3.14 13.81
CA HIS B 681 -25.51 -1.77 14.31
C HIS B 681 -24.10 -1.19 14.22
N HIS B 682 -23.11 -1.90 14.74
CA HIS B 682 -21.76 -1.35 14.75
C HIS B 682 -21.03 -1.42 13.42
N GLU B 683 -20.91 -2.63 12.89
CA GLU B 683 -20.07 -2.88 11.73
C GLU B 683 -20.49 -2.06 10.52
N LEU B 684 -21.79 -2.00 10.25
CA LEU B 684 -22.28 -1.17 9.16
C LEU B 684 -21.82 0.27 9.32
N LEU B 685 -21.95 0.80 10.54
CA LEU B 685 -21.44 2.13 10.84
C LEU B 685 -19.94 2.13 10.61
N ALA B 686 -19.28 1.09 11.13
CA ALA B 686 -17.83 0.98 11.01
C ALA B 686 -17.47 1.04 9.53
N ILE B 687 -18.31 0.42 8.70
CA ILE B 687 -18.11 0.48 7.26
C ILE B 687 -18.34 1.90 6.77
N ARG B 688 -19.52 2.44 7.08
CA ARG B 688 -19.90 3.78 6.64
C ARG B 688 -18.89 4.82 7.08
N GLU B 689 -18.48 4.72 8.35
CA GLU B 689 -17.45 5.59 8.90
C GLU B 689 -16.19 5.56 8.03
N ALA B 690 -15.78 4.35 7.67
CA ALA B 690 -14.57 4.16 6.86
C ALA B 690 -14.71 4.83 5.50
N CYS B 691 -15.94 4.98 5.02
CA CYS B 691 -16.19 5.61 3.73
C CYS B 691 -16.20 7.12 3.86
N ILE B 692 -16.38 7.62 5.08
CA ILE B 692 -16.45 9.06 5.31
C ILE B 692 -15.07 9.62 5.65
N LYS B 693 -14.36 8.95 6.56
CA LYS B 693 -13.03 9.41 6.95
C LYS B 693 -12.03 9.26 5.81
N LEU B 694 -12.37 8.44 4.82
CA LEU B 694 -11.47 8.25 3.69
C LEU B 694 -11.71 9.50 2.87
N GLU B 695 -12.91 9.63 2.33
CA GLU B 695 -13.18 10.82 1.55
C GLU B 695 -14.45 11.49 2.04
N LYS B 696 -14.35 12.81 2.14
CA LYS B 696 -15.39 13.77 2.52
C LYS B 696 -16.82 13.25 2.25
N ASP B 697 -17.32 13.36 1.01
CA ASP B 697 -18.68 12.87 0.78
C ASP B 697 -18.78 11.74 -0.24
N TYR B 698 -17.98 10.70 0.04
CA TYR B 698 -17.96 9.48 -0.78
C TYR B 698 -18.78 8.42 -0.06
N GLN B 699 -19.98 8.14 -0.57
CA GLN B 699 -20.84 7.16 0.09
C GLN B 699 -21.41 6.12 -0.86
N PRO B 700 -20.69 4.99 -1.00
CA PRO B 700 -21.16 3.89 -1.85
C PRO B 700 -22.24 3.06 -1.15
N GLY B 701 -23.01 2.31 -1.91
CA GLY B 701 -24.06 1.48 -1.34
C GLY B 701 -23.47 0.28 -0.63
N ILE B 702 -23.81 0.12 0.64
CA ILE B 702 -23.34 -1.03 1.41
C ILE B 702 -24.38 -2.13 1.37
N THR B 703 -23.94 -3.36 1.07
CA THR B 703 -24.82 -4.51 1.12
C THR B 703 -24.32 -5.49 2.17
N PHE B 704 -24.86 -5.36 3.38
CA PHE B 704 -24.47 -6.20 4.50
C PHE B 704 -25.24 -7.51 4.47
N ILE B 705 -24.52 -8.60 4.23
CA ILE B 705 -25.07 -9.95 4.13
C ILE B 705 -24.40 -10.87 5.14
N VAL B 706 -25.18 -11.73 5.79
CA VAL B 706 -24.62 -12.68 6.75
C VAL B 706 -24.71 -14.13 6.27
N VAL B 707 -23.55 -14.78 6.17
CA VAL B 707 -23.46 -16.18 5.77
C VAL B 707 -23.55 -17.08 7.01
N GLN B 708 -24.23 -18.21 6.88
CA GLN B 708 -24.43 -19.11 8.01
C GLN B 708 -24.44 -20.58 7.61
N LYS B 709 -23.47 -21.33 8.10
CA LYS B 709 -23.40 -22.77 7.87
C LYS B 709 -24.03 -23.51 9.04
N ARG B 710 -24.17 -22.80 10.16
CA ARG B 710 -24.68 -23.39 11.40
C ARG B 710 -26.17 -23.19 11.56
N HIS B 711 -26.93 -24.18 11.09
CA HIS B 711 -28.37 -24.22 11.28
C HIS B 711 -28.90 -25.62 11.02
N HIS B 712 -30.10 -25.89 11.52
CA HIS B 712 -30.69 -27.22 11.37
C HIS B 712 -31.68 -27.25 10.20
N THR B 713 -31.25 -26.73 9.05
CA THR B 713 -32.10 -26.75 7.87
C THR B 713 -31.57 -27.71 6.83
N ARG B 714 -32.40 -28.68 6.45
CA ARG B 714 -32.03 -29.66 5.44
C ARG B 714 -32.97 -29.57 4.25
N LEU B 715 -32.48 -29.94 3.07
CA LEU B 715 -33.32 -29.92 1.88
C LEU B 715 -33.16 -31.23 1.09
N PHE B 716 -34.27 -31.80 0.65
CA PHE B 716 -34.21 -33.06 -0.08
C PHE B 716 -34.94 -33.00 -1.41
N CYS B 717 -34.44 -33.76 -2.38
CA CYS B 717 -35.09 -33.88 -3.69
C CYS B 717 -36.35 -34.73 -3.62
N THR B 718 -37.46 -34.18 -4.09
CA THR B 718 -38.72 -34.91 -4.17
C THR B 718 -38.62 -36.01 -5.21
N ASP B 719 -38.05 -35.67 -6.37
CA ASP B 719 -37.82 -36.63 -7.43
C ASP B 719 -36.58 -37.45 -7.10
N LYS B 720 -36.70 -38.77 -7.21
CA LYS B 720 -35.62 -39.69 -6.91
C LYS B 720 -34.48 -39.54 -7.91
N ASN B 721 -34.84 -39.12 -9.11
CA ASN B 721 -33.89 -38.91 -10.21
C ASN B 721 -33.06 -37.65 -10.03
N GLU B 722 -33.52 -36.76 -9.16
CA GLU B 722 -32.83 -35.50 -8.92
C GLU B 722 -31.74 -35.64 -7.87
N ARG B 723 -31.71 -36.80 -7.21
CA ARG B 723 -30.68 -37.05 -6.22
C ARG B 723 -29.32 -37.08 -6.90
N VAL B 724 -28.31 -36.56 -6.23
CA VAL B 724 -26.98 -36.43 -6.81
C VAL B 724 -25.91 -37.22 -6.05
N GLY B 725 -25.24 -38.12 -6.76
CA GLY B 725 -24.13 -38.86 -6.18
C GLY B 725 -24.57 -39.94 -5.22
N LYS B 726 -23.59 -40.56 -4.58
CA LYS B 726 -23.85 -41.61 -3.60
C LYS B 726 -24.65 -41.06 -2.43
N SER B 727 -24.32 -39.84 -2.01
CA SER B 727 -25.01 -39.18 -0.91
C SER B 727 -26.45 -38.85 -1.26
N GLY B 728 -26.75 -38.74 -2.56
CA GLY B 728 -28.10 -38.45 -3.02
C GLY B 728 -28.58 -37.09 -2.56
N ASN B 729 -27.69 -36.11 -2.57
CA ASN B 729 -28.01 -34.75 -2.13
C ASN B 729 -28.56 -33.90 -3.26
N ILE B 730 -29.00 -32.69 -2.91
CA ILE B 730 -29.50 -31.73 -3.89
C ILE B 730 -28.35 -31.23 -4.76
N PRO B 731 -28.64 -30.92 -6.04
CA PRO B 731 -27.59 -30.46 -6.95
C PRO B 731 -27.02 -29.11 -6.54
N ALA B 732 -25.72 -28.91 -6.80
CA ALA B 732 -25.06 -27.67 -6.44
C ALA B 732 -25.65 -26.46 -7.16
N GLY B 733 -26.11 -25.49 -6.38
CA GLY B 733 -26.71 -24.28 -6.92
C GLY B 733 -28.17 -24.15 -6.53
N THR B 734 -28.62 -25.03 -5.63
CA THR B 734 -30.02 -25.04 -5.24
C THR B 734 -30.40 -23.85 -4.37
N THR B 735 -31.36 -23.06 -4.83
CA THR B 735 -31.74 -21.85 -4.10
C THR B 735 -33.19 -21.88 -3.63
N VAL B 736 -33.41 -21.55 -2.36
CA VAL B 736 -34.76 -21.53 -1.80
C VAL B 736 -34.99 -20.24 -1.02
N ASP B 737 -35.90 -19.41 -1.50
CA ASP B 737 -36.25 -18.18 -0.79
C ASP B 737 -37.76 -18.05 -0.57
N THR B 738 -38.43 -19.18 -0.38
CA THR B 738 -39.87 -19.23 -0.19
C THR B 738 -40.24 -20.24 0.89
N LYS B 739 -41.48 -20.17 1.35
CA LYS B 739 -42.05 -21.15 2.25
C LYS B 739 -41.35 -21.26 3.60
N ILE B 740 -40.07 -21.63 3.58
CA ILE B 740 -39.32 -21.84 4.82
C ILE B 740 -38.48 -20.64 5.25
N THR B 741 -38.51 -19.57 4.46
CA THR B 741 -37.71 -18.38 4.73
C THR B 741 -38.48 -17.35 5.54
N HIS B 742 -37.77 -16.28 5.92
CA HIS B 742 -38.33 -15.24 6.78
C HIS B 742 -39.54 -14.56 6.13
N PRO B 743 -40.58 -14.28 6.93
CA PRO B 743 -41.82 -13.67 6.44
C PRO B 743 -41.65 -12.30 5.79
N THR B 744 -40.86 -11.43 6.39
CA THR B 744 -40.75 -10.05 5.90
C THR B 744 -39.37 -9.70 5.38
N GLU B 745 -38.33 -10.23 6.02
CA GLU B 745 -36.96 -9.82 5.72
C GLU B 745 -36.35 -10.54 4.52
N PHE B 746 -35.19 -10.06 4.10
CA PHE B 746 -34.51 -10.54 2.90
C PHE B 746 -33.51 -11.65 3.22
N ASP B 747 -33.93 -12.90 3.09
CA ASP B 747 -33.02 -14.01 3.32
C ASP B 747 -33.28 -15.15 2.33
N PHE B 748 -32.27 -15.97 2.09
CA PHE B 748 -32.43 -17.12 1.20
C PHE B 748 -31.41 -18.22 1.47
N TYR B 749 -31.80 -19.46 1.21
CA TYR B 749 -30.89 -20.60 1.28
C TYR B 749 -30.23 -20.88 -0.06
N LEU B 750 -28.94 -21.17 -0.03
CA LEU B 750 -28.21 -21.53 -1.24
C LEU B 750 -27.25 -22.68 -0.96
N CYS B 751 -27.53 -23.83 -1.57
CA CYS B 751 -26.61 -24.95 -1.56
C CYS B 751 -25.78 -24.85 -2.83
N SER B 752 -24.56 -24.36 -2.68
CA SER B 752 -23.71 -24.07 -3.83
C SER B 752 -22.67 -25.15 -4.06
N HIS B 753 -22.69 -26.18 -3.22
CA HIS B 753 -21.70 -27.24 -3.32
C HIS B 753 -22.36 -28.62 -3.46
N ALA B 754 -21.63 -29.55 -4.07
CA ALA B 754 -22.11 -30.92 -4.20
C ALA B 754 -21.74 -31.71 -2.96
N GLY B 755 -22.71 -32.44 -2.41
CA GLY B 755 -22.49 -33.22 -1.21
C GLY B 755 -21.62 -34.44 -1.50
N ILE B 756 -20.42 -34.44 -0.94
CA ILE B 756 -19.51 -35.56 -1.10
C ILE B 756 -19.90 -36.71 -0.17
N GLN B 757 -20.25 -36.36 1.06
CA GLN B 757 -20.63 -37.35 2.05
C GLN B 757 -21.82 -36.84 2.87
N GLY B 758 -22.64 -37.77 3.36
CA GLY B 758 -23.74 -37.42 4.24
C GLY B 758 -24.80 -36.55 3.59
N THR B 759 -25.25 -35.54 4.33
CA THR B 759 -26.26 -34.60 3.84
C THR B 759 -25.74 -33.18 3.81
N SER B 760 -25.82 -32.54 2.65
CA SER B 760 -25.32 -31.19 2.44
C SER B 760 -25.97 -30.19 3.39
N ARG B 761 -25.18 -29.22 3.83
CA ARG B 761 -25.71 -28.10 4.61
C ARG B 761 -25.81 -26.84 3.75
N PRO B 762 -27.02 -26.54 3.26
CA PRO B 762 -27.23 -25.36 2.42
C PRO B 762 -26.92 -24.06 3.16
N SER B 763 -26.00 -23.26 2.62
CA SER B 763 -25.57 -22.05 3.31
C SER B 763 -26.72 -21.03 3.35
N HIS B 764 -26.98 -20.47 4.52
CA HIS B 764 -28.06 -19.50 4.65
C HIS B 764 -27.49 -18.08 4.53
N TYR B 765 -28.14 -17.26 3.71
CA TYR B 765 -27.71 -15.88 3.54
C TYR B 765 -28.80 -14.92 3.98
N HIS B 766 -28.47 -14.06 4.95
CA HIS B 766 -29.43 -13.11 5.48
C HIS B 766 -28.95 -11.68 5.24
N VAL B 767 -29.62 -11.00 4.33
CA VAL B 767 -29.27 -9.62 3.99
C VAL B 767 -29.75 -8.66 5.08
N LEU B 768 -28.80 -8.19 5.88
CA LEU B 768 -29.13 -7.28 6.97
C LEU B 768 -29.19 -5.83 6.50
N TRP B 769 -28.59 -5.55 5.34
CA TRP B 769 -28.64 -4.21 4.78
C TRP B 769 -28.37 -4.18 3.28
N ASP B 770 -29.00 -3.25 2.58
CA ASP B 770 -28.80 -3.14 1.14
C ASP B 770 -29.17 -1.74 0.64
N ASP B 771 -28.17 -0.93 0.37
CA ASP B 771 -28.39 0.41 -0.17
C ASP B 771 -28.48 0.35 -1.70
N ASN B 772 -27.98 -0.74 -2.27
CA ASN B 772 -27.91 -0.88 -3.71
C ASN B 772 -29.23 -1.40 -4.28
N ARG B 773 -30.11 -1.82 -3.38
CA ARG B 773 -31.43 -2.36 -3.74
C ARG B 773 -31.30 -3.50 -4.74
N PHE B 774 -30.61 -4.56 -4.34
CA PHE B 774 -30.48 -5.74 -5.18
C PHE B 774 -31.81 -6.44 -5.38
N SER B 775 -31.94 -7.13 -6.51
CA SER B 775 -33.05 -8.04 -6.72
C SER B 775 -32.63 -9.41 -6.21
N SER B 776 -33.60 -10.28 -5.98
CA SER B 776 -33.31 -11.63 -5.51
C SER B 776 -32.40 -12.34 -6.50
N ASP B 777 -32.80 -12.35 -7.76
CA ASP B 777 -32.05 -13.02 -8.82
C ASP B 777 -30.60 -12.54 -8.89
N GLU B 778 -30.41 -11.23 -8.94
CA GLU B 778 -29.07 -10.67 -9.11
C GLU B 778 -28.15 -11.00 -7.95
N LEU B 779 -28.64 -10.86 -6.73
CA LEU B 779 -27.82 -11.10 -5.55
C LEU B 779 -27.53 -12.59 -5.34
N GLN B 780 -28.54 -13.43 -5.56
CA GLN B 780 -28.37 -14.88 -5.44
C GLN B 780 -27.39 -15.41 -6.48
N ILE B 781 -27.57 -14.99 -7.72
CA ILE B 781 -26.67 -15.39 -8.80
C ILE B 781 -25.27 -14.87 -8.52
N LEU B 782 -25.18 -13.65 -8.00
CA LEU B 782 -23.88 -13.08 -7.64
C LEU B 782 -23.19 -13.92 -6.59
N THR B 783 -23.92 -14.33 -5.57
CA THR B 783 -23.37 -15.18 -4.51
C THR B 783 -22.89 -16.52 -5.04
N TYR B 784 -23.78 -17.23 -5.75
CA TYR B 784 -23.46 -18.54 -6.31
C TYR B 784 -22.28 -18.44 -7.28
N GLN B 785 -22.11 -17.27 -7.89
CA GLN B 785 -21.05 -17.04 -8.85
C GLN B 785 -19.73 -16.76 -8.14
N LEU B 786 -19.82 -16.08 -7.00
CA LEU B 786 -18.66 -15.85 -6.15
C LEU B 786 -18.22 -17.12 -5.43
N CYS B 787 -19.10 -18.12 -5.40
CA CYS B 787 -18.75 -19.42 -4.85
C CYS B 787 -17.86 -20.25 -5.78
N HIS B 788 -17.62 -19.73 -6.98
CA HIS B 788 -16.80 -20.42 -7.98
C HIS B 788 -15.41 -19.80 -8.14
N THR B 789 -15.15 -18.72 -7.43
CA THR B 789 -13.87 -18.03 -7.53
C THR B 789 -12.86 -18.49 -6.47
N TYR B 790 -13.17 -19.58 -5.79
CA TYR B 790 -12.24 -20.16 -4.82
C TYR B 790 -11.06 -20.77 -5.56
N VAL B 791 -9.86 -20.33 -5.21
CA VAL B 791 -8.67 -20.63 -5.99
C VAL B 791 -7.89 -21.85 -5.50
N ARG B 792 -8.39 -22.52 -4.47
CA ARG B 792 -7.68 -23.64 -3.90
C ARG B 792 -8.16 -24.96 -4.47
N CYS B 793 -9.26 -24.91 -5.23
CA CYS B 793 -9.79 -26.11 -5.88
C CYS B 793 -10.67 -25.77 -7.07
N THR B 794 -10.81 -26.73 -7.97
CA THR B 794 -11.64 -26.56 -9.16
C THR B 794 -13.08 -27.00 -8.87
N ARG B 795 -13.60 -26.55 -7.73
CA ARG B 795 -14.95 -26.91 -7.31
C ARG B 795 -15.72 -25.69 -6.82
N SER B 796 -17.02 -25.85 -6.67
CA SER B 796 -17.84 -24.81 -6.07
C SER B 796 -17.91 -25.09 -4.56
N VAL B 797 -17.64 -24.06 -3.76
CA VAL B 797 -17.60 -24.22 -2.32
C VAL B 797 -18.92 -23.82 -1.66
N SER B 798 -19.10 -24.22 -0.41
CA SER B 798 -20.36 -24.04 0.30
C SER B 798 -20.64 -22.58 0.62
N ILE B 799 -19.60 -21.81 0.87
CA ILE B 799 -19.72 -20.38 1.16
C ILE B 799 -18.92 -19.56 0.15
N PRO B 800 -19.31 -18.29 -0.04
CA PRO B 800 -18.60 -17.43 -0.99
C PRO B 800 -17.11 -17.31 -0.70
N ALA B 801 -16.32 -17.04 -1.73
CA ALA B 801 -14.87 -16.93 -1.61
C ALA B 801 -14.38 -15.90 -0.58
N PRO B 802 -15.02 -14.71 -0.50
CA PRO B 802 -14.53 -13.75 0.50
C PRO B 802 -14.59 -14.27 1.94
N ALA B 803 -15.72 -14.87 2.32
CA ALA B 803 -15.86 -15.39 3.68
C ALA B 803 -14.84 -16.49 3.95
N TYR B 804 -14.68 -17.40 3.00
CA TYR B 804 -13.70 -18.48 3.13
C TYR B 804 -12.29 -17.93 3.32
N TYR B 805 -11.92 -16.96 2.49
CA TYR B 805 -10.62 -16.31 2.61
C TYR B 805 -10.44 -15.66 3.97
N ALA B 806 -11.50 -15.01 4.46
CA ALA B 806 -11.44 -14.37 5.77
C ALA B 806 -11.19 -15.40 6.85
N HIS B 807 -11.88 -16.52 6.76
CA HIS B 807 -11.71 -17.63 7.70
C HIS B 807 -10.27 -18.14 7.66
N LEU B 808 -9.71 -18.24 6.45
CA LEU B 808 -8.34 -18.71 6.29
C LEU B 808 -7.34 -17.72 6.88
N VAL B 809 -7.62 -16.43 6.76
CA VAL B 809 -6.75 -15.40 7.30
C VAL B 809 -6.76 -15.42 8.82
N ALA B 810 -7.95 -15.55 9.39
CA ALA B 810 -8.08 -15.65 10.84
C ALA B 810 -7.34 -16.89 11.33
N PHE B 811 -7.59 -18.03 10.68
CA PHE B 811 -6.98 -19.29 11.07
C PHE B 811 -5.47 -19.28 10.86
N ARG B 812 -5.00 -18.39 9.97
CA ARG B 812 -3.57 -18.17 9.77
C ARG B 812 -2.95 -17.35 10.90
N ALA B 813 -3.67 -16.33 11.36
CA ALA B 813 -3.18 -15.49 12.44
C ALA B 813 -3.12 -16.27 13.75
N ARG B 814 -3.82 -17.40 13.79
CA ARG B 814 -3.76 -18.34 14.90
C ARG B 814 -2.39 -18.98 15.08
N TYR B 815 -1.71 -19.23 13.97
CA TYR B 815 -0.43 -19.93 14.01
C TYR B 815 0.72 -18.97 14.33
N HIS B 816 0.48 -17.68 14.16
CA HIS B 816 1.53 -16.69 14.34
C HIS B 816 1.81 -16.46 15.82
N ASP B 838 0.82 -6.26 26.91
CA ASP B 838 1.04 -7.52 26.21
C ASP B 838 0.17 -7.62 24.97
N HIS B 839 -0.81 -6.73 24.87
CA HIS B 839 -1.72 -6.75 23.72
C HIS B 839 -1.01 -6.31 22.45
N GLN B 840 -0.20 -5.26 22.54
CA GLN B 840 0.54 -4.76 21.39
C GLN B 840 1.60 -5.76 20.93
N ALA B 841 1.92 -6.70 21.81
CA ALA B 841 2.86 -7.77 21.46
C ALA B 841 2.17 -8.75 20.52
N LEU B 842 0.95 -9.15 20.86
CA LEU B 842 0.20 -10.06 20.02
C LEU B 842 -0.31 -9.34 18.78
N ALA B 843 -0.40 -8.01 18.86
CA ALA B 843 -0.91 -7.20 17.77
C ALA B 843 0.02 -7.18 16.57
N LYS B 844 1.32 -7.28 16.83
CA LYS B 844 2.31 -7.25 15.74
C LYS B 844 2.67 -8.66 15.33
N ALA B 845 2.18 -9.65 16.07
CA ALA B 845 2.42 -11.04 15.71
C ALA B 845 1.57 -11.42 14.51
N VAL B 846 0.40 -10.81 14.40
CA VAL B 846 -0.50 -11.08 13.30
C VAL B 846 -0.25 -10.13 12.14
N GLN B 847 0.51 -9.06 12.40
CA GLN B 847 0.84 -8.09 11.37
C GLN B 847 1.81 -8.66 10.34
N VAL B 848 1.29 -8.94 9.14
CA VAL B 848 2.11 -9.54 8.08
C VAL B 848 3.16 -8.57 7.54
N HIS B 849 4.06 -9.11 6.71
CA HIS B 849 5.19 -8.36 6.18
C HIS B 849 4.78 -7.36 5.10
N GLN B 850 5.71 -6.46 4.78
CA GLN B 850 5.49 -5.44 3.76
C GLN B 850 5.17 -6.06 2.40
N ASP B 851 5.94 -7.07 2.01
CA ASP B 851 5.75 -7.72 0.72
C ASP B 851 4.62 -8.75 0.78
N THR B 852 4.39 -9.27 1.99
CA THR B 852 3.35 -10.26 2.23
C THR B 852 1.94 -9.66 2.11
N LEU B 853 1.82 -8.37 2.46
CA LEU B 853 0.55 -7.66 2.43
C LEU B 853 -0.20 -7.75 1.11
N ARG B 854 0.50 -7.51 0.01
CA ARG B 854 -0.13 -7.50 -1.31
C ARG B 854 -0.23 -8.89 -1.96
N THR B 855 -0.26 -9.94 -1.14
CA THR B 855 -0.33 -11.30 -1.66
C THR B 855 -1.41 -12.12 -0.95
N MET B 856 -1.66 -13.32 -1.45
CA MET B 856 -2.62 -14.22 -0.84
C MET B 856 -1.89 -15.38 -0.15
N TYR B 857 -1.14 -15.02 0.90
CA TYR B 857 -0.38 -15.98 1.69
C TYR B 857 -1.28 -17.00 2.39
N PHE B 858 -2.49 -16.56 2.73
CA PHE B 858 -3.45 -17.37 3.46
C PHE B 858 -3.97 -18.55 2.65
N ALA B 859 -3.84 -18.47 1.33
CA ALA B 859 -4.27 -19.55 0.45
C ALA B 859 -3.44 -20.81 0.70
#